data_7ZQE
# 
_entry.id   7ZQE 
# 
_audit_conform.dict_name       mmcif_pdbx.dic 
_audit_conform.dict_version    5.395 
_audit_conform.dict_location   http://mmcif.pdb.org/dictionaries/ascii/mmcif_pdbx.dic 
# 
loop_
_database_2.database_id 
_database_2.database_code 
_database_2.pdbx_database_accession 
_database_2.pdbx_DOI 
PDB   7ZQE         pdb_00007zqe 10.2210/pdb7zqe/pdb 
WWPDB D_1292121108 ?            ?                   
EMDB  EMD-14872    ?            ?                   
# 
loop_
_pdbx_audit_revision_history.ordinal 
_pdbx_audit_revision_history.data_content_type 
_pdbx_audit_revision_history.major_revision 
_pdbx_audit_revision_history.minor_revision 
_pdbx_audit_revision_history.revision_date 
1 'Structure model' 1 0 2022-11-23 
2 'Structure model' 1 1 2024-07-24 
# 
_pdbx_audit_revision_details.ordinal             1 
_pdbx_audit_revision_details.revision_ordinal    1 
_pdbx_audit_revision_details.data_content_type   'Structure model' 
_pdbx_audit_revision_details.provider            repository 
_pdbx_audit_revision_details.type                'Initial release' 
_pdbx_audit_revision_details.description         ? 
_pdbx_audit_revision_details.details             ? 
# 
_pdbx_audit_revision_group.ordinal             1 
_pdbx_audit_revision_group.revision_ordinal    2 
_pdbx_audit_revision_group.data_content_type   'Structure model' 
_pdbx_audit_revision_group.group               'Data collection' 
# 
loop_
_pdbx_audit_revision_category.ordinal 
_pdbx_audit_revision_category.revision_ordinal 
_pdbx_audit_revision_category.data_content_type 
_pdbx_audit_revision_category.category 
1 2 'Structure model' chem_comp_atom 
2 2 'Structure model' chem_comp_bond 
3 2 'Structure model' em_admin       
# 
_pdbx_audit_revision_item.ordinal             1 
_pdbx_audit_revision_item.revision_ordinal    2 
_pdbx_audit_revision_item.data_content_type   'Structure model' 
_pdbx_audit_revision_item.item                '_em_admin.last_update' 
# 
_pdbx_database_status.status_code                     REL 
_pdbx_database_status.status_code_sf                  ? 
_pdbx_database_status.status_code_mr                  ? 
_pdbx_database_status.entry_id                        7ZQE 
_pdbx_database_status.recvd_initial_deposition_date   2022-04-29 
_pdbx_database_status.SG_entry                        N 
_pdbx_database_status.deposit_site                    PDBE 
_pdbx_database_status.process_site                    PDBE 
_pdbx_database_status.status_code_cs                  ? 
_pdbx_database_status.status_code_nmr_data            ? 
_pdbx_database_status.methods_development_category    ? 
_pdbx_database_status.pdb_format_compatible           Y 
# 
_pdbx_database_related.db_name        EMDB 
_pdbx_database_related.details        'Dimeric PSI of Chlamydomonas reinhardtii at 2.74 A resolution' 
_pdbx_database_related.db_id          EMD-14872 
_pdbx_database_related.content_type   'associated EM volume' 
# 
_pdbx_contact_author.id                 2 
_pdbx_contact_author.email              amunts@scilifelab.se 
_pdbx_contact_author.name_first         Alexey 
_pdbx_contact_author.name_last          Amunts 
_pdbx_contact_author.name_mi            ? 
_pdbx_contact_author.role               'principal investigator/group leader' 
_pdbx_contact_author.identifier_ORCID   0000-0002-5302-1740 
# 
loop_
_audit_author.name 
_audit_author.pdbx_ordinal 
_audit_author.identifier_ORCID 
'Naschberger, A.' 1 0000-0002-7275-5459 
'Amunts, A.'      2 0000-0002-5302-1740 
# 
_citation.abstract                  ? 
_citation.abstract_id_CAS           ? 
_citation.book_id_ISBN              ? 
_citation.book_publisher            ? 
_citation.book_publisher_city       ? 
_citation.book_title                ? 
_citation.coordinate_linkage        ? 
_citation.country                   UK 
_citation.database_id_Medline       ? 
_citation.details                   ? 
_citation.id                        primary 
_citation.journal_abbrev            Nat.Plants 
_citation.journal_id_ASTM           ? 
_citation.journal_id_CSD            ? 
_citation.journal_id_ISSN           2055-0278 
_citation.journal_full              ? 
_citation.journal_issue             ? 
_citation.journal_volume            8 
_citation.language                  ? 
_citation.page_first                1191 
_citation.page_last                 1201 
_citation.title                     'Algal photosystem I dimer and high-resolution model of PSI-plastocyanin complex.' 
_citation.year                      2022 
_citation.database_id_CSD           ? 
_citation.pdbx_database_id_DOI      10.1038/s41477-022-01253-4 
_citation.pdbx_database_id_PubMed   36229605 
_citation.pdbx_database_id_patent   ? 
_citation.unpublished_flag          ? 
# 
loop_
_citation_author.citation_id 
_citation_author.name 
_citation_author.ordinal 
_citation_author.identifier_ORCID 
primary 'Naschberger, A.'    1  ?                   
primary 'Mosebach, L.'       2  ?                   
primary 'Tobiasson, V.'      3  ?                   
primary 'Kuhlgert, S.'       4  ?                   
primary 'Scholz, M.'         5  ?                   
primary 'Perez-Boerema, A.'  6  ?                   
primary 'Ho, T.T.H.'         7  ?                   
primary 'Vidal-Meireles, A.' 8  ?                   
primary 'Takahashi, Y.'      9  ?                   
primary 'Hippler, M.'        10 ?                   
primary 'Amunts, A.'         11 0000-0002-5302-1740 
# 
loop_
_entity.id 
_entity.type 
_entity.src_method 
_entity.pdbx_description 
_entity.formula_weight 
_entity.pdbx_number_of_molecules 
_entity.pdbx_ec 
_entity.pdbx_mutation 
_entity.pdbx_fragment 
_entity.details 
1 polymer     nat 'Plastocyanin, chloroplastic' 14889.784 1 ? ? ? ? 
2 non-polymer syn 'COPPER (II) ION'             63.546    1 ? ? ? ? 
# 
_entity_name_com.entity_id   1 
_entity_name_com.name        PC6-2 
# 
_entity_poly.entity_id                      1 
_entity_poly.type                           'polypeptide(L)' 
_entity_poly.nstd_linkage                   no 
_entity_poly.nstd_monomer                   no 
_entity_poly.pdbx_seq_one_letter_code       
;MKATLRAPASRASAVRPVASLKAAAQRVASVAGVSVASLALTLAAHADATVKLGADSGALEFVPKTLTIKSGETVNFVNN
AGFPHNIVFDEDAIPSGVNADAISRDDYLNAPGETYSVKLTAAGEYGYYCEPHQGAGMVGKIIVQ
;
_entity_poly.pdbx_seq_one_letter_code_can   
;MKATLRAPASRASAVRPVASLKAAAQRVASVAGVSVASLALTLAAHADATVKLGADSGALEFVPKTLTIKSGETVNFVNN
AGFPHNIVFDEDAIPSGVNADAISRDDYLNAPGETYSVKLTAAGEYGYYCEPHQGAGMVGKIIVQ
;
_entity_poly.pdbx_strand_id                 M 
_entity_poly.pdbx_target_identifier         ? 
# 
_pdbx_entity_nonpoly.entity_id   2 
_pdbx_entity_nonpoly.name        'COPPER (II) ION' 
_pdbx_entity_nonpoly.comp_id     CU 
# 
loop_
_entity_poly_seq.entity_id 
_entity_poly_seq.num 
_entity_poly_seq.mon_id 
_entity_poly_seq.hetero 
1 1   MET n 
1 2   LYS n 
1 3   ALA n 
1 4   THR n 
1 5   LEU n 
1 6   ARG n 
1 7   ALA n 
1 8   PRO n 
1 9   ALA n 
1 10  SER n 
1 11  ARG n 
1 12  ALA n 
1 13  SER n 
1 14  ALA n 
1 15  VAL n 
1 16  ARG n 
1 17  PRO n 
1 18  VAL n 
1 19  ALA n 
1 20  SER n 
1 21  LEU n 
1 22  LYS n 
1 23  ALA n 
1 24  ALA n 
1 25  ALA n 
1 26  GLN n 
1 27  ARG n 
1 28  VAL n 
1 29  ALA n 
1 30  SER n 
1 31  VAL n 
1 32  ALA n 
1 33  GLY n 
1 34  VAL n 
1 35  SER n 
1 36  VAL n 
1 37  ALA n 
1 38  SER n 
1 39  LEU n 
1 40  ALA n 
1 41  LEU n 
1 42  THR n 
1 43  LEU n 
1 44  ALA n 
1 45  ALA n 
1 46  HIS n 
1 47  ALA n 
1 48  ASP n 
1 49  ALA n 
1 50  THR n 
1 51  VAL n 
1 52  LYS n 
1 53  LEU n 
1 54  GLY n 
1 55  ALA n 
1 56  ASP n 
1 57  SER n 
1 58  GLY n 
1 59  ALA n 
1 60  LEU n 
1 61  GLU n 
1 62  PHE n 
1 63  VAL n 
1 64  PRO n 
1 65  LYS n 
1 66  THR n 
1 67  LEU n 
1 68  THR n 
1 69  ILE n 
1 70  LYS n 
1 71  SER n 
1 72  GLY n 
1 73  GLU n 
1 74  THR n 
1 75  VAL n 
1 76  ASN n 
1 77  PHE n 
1 78  VAL n 
1 79  ASN n 
1 80  ASN n 
1 81  ALA n 
1 82  GLY n 
1 83  PHE n 
1 84  PRO n 
1 85  HIS n 
1 86  ASN n 
1 87  ILE n 
1 88  VAL n 
1 89  PHE n 
1 90  ASP n 
1 91  GLU n 
1 92  ASP n 
1 93  ALA n 
1 94  ILE n 
1 95  PRO n 
1 96  SER n 
1 97  GLY n 
1 98  VAL n 
1 99  ASN n 
1 100 ALA n 
1 101 ASP n 
1 102 ALA n 
1 103 ILE n 
1 104 SER n 
1 105 ARG n 
1 106 ASP n 
1 107 ASP n 
1 108 TYR n 
1 109 LEU n 
1 110 ASN n 
1 111 ALA n 
1 112 PRO n 
1 113 GLY n 
1 114 GLU n 
1 115 THR n 
1 116 TYR n 
1 117 SER n 
1 118 VAL n 
1 119 LYS n 
1 120 LEU n 
1 121 THR n 
1 122 ALA n 
1 123 ALA n 
1 124 GLY n 
1 125 GLU n 
1 126 TYR n 
1 127 GLY n 
1 128 TYR n 
1 129 TYR n 
1 130 CYS n 
1 131 GLU n 
1 132 PRO n 
1 133 HIS n 
1 134 GLN n 
1 135 GLY n 
1 136 ALA n 
1 137 GLY n 
1 138 MET n 
1 139 VAL n 
1 140 GLY n 
1 141 LYS n 
1 142 ILE n 
1 143 ILE n 
1 144 VAL n 
1 145 GLN n 
# 
_entity_src_nat.entity_id                  1 
_entity_src_nat.pdbx_src_id                1 
_entity_src_nat.pdbx_alt_source_flag       sample 
_entity_src_nat.pdbx_beg_seq_num           1 
_entity_src_nat.pdbx_end_seq_num           145 
_entity_src_nat.common_name                ? 
_entity_src_nat.pdbx_organism_scientific   'Chlamydomonas reinhardtii' 
_entity_src_nat.pdbx_ncbi_taxonomy_id      3055 
_entity_src_nat.genus                      ? 
_entity_src_nat.species                    ? 
_entity_src_nat.strain                     ? 
_entity_src_nat.tissue                     ? 
_entity_src_nat.tissue_fraction            ? 
_entity_src_nat.pdbx_secretion             ? 
_entity_src_nat.pdbx_fragment              ? 
_entity_src_nat.pdbx_variant               ? 
_entity_src_nat.pdbx_cell_line             ? 
_entity_src_nat.pdbx_atcc                  ? 
_entity_src_nat.pdbx_cellular_location     ? 
_entity_src_nat.pdbx_organ                 ? 
_entity_src_nat.pdbx_organelle             ? 
_entity_src_nat.pdbx_cell                  ? 
_entity_src_nat.pdbx_plasmid_name          ? 
_entity_src_nat.pdbx_plasmid_details       ? 
_entity_src_nat.details                    ? 
# 
loop_
_chem_comp.id 
_chem_comp.type 
_chem_comp.mon_nstd_flag 
_chem_comp.name 
_chem_comp.pdbx_synonyms 
_chem_comp.formula 
_chem_comp.formula_weight 
ALA 'L-peptide linking' y ALANINE           ? 'C3 H7 N O2'     89.093  
ARG 'L-peptide linking' y ARGININE          ? 'C6 H15 N4 O2 1' 175.209 
ASN 'L-peptide linking' y ASPARAGINE        ? 'C4 H8 N2 O3'    132.118 
ASP 'L-peptide linking' y 'ASPARTIC ACID'   ? 'C4 H7 N O4'     133.103 
CU  non-polymer         . 'COPPER (II) ION' ? 'Cu 2'           63.546  
CYS 'L-peptide linking' y CYSTEINE          ? 'C3 H7 N O2 S'   121.158 
GLN 'L-peptide linking' y GLUTAMINE         ? 'C5 H10 N2 O3'   146.144 
GLU 'L-peptide linking' y 'GLUTAMIC ACID'   ? 'C5 H9 N O4'     147.129 
GLY 'peptide linking'   y GLYCINE           ? 'C2 H5 N O2'     75.067  
HIS 'L-peptide linking' y HISTIDINE         ? 'C6 H10 N3 O2 1' 156.162 
ILE 'L-peptide linking' y ISOLEUCINE        ? 'C6 H13 N O2'    131.173 
LEU 'L-peptide linking' y LEUCINE           ? 'C6 H13 N O2'    131.173 
LYS 'L-peptide linking' y LYSINE            ? 'C6 H15 N2 O2 1' 147.195 
MET 'L-peptide linking' y METHIONINE        ? 'C5 H11 N O2 S'  149.211 
PHE 'L-peptide linking' y PHENYLALANINE     ? 'C9 H11 N O2'    165.189 
PRO 'L-peptide linking' y PROLINE           ? 'C5 H9 N O2'     115.130 
SER 'L-peptide linking' y SERINE            ? 'C3 H7 N O3'     105.093 
THR 'L-peptide linking' y THREONINE         ? 'C4 H9 N O3'     119.119 
TYR 'L-peptide linking' y TYROSINE          ? 'C9 H11 N O3'    181.189 
VAL 'L-peptide linking' y VALINE            ? 'C5 H11 N O2'    117.146 
# 
loop_
_pdbx_poly_seq_scheme.asym_id 
_pdbx_poly_seq_scheme.entity_id 
_pdbx_poly_seq_scheme.seq_id 
_pdbx_poly_seq_scheme.mon_id 
_pdbx_poly_seq_scheme.ndb_seq_num 
_pdbx_poly_seq_scheme.pdb_seq_num 
_pdbx_poly_seq_scheme.auth_seq_num 
_pdbx_poly_seq_scheme.pdb_mon_id 
_pdbx_poly_seq_scheme.auth_mon_id 
_pdbx_poly_seq_scheme.pdb_strand_id 
_pdbx_poly_seq_scheme.pdb_ins_code 
_pdbx_poly_seq_scheme.hetero 
A 1 1   MET 1   -46 ?  ?   ?   M . n 
A 1 2   LYS 2   -45 ?  ?   ?   M . n 
A 1 3   ALA 3   -44 ?  ?   ?   M . n 
A 1 4   THR 4   -43 ?  ?   ?   M . n 
A 1 5   LEU 5   -42 ?  ?   ?   M . n 
A 1 6   ARG 6   -41 ?  ?   ?   M . n 
A 1 7   ALA 7   -40 ?  ?   ?   M . n 
A 1 8   PRO 8   -39 ?  ?   ?   M . n 
A 1 9   ALA 9   -38 ?  ?   ?   M . n 
A 1 10  SER 10  -37 ?  ?   ?   M . n 
A 1 11  ARG 11  -36 ?  ?   ?   M . n 
A 1 12  ALA 12  -35 ?  ?   ?   M . n 
A 1 13  SER 13  -34 ?  ?   ?   M . n 
A 1 14  ALA 14  -33 ?  ?   ?   M . n 
A 1 15  VAL 15  -32 ?  ?   ?   M . n 
A 1 16  ARG 16  -31 ?  ?   ?   M . n 
A 1 17  PRO 17  -30 ?  ?   ?   M . n 
A 1 18  VAL 18  -29 ?  ?   ?   M . n 
A 1 19  ALA 19  -28 ?  ?   ?   M . n 
A 1 20  SER 20  -27 ?  ?   ?   M . n 
A 1 21  LEU 21  -26 ?  ?   ?   M . n 
A 1 22  LYS 22  -25 ?  ?   ?   M . n 
A 1 23  ALA 23  -24 ?  ?   ?   M . n 
A 1 24  ALA 24  -23 ?  ?   ?   M . n 
A 1 25  ALA 25  -22 ?  ?   ?   M . n 
A 1 26  GLN 26  -21 ?  ?   ?   M . n 
A 1 27  ARG 27  -20 ?  ?   ?   M . n 
A 1 28  VAL 28  -19 ?  ?   ?   M . n 
A 1 29  ALA 29  -18 ?  ?   ?   M . n 
A 1 30  SER 30  -17 ?  ?   ?   M . n 
A 1 31  VAL 31  -16 ?  ?   ?   M . n 
A 1 32  ALA 32  -15 ?  ?   ?   M . n 
A 1 33  GLY 33  -14 ?  ?   ?   M . n 
A 1 34  VAL 34  -13 ?  ?   ?   M . n 
A 1 35  SER 35  -12 ?  ?   ?   M . n 
A 1 36  VAL 36  -11 ?  ?   ?   M . n 
A 1 37  ALA 37  -10 ?  ?   ?   M . n 
A 1 38  SER 38  -9  ?  ?   ?   M . n 
A 1 39  LEU 39  -8  ?  ?   ?   M . n 
A 1 40  ALA 40  -7  ?  ?   ?   M . n 
A 1 41  LEU 41  -6  ?  ?   ?   M . n 
A 1 42  THR 42  -5  ?  ?   ?   M . n 
A 1 43  LEU 43  -4  ?  ?   ?   M . n 
A 1 44  ALA 44  -3  ?  ?   ?   M . n 
A 1 45  ALA 45  -2  ?  ?   ?   M . n 
A 1 46  HIS 46  -1  ?  ?   ?   M . n 
A 1 47  ALA 47  0   ?  ?   ?   M . n 
A 1 48  ASP 48  1   1  ASP ASP M . n 
A 1 49  ALA 49  2   2  ALA ALA M . n 
A 1 50  THR 50  3   3  THR THR M . n 
A 1 51  VAL 51  4   4  VAL VAL M . n 
A 1 52  LYS 52  5   5  LYS LYS M . n 
A 1 53  LEU 53  6   6  LEU LEU M . n 
A 1 54  GLY 54  7   7  GLY GLY M . n 
A 1 55  ALA 55  8   8  ALA ALA M . n 
A 1 56  ASP 56  9   9  ASP ASP M . n 
A 1 57  SER 57  10  10 SER SER M . n 
A 1 58  GLY 58  11  11 GLY GLY M . n 
A 1 59  ALA 59  12  12 ALA ALA M . n 
A 1 60  LEU 60  13  13 LEU LEU M . n 
A 1 61  GLU 61  14  14 GLU GLU M . n 
A 1 62  PHE 62  15  15 PHE PHE M . n 
A 1 63  VAL 63  16  16 VAL VAL M . n 
A 1 64  PRO 64  17  17 PRO PRO M . n 
A 1 65  LYS 65  18  18 LYS LYS M . n 
A 1 66  THR 66  19  19 THR THR M . n 
A 1 67  LEU 67  20  20 LEU LEU M . n 
A 1 68  THR 68  21  21 THR THR M . n 
A 1 69  ILE 69  22  22 ILE ILE M . n 
A 1 70  LYS 70  23  23 LYS LYS M . n 
A 1 71  SER 71  24  24 SER SER M . n 
A 1 72  GLY 72  25  25 GLY GLY M . n 
A 1 73  GLU 73  26  26 GLU GLU M . n 
A 1 74  THR 74  27  27 THR THR M . n 
A 1 75  VAL 75  28  28 VAL VAL M . n 
A 1 76  ASN 76  29  29 ASN ASN M . n 
A 1 77  PHE 77  30  30 PHE PHE M . n 
A 1 78  VAL 78  31  31 VAL VAL M . n 
A 1 79  ASN 79  32  32 ASN ASN M . n 
A 1 80  ASN 80  33  33 ASN ASN M . n 
A 1 81  ALA 81  34  34 ALA ALA M . n 
A 1 82  GLY 82  35  35 GLY GLY M . n 
A 1 83  PHE 83  36  36 PHE PHE M . n 
A 1 84  PRO 84  37  37 PRO PRO M . n 
A 1 85  HIS 85  38  38 HIS HIS M . n 
A 1 86  ASN 86  39  39 ASN ASN M . n 
A 1 87  ILE 87  40  40 ILE ILE M . n 
A 1 88  VAL 88  41  41 VAL VAL M . n 
A 1 89  PHE 89  42  42 PHE PHE M . n 
A 1 90  ASP 90  43  43 ASP ASP M . n 
A 1 91  GLU 91  44  44 GLU GLU M . n 
A 1 92  ASP 92  45  45 ASP ASP M . n 
A 1 93  ALA 93  46  46 ALA ALA M . n 
A 1 94  ILE 94  47  47 ILE ILE M . n 
A 1 95  PRO 95  48  48 PRO PRO M . n 
A 1 96  SER 96  49  49 SER SER M . n 
A 1 97  GLY 97  50  50 GLY GLY M . n 
A 1 98  VAL 98  51  51 VAL VAL M . n 
A 1 99  ASN 99  52  52 ASN ASN M . n 
A 1 100 ALA 100 53  53 ALA ALA M . n 
A 1 101 ASP 101 54  54 ASP ASP M . n 
A 1 102 ALA 102 55  55 ALA ALA M . n 
A 1 103 ILE 103 56  56 ILE ILE M . n 
A 1 104 SER 104 57  57 SER SER M . n 
A 1 105 ARG 105 58  58 ARG ARG M . n 
A 1 106 ASP 106 59  59 ASP ASP M . n 
A 1 107 ASP 107 60  60 ASP ASP M . n 
A 1 108 TYR 108 61  61 TYR TYR M . n 
A 1 109 LEU 109 62  62 LEU LEU M . n 
A 1 110 ASN 110 63  63 ASN ASN M . n 
A 1 111 ALA 111 64  64 ALA ALA M . n 
A 1 112 PRO 112 65  65 PRO PRO M . n 
A 1 113 GLY 113 66  66 GLY GLY M . n 
A 1 114 GLU 114 67  67 GLU GLU M . n 
A 1 115 THR 115 68  68 THR THR M . n 
A 1 116 TYR 116 69  69 TYR TYR M . n 
A 1 117 SER 117 70  70 SER SER M . n 
A 1 118 VAL 118 71  71 VAL VAL M . n 
A 1 119 LYS 119 72  72 LYS LYS M . n 
A 1 120 LEU 120 73  73 LEU LEU M . n 
A 1 121 THR 121 74  74 THR THR M . n 
A 1 122 ALA 122 75  75 ALA ALA M . n 
A 1 123 ALA 123 76  76 ALA ALA M . n 
A 1 124 GLY 124 77  77 GLY GLY M . n 
A 1 125 GLU 125 78  78 GLU GLU M . n 
A 1 126 TYR 126 79  79 TYR TYR M . n 
A 1 127 GLY 127 80  80 GLY GLY M . n 
A 1 128 TYR 128 81  81 TYR TYR M . n 
A 1 129 TYR 129 82  82 TYR TYR M . n 
A 1 130 CYS 130 83  83 CYS CYS M . n 
A 1 131 GLU 131 84  84 GLU GLU M . n 
A 1 132 PRO 132 85  85 PRO PRO M . n 
A 1 133 HIS 133 86  86 HIS HIS M . n 
A 1 134 GLN 134 87  87 GLN GLN M . n 
A 1 135 GLY 135 88  88 GLY GLY M . n 
A 1 136 ALA 136 89  89 ALA ALA M . n 
A 1 137 GLY 137 90  90 GLY GLY M . n 
A 1 138 MET 138 91  91 MET MET M . n 
A 1 139 VAL 139 92  92 VAL VAL M . n 
A 1 140 GLY 140 93  93 GLY GLY M . n 
A 1 141 LYS 141 94  94 LYS LYS M . n 
A 1 142 ILE 142 95  95 ILE ILE M . n 
A 1 143 ILE 143 96  96 ILE ILE M . n 
A 1 144 VAL 144 97  97 VAL VAL M . n 
A 1 145 GLN 145 98  98 GLN GLN M . n 
# 
_pdbx_nonpoly_scheme.asym_id         B 
_pdbx_nonpoly_scheme.entity_id       2 
_pdbx_nonpoly_scheme.mon_id          CU 
_pdbx_nonpoly_scheme.ndb_seq_num     1 
_pdbx_nonpoly_scheme.pdb_seq_num     101 
_pdbx_nonpoly_scheme.auth_seq_num    1 
_pdbx_nonpoly_scheme.pdb_mon_id      CU 
_pdbx_nonpoly_scheme.auth_mon_id     CU 
_pdbx_nonpoly_scheme.pdb_strand_id   M 
_pdbx_nonpoly_scheme.pdb_ins_code    . 
# 
_cell.angle_alpha                  90.00 
_cell.angle_alpha_esd              ? 
_cell.angle_beta                   90.00 
_cell.angle_beta_esd               ? 
_cell.angle_gamma                  90.00 
_cell.angle_gamma_esd              ? 
_cell.entry_id                     7ZQE 
_cell.details                      ? 
_cell.formula_units_Z              ? 
_cell.length_a                     1.00 
_cell.length_a_esd                 ? 
_cell.length_b                     1.00 
_cell.length_b_esd                 ? 
_cell.length_c                     1.00 
_cell.length_c_esd                 ? 
_cell.volume                       ? 
_cell.volume_esd                   ? 
_cell.Z_PDB                        ? 
_cell.reciprocal_angle_alpha       ? 
_cell.reciprocal_angle_beta        ? 
_cell.reciprocal_angle_gamma       ? 
_cell.reciprocal_angle_alpha_esd   ? 
_cell.reciprocal_angle_beta_esd    ? 
_cell.reciprocal_angle_gamma_esd   ? 
_cell.reciprocal_length_a          ? 
_cell.reciprocal_length_b          ? 
_cell.reciprocal_length_c          ? 
_cell.reciprocal_length_a_esd      ? 
_cell.reciprocal_length_b_esd      ? 
_cell.reciprocal_length_c_esd      ? 
_cell.pdbx_unique_axis             ? 
_cell.pdbx_esd_method              ? 
# 
_symmetry.entry_id                         7ZQE 
_symmetry.cell_setting                     ? 
_symmetry.Int_Tables_number                1 
_symmetry.space_group_name_Hall            ? 
_symmetry.space_group_name_H-M             'P 1' 
_symmetry.pdbx_full_space_group_name_H-M   ? 
# 
_exptl.absorpt_coefficient_mu     ? 
_exptl.absorpt_correction_T_max   ? 
_exptl.absorpt_correction_T_min   ? 
_exptl.absorpt_correction_type    ? 
_exptl.absorpt_process_details    ? 
_exptl.entry_id                   7ZQE 
_exptl.crystals_number            ? 
_exptl.details                    ? 
_exptl.method                     'ELECTRON MICROSCOPY' 
_exptl.method_details             ? 
# 
_struct.entry_id                     7ZQE 
_struct.title                        'Plastocyanin bound to PSI of Chlamydomonas reinhardtii' 
_struct.pdbx_model_details           ? 
_struct.pdbx_formula_weight          ? 
_struct.pdbx_formula_weight_method   ? 
_struct.pdbx_model_type_details      ? 
_struct.pdbx_CASP_flag               N 
# 
_struct_keywords.entry_id        7ZQE 
_struct_keywords.text            'Photosynthesis, green algae, dimeric PSI' 
_struct_keywords.pdbx_keywords   PHOTOSYNTHESIS 
# 
loop_
_struct_asym.id 
_struct_asym.pdbx_blank_PDB_chainid_flag 
_struct_asym.pdbx_modified 
_struct_asym.entity_id 
_struct_asym.details 
A N N 1 ? 
B N N 2 ? 
# 
_struct_ref.id                         1 
_struct_ref.db_name                    UNP 
_struct_ref.db_code                    PLAS_CHLRE 
_struct_ref.pdbx_db_accession          P18068 
_struct_ref.pdbx_db_isoform            ? 
_struct_ref.entity_id                  1 
_struct_ref.pdbx_seq_one_letter_code   
;MKATLRAPASRASAVRPVASLKAAAQRVASVAGVSVASLALTLAAHADATVKLGADSGALEFVPKTLTIKSGETVNFVNN
AGFPHNIVFDEDAIPSGVNADAISRDDYLNAPGETYSVKLTAAGEYGYYCEPHQGAGMVGKIIVQ
;
_struct_ref.pdbx_align_begin           1 
# 
_struct_ref_seq.align_id                      1 
_struct_ref_seq.ref_id                        1 
_struct_ref_seq.pdbx_PDB_id_code              7ZQE 
_struct_ref_seq.pdbx_strand_id                M 
_struct_ref_seq.seq_align_beg                 1 
_struct_ref_seq.pdbx_seq_align_beg_ins_code   ? 
_struct_ref_seq.seq_align_end                 145 
_struct_ref_seq.pdbx_seq_align_end_ins_code   ? 
_struct_ref_seq.pdbx_db_accession             P18068 
_struct_ref_seq.db_align_beg                  1 
_struct_ref_seq.pdbx_db_align_beg_ins_code    ? 
_struct_ref_seq.db_align_end                  145 
_struct_ref_seq.pdbx_db_align_end_ins_code    ? 
_struct_ref_seq.pdbx_auth_seq_align_beg       -46 
_struct_ref_seq.pdbx_auth_seq_align_end       98 
# 
_pdbx_struct_assembly.id                   1 
_pdbx_struct_assembly.details              author_defined_assembly 
_pdbx_struct_assembly.method_details       ? 
_pdbx_struct_assembly.oligomeric_details   monomeric 
_pdbx_struct_assembly.oligomeric_count     1 
# 
_pdbx_struct_assembly_gen.assembly_id       1 
_pdbx_struct_assembly_gen.oper_expression   1 
_pdbx_struct_assembly_gen.asym_id_list      A,B 
# 
_pdbx_struct_assembly_auth_evidence.id                     1 
_pdbx_struct_assembly_auth_evidence.assembly_id            1 
_pdbx_struct_assembly_auth_evidence.experimental_support   'electron microscopy' 
_pdbx_struct_assembly_auth_evidence.details                ? 
# 
_pdbx_struct_oper_list.id                   1 
_pdbx_struct_oper_list.type                 'identity operation' 
_pdbx_struct_oper_list.name                 1_555 
_pdbx_struct_oper_list.symmetry_operation   ? 
_pdbx_struct_oper_list.matrix[1][1]         1.0000000000 
_pdbx_struct_oper_list.matrix[1][2]         0.0000000000 
_pdbx_struct_oper_list.matrix[1][3]         0.0000000000 
_pdbx_struct_oper_list.vector[1]            0.0000000000 
_pdbx_struct_oper_list.matrix[2][1]         0.0000000000 
_pdbx_struct_oper_list.matrix[2][2]         1.0000000000 
_pdbx_struct_oper_list.matrix[2][3]         0.0000000000 
_pdbx_struct_oper_list.vector[2]            0.0000000000 
_pdbx_struct_oper_list.matrix[3][1]         0.0000000000 
_pdbx_struct_oper_list.matrix[3][2]         0.0000000000 
_pdbx_struct_oper_list.matrix[3][3]         1.0000000000 
_pdbx_struct_oper_list.vector[3]            0.0000000000 
# 
_struct_conf.conf_type_id            HELX_P 
_struct_conf.id                      HELX_P1 
_struct_conf.pdbx_PDB_helix_id       AA1 
_struct_conf.beg_label_comp_id       GLU 
_struct_conf.beg_label_asym_id       A 
_struct_conf.beg_label_seq_id        131 
_struct_conf.pdbx_beg_PDB_ins_code   ? 
_struct_conf.end_label_comp_id       GLY 
_struct_conf.end_label_asym_id       A 
_struct_conf.end_label_seq_id        137 
_struct_conf.pdbx_end_PDB_ins_code   ? 
_struct_conf.beg_auth_comp_id        GLU 
_struct_conf.beg_auth_asym_id        M 
_struct_conf.beg_auth_seq_id         84 
_struct_conf.end_auth_comp_id        GLY 
_struct_conf.end_auth_asym_id        M 
_struct_conf.end_auth_seq_id         90 
_struct_conf.pdbx_PDB_helix_class    5 
_struct_conf.details                 ? 
_struct_conf.pdbx_PDB_helix_length   7 
# 
_struct_conf_type.id          HELX_P 
_struct_conf_type.criteria    ? 
_struct_conf_type.reference   ? 
# 
loop_
_struct_conn.id 
_struct_conn.conn_type_id 
_struct_conn.pdbx_leaving_atom_flag 
_struct_conn.pdbx_PDB_id 
_struct_conn.ptnr1_label_asym_id 
_struct_conn.ptnr1_label_comp_id 
_struct_conn.ptnr1_label_seq_id 
_struct_conn.ptnr1_label_atom_id 
_struct_conn.pdbx_ptnr1_label_alt_id 
_struct_conn.pdbx_ptnr1_PDB_ins_code 
_struct_conn.pdbx_ptnr1_standard_comp_id 
_struct_conn.ptnr1_symmetry 
_struct_conn.ptnr2_label_asym_id 
_struct_conn.ptnr2_label_comp_id 
_struct_conn.ptnr2_label_seq_id 
_struct_conn.ptnr2_label_atom_id 
_struct_conn.pdbx_ptnr2_label_alt_id 
_struct_conn.pdbx_ptnr2_PDB_ins_code 
_struct_conn.ptnr1_auth_asym_id 
_struct_conn.ptnr1_auth_comp_id 
_struct_conn.ptnr1_auth_seq_id 
_struct_conn.ptnr2_auth_asym_id 
_struct_conn.ptnr2_auth_comp_id 
_struct_conn.ptnr2_auth_seq_id 
_struct_conn.ptnr2_symmetry 
_struct_conn.pdbx_ptnr3_label_atom_id 
_struct_conn.pdbx_ptnr3_label_seq_id 
_struct_conn.pdbx_ptnr3_label_comp_id 
_struct_conn.pdbx_ptnr3_label_asym_id 
_struct_conn.pdbx_ptnr3_label_alt_id 
_struct_conn.pdbx_ptnr3_PDB_ins_code 
_struct_conn.details 
_struct_conn.pdbx_dist_value 
_struct_conn.pdbx_value_order 
_struct_conn.pdbx_role 
metalc1 metalc ? ? A HIS 85  ND1 ? ? ? 1_555 B CU . CU ? ? M HIS 38 M CU 101 1_555 ? ? ? ? ? ? ? 2.077 ? ? 
metalc2 metalc ? ? A CYS 130 SG  ? ? ? 1_555 B CU . CU ? ? M CYS 83 M CU 101 1_555 ? ? ? ? ? ? ? 2.472 ? ? 
metalc3 metalc ? ? A HIS 133 ND1 ? ? ? 1_555 B CU . CU ? ? M HIS 86 M CU 101 1_555 ? ? ? ? ? ? ? 2.076 ? ? 
metalc4 metalc ? ? A MET 138 SD  ? ? ? 1_555 B CU . CU ? ? M MET 91 M CU 101 1_555 ? ? ? ? ? ? ? 2.304 ? ? 
# 
_struct_conn_type.id          metalc 
_struct_conn_type.criteria    ? 
_struct_conn_type.reference   ? 
# 
loop_
_pdbx_struct_conn_angle.id 
_pdbx_struct_conn_angle.ptnr1_label_atom_id 
_pdbx_struct_conn_angle.ptnr1_label_alt_id 
_pdbx_struct_conn_angle.ptnr1_label_asym_id 
_pdbx_struct_conn_angle.ptnr1_label_comp_id 
_pdbx_struct_conn_angle.ptnr1_label_seq_id 
_pdbx_struct_conn_angle.ptnr1_auth_atom_id 
_pdbx_struct_conn_angle.ptnr1_auth_asym_id 
_pdbx_struct_conn_angle.ptnr1_auth_comp_id 
_pdbx_struct_conn_angle.ptnr1_auth_seq_id 
_pdbx_struct_conn_angle.ptnr1_PDB_ins_code 
_pdbx_struct_conn_angle.ptnr1_symmetry 
_pdbx_struct_conn_angle.ptnr2_label_atom_id 
_pdbx_struct_conn_angle.ptnr2_label_alt_id 
_pdbx_struct_conn_angle.ptnr2_label_asym_id 
_pdbx_struct_conn_angle.ptnr2_label_comp_id 
_pdbx_struct_conn_angle.ptnr2_label_seq_id 
_pdbx_struct_conn_angle.ptnr2_auth_atom_id 
_pdbx_struct_conn_angle.ptnr2_auth_asym_id 
_pdbx_struct_conn_angle.ptnr2_auth_comp_id 
_pdbx_struct_conn_angle.ptnr2_auth_seq_id 
_pdbx_struct_conn_angle.ptnr2_PDB_ins_code 
_pdbx_struct_conn_angle.ptnr2_symmetry 
_pdbx_struct_conn_angle.ptnr3_label_atom_id 
_pdbx_struct_conn_angle.ptnr3_label_alt_id 
_pdbx_struct_conn_angle.ptnr3_label_asym_id 
_pdbx_struct_conn_angle.ptnr3_label_comp_id 
_pdbx_struct_conn_angle.ptnr3_label_seq_id 
_pdbx_struct_conn_angle.ptnr3_auth_atom_id 
_pdbx_struct_conn_angle.ptnr3_auth_asym_id 
_pdbx_struct_conn_angle.ptnr3_auth_comp_id 
_pdbx_struct_conn_angle.ptnr3_auth_seq_id 
_pdbx_struct_conn_angle.ptnr3_PDB_ins_code 
_pdbx_struct_conn_angle.ptnr3_symmetry 
_pdbx_struct_conn_angle.value 
_pdbx_struct_conn_angle.value_esd 
1 ND1 ? A HIS 85  ? M HIS 38 ? 1_555 CU ? B CU . ? M CU 101 ? 1_555 SG  ? A CYS 130 ? M CYS 83 ? 1_555 112.5 ? 
2 ND1 ? A HIS 85  ? M HIS 38 ? 1_555 CU ? B CU . ? M CU 101 ? 1_555 ND1 ? A HIS 133 ? M HIS 86 ? 1_555 115.3 ? 
3 SG  ? A CYS 130 ? M CYS 83 ? 1_555 CU ? B CU . ? M CU 101 ? 1_555 ND1 ? A HIS 133 ? M HIS 86 ? 1_555 122.8 ? 
4 ND1 ? A HIS 85  ? M HIS 38 ? 1_555 CU ? B CU . ? M CU 101 ? 1_555 SD  ? A MET 138 ? M MET 91 ? 1_555 115.6 ? 
5 SG  ? A CYS 130 ? M CYS 83 ? 1_555 CU ? B CU . ? M CU 101 ? 1_555 SD  ? A MET 138 ? M MET 91 ? 1_555 95.2  ? 
6 ND1 ? A HIS 133 ? M HIS 86 ? 1_555 CU ? B CU . ? M CU 101 ? 1_555 SD  ? A MET 138 ? M MET 91 ? 1_555 91.1  ? 
# 
loop_
_struct_mon_prot_cis.pdbx_id 
_struct_mon_prot_cis.label_comp_id 
_struct_mon_prot_cis.label_seq_id 
_struct_mon_prot_cis.label_asym_id 
_struct_mon_prot_cis.label_alt_id 
_struct_mon_prot_cis.pdbx_PDB_ins_code 
_struct_mon_prot_cis.auth_comp_id 
_struct_mon_prot_cis.auth_seq_id 
_struct_mon_prot_cis.auth_asym_id 
_struct_mon_prot_cis.pdbx_label_comp_id_2 
_struct_mon_prot_cis.pdbx_label_seq_id_2 
_struct_mon_prot_cis.pdbx_label_asym_id_2 
_struct_mon_prot_cis.pdbx_PDB_ins_code_2 
_struct_mon_prot_cis.pdbx_auth_comp_id_2 
_struct_mon_prot_cis.pdbx_auth_seq_id_2 
_struct_mon_prot_cis.pdbx_auth_asym_id_2 
_struct_mon_prot_cis.pdbx_PDB_model_num 
_struct_mon_prot_cis.pdbx_omega_angle 
1 VAL 63 A . ? VAL 16 M PRO 64 A ? PRO 17 M 1 0.50  
2 PHE 83 A . ? PHE 36 M PRO 84 A ? PRO 37 M 1 14.36 
# 
loop_
_struct_sheet.id 
_struct_sheet.type 
_struct_sheet.number_strands 
_struct_sheet.details 
AA1 ? 4 ? 
AA2 ? 4 ? 
# 
loop_
_struct_sheet_order.sheet_id 
_struct_sheet_order.range_id_1 
_struct_sheet_order.range_id_2 
_struct_sheet_order.offset 
_struct_sheet_order.sense 
AA1 1 2 ? anti-parallel 
AA1 2 3 ? parallel      
AA1 3 4 ? anti-parallel 
AA2 1 2 ? parallel      
AA2 2 3 ? anti-parallel 
AA2 3 4 ? anti-parallel 
# 
loop_
_struct_sheet_range.sheet_id 
_struct_sheet_range.id 
_struct_sheet_range.beg_label_comp_id 
_struct_sheet_range.beg_label_asym_id 
_struct_sheet_range.beg_label_seq_id 
_struct_sheet_range.pdbx_beg_PDB_ins_code 
_struct_sheet_range.end_label_comp_id 
_struct_sheet_range.end_label_asym_id 
_struct_sheet_range.end_label_seq_id 
_struct_sheet_range.pdbx_end_PDB_ins_code 
_struct_sheet_range.beg_auth_comp_id 
_struct_sheet_range.beg_auth_asym_id 
_struct_sheet_range.beg_auth_seq_id 
_struct_sheet_range.end_auth_comp_id 
_struct_sheet_range.end_auth_asym_id 
_struct_sheet_range.end_auth_seq_id 
AA1 1 PHE A 62  ? VAL A 63  ? PHE M 15 VAL M 16 
AA1 2 ALA A 49  ? LEU A 53  ? ALA M 2  LEU M 6  
AA1 3 THR A 74  ? ASN A 79  ? THR M 27 ASN M 32 
AA1 4 THR A 115 ? LYS A 119 ? THR M 68 LYS M 72 
AA2 1 THR A 66  ? LYS A 70  ? THR M 19 LYS M 23 
AA2 2 VAL A 139 ? GLN A 145 ? VAL M 92 GLN M 98 
AA2 3 GLY A 124 ? TYR A 129 ? GLY M 77 TYR M 82 
AA2 4 VAL A 88  ? PHE A 89  ? VAL M 41 PHE M 42 
# 
loop_
_pdbx_struct_sheet_hbond.sheet_id 
_pdbx_struct_sheet_hbond.range_id_1 
_pdbx_struct_sheet_hbond.range_id_2 
_pdbx_struct_sheet_hbond.range_1_label_atom_id 
_pdbx_struct_sheet_hbond.range_1_label_comp_id 
_pdbx_struct_sheet_hbond.range_1_label_asym_id 
_pdbx_struct_sheet_hbond.range_1_label_seq_id 
_pdbx_struct_sheet_hbond.range_1_PDB_ins_code 
_pdbx_struct_sheet_hbond.range_1_auth_atom_id 
_pdbx_struct_sheet_hbond.range_1_auth_comp_id 
_pdbx_struct_sheet_hbond.range_1_auth_asym_id 
_pdbx_struct_sheet_hbond.range_1_auth_seq_id 
_pdbx_struct_sheet_hbond.range_2_label_atom_id 
_pdbx_struct_sheet_hbond.range_2_label_comp_id 
_pdbx_struct_sheet_hbond.range_2_label_asym_id 
_pdbx_struct_sheet_hbond.range_2_label_seq_id 
_pdbx_struct_sheet_hbond.range_2_PDB_ins_code 
_pdbx_struct_sheet_hbond.range_2_auth_atom_id 
_pdbx_struct_sheet_hbond.range_2_auth_comp_id 
_pdbx_struct_sheet_hbond.range_2_auth_asym_id 
_pdbx_struct_sheet_hbond.range_2_auth_seq_id 
AA1 1 2 O VAL A 63  ? O VAL M 16 N LYS A 52  ? N LYS M 5  
AA1 2 3 N VAL A 51  ? N VAL M 4  O ASN A 76  ? O ASN M 29 
AA1 3 4 N VAL A 75  ? N VAL M 28 O VAL A 118 ? O VAL M 71 
AA2 1 2 N ILE A 69  ? N ILE M 22 O ILE A 143 ? O ILE M 96 
AA2 2 3 O GLY A 140 ? O GLY M 93 N TYR A 128 ? N TYR M 81 
AA2 3 4 O TYR A 129 ? O TYR M 82 N VAL A 88  ? N VAL M 41 
# 
_pdbx_entry_details.entry_id                 7ZQE 
_pdbx_entry_details.has_ligand_of_interest   Y 
_pdbx_entry_details.compound_details         ? 
_pdbx_entry_details.source_details           ? 
_pdbx_entry_details.nonpolymer_details       ? 
_pdbx_entry_details.sequence_details         ? 
# 
_em_3d_fitting.entry_id          7ZQE 
_em_3d_fitting.id                1 
_em_3d_fitting.details           ? 
_em_3d_fitting.overall_b_value   ? 
_em_3d_fitting.ref_protocol      ? 
_em_3d_fitting.ref_space         ? 
_em_3d_fitting.target_criteria   ? 
_em_3d_fitting.method            ? 
# 
_em_3d_reconstruction.entry_id                    7ZQE 
_em_3d_reconstruction.id                          1 
_em_3d_reconstruction.algorithm                   ? 
_em_3d_reconstruction.details                     ? 
_em_3d_reconstruction.refinement_type             ? 
_em_3d_reconstruction.image_processing_id         1 
_em_3d_reconstruction.num_class_averages          ? 
_em_3d_reconstruction.num_particles               66080 
_em_3d_reconstruction.resolution                  2.55 
_em_3d_reconstruction.resolution_method           'FSC 0.143 CUT-OFF' 
_em_3d_reconstruction.symmetry_type               POINT 
_em_3d_reconstruction.method                      ? 
_em_3d_reconstruction.nominal_pixel_size          ? 
_em_3d_reconstruction.actual_pixel_size           ? 
_em_3d_reconstruction.magnification_calibration   ? 
# 
_em_buffer.id            1 
_em_buffer.details       ? 
_em_buffer.pH            7.5 
_em_buffer.specimen_id   1 
_em_buffer.name          ? 
# 
_em_entity_assembly.id                   1 
_em_entity_assembly.parent_id            0 
_em_entity_assembly.details              ? 
_em_entity_assembly.name                 'Photosystem I dimer of Chlamydomonas reinhardtii' 
_em_entity_assembly.source               NATURAL 
_em_entity_assembly.type                 'ORGANELLE OR CELLULAR COMPONENT' 
_em_entity_assembly.entity_id_list       1 
_em_entity_assembly.synonym              ? 
_em_entity_assembly.oligomeric_details   ? 
# 
_em_imaging.id                              1 
_em_imaging.entry_id                        7ZQE 
_em_imaging.accelerating_voltage            300 
_em_imaging.alignment_procedure             ? 
_em_imaging.c2_aperture_diameter            ? 
_em_imaging.calibrated_defocus_max          ? 
_em_imaging.calibrated_defocus_min          ? 
_em_imaging.calibrated_magnification        ? 
_em_imaging.cryogen                         ? 
_em_imaging.details                         ? 
_em_imaging.electron_source                 'FIELD EMISSION GUN' 
_em_imaging.illumination_mode               'FLOOD BEAM' 
_em_imaging.microscope_model                'FEI TITAN KRIOS' 
_em_imaging.mode                            'BRIGHT FIELD' 
_em_imaging.nominal_cs                      ? 
_em_imaging.nominal_defocus_max             5000 
_em_imaging.nominal_defocus_min             1000 
_em_imaging.nominal_magnification           ? 
_em_imaging.recording_temperature_maximum   ? 
_em_imaging.recording_temperature_minimum   ? 
_em_imaging.residual_tilt                   ? 
_em_imaging.specimen_holder_model           ? 
_em_imaging.specimen_id                     1 
_em_imaging.citation_id                     ? 
_em_imaging.date                            ? 
_em_imaging.temperature                     ? 
_em_imaging.tilt_angle_min                  ? 
_em_imaging.tilt_angle_max                  ? 
_em_imaging.astigmatism                     ? 
_em_imaging.detector_distance               ? 
_em_imaging.electron_beam_tilt_params       ? 
_em_imaging.specimen_holder_type            ? 
# 
_em_vitrification.id                    1 
_em_vitrification.specimen_id           1 
_em_vitrification.chamber_temperature   ? 
_em_vitrification.cryogen_name          ETHANE 
_em_vitrification.details               ? 
_em_vitrification.humidity              ? 
_em_vitrification.instrument            ? 
_em_vitrification.entry_id              7ZQE 
_em_vitrification.citation_id           ? 
_em_vitrification.method                ? 
_em_vitrification.temp                  ? 
_em_vitrification.time_resolved_state   ? 
# 
_em_experiment.entry_id                7ZQE 
_em_experiment.id                      1 
_em_experiment.aggregation_state       PARTICLE 
_em_experiment.reconstruction_method   'SINGLE PARTICLE' 
_em_experiment.entity_assembly_id      1 
# 
loop_
_pdbx_unobs_or_zero_occ_residues.id 
_pdbx_unobs_or_zero_occ_residues.PDB_model_num 
_pdbx_unobs_or_zero_occ_residues.polymer_flag 
_pdbx_unobs_or_zero_occ_residues.occupancy_flag 
_pdbx_unobs_or_zero_occ_residues.auth_asym_id 
_pdbx_unobs_or_zero_occ_residues.auth_comp_id 
_pdbx_unobs_or_zero_occ_residues.auth_seq_id 
_pdbx_unobs_or_zero_occ_residues.PDB_ins_code 
_pdbx_unobs_or_zero_occ_residues.label_asym_id 
_pdbx_unobs_or_zero_occ_residues.label_comp_id 
_pdbx_unobs_or_zero_occ_residues.label_seq_id 
1  1 Y 1 M MET -46 ? A MET 1  
2  1 Y 1 M LYS -45 ? A LYS 2  
3  1 Y 1 M ALA -44 ? A ALA 3  
4  1 Y 1 M THR -43 ? A THR 4  
5  1 Y 1 M LEU -42 ? A LEU 5  
6  1 Y 1 M ARG -41 ? A ARG 6  
7  1 Y 1 M ALA -40 ? A ALA 7  
8  1 Y 1 M PRO -39 ? A PRO 8  
9  1 Y 1 M ALA -38 ? A ALA 9  
10 1 Y 1 M SER -37 ? A SER 10 
11 1 Y 1 M ARG -36 ? A ARG 11 
12 1 Y 1 M ALA -35 ? A ALA 12 
13 1 Y 1 M SER -34 ? A SER 13 
14 1 Y 1 M ALA -33 ? A ALA 14 
15 1 Y 1 M VAL -32 ? A VAL 15 
16 1 Y 1 M ARG -31 ? A ARG 16 
17 1 Y 1 M PRO -30 ? A PRO 17 
18 1 Y 1 M VAL -29 ? A VAL 18 
19 1 Y 1 M ALA -28 ? A ALA 19 
20 1 Y 1 M SER -27 ? A SER 20 
21 1 Y 1 M LEU -26 ? A LEU 21 
22 1 Y 1 M LYS -25 ? A LYS 22 
23 1 Y 1 M ALA -24 ? A ALA 23 
24 1 Y 1 M ALA -23 ? A ALA 24 
25 1 Y 1 M ALA -22 ? A ALA 25 
26 1 Y 1 M GLN -21 ? A GLN 26 
27 1 Y 1 M ARG -20 ? A ARG 27 
28 1 Y 1 M VAL -19 ? A VAL 28 
29 1 Y 1 M ALA -18 ? A ALA 29 
30 1 Y 1 M SER -17 ? A SER 30 
31 1 Y 1 M VAL -16 ? A VAL 31 
32 1 Y 1 M ALA -15 ? A ALA 32 
33 1 Y 1 M GLY -14 ? A GLY 33 
34 1 Y 1 M VAL -13 ? A VAL 34 
35 1 Y 1 M SER -12 ? A SER 35 
36 1 Y 1 M VAL -11 ? A VAL 36 
37 1 Y 1 M ALA -10 ? A ALA 37 
38 1 Y 1 M SER -9  ? A SER 38 
39 1 Y 1 M LEU -8  ? A LEU 39 
40 1 Y 1 M ALA -7  ? A ALA 40 
41 1 Y 1 M LEU -6  ? A LEU 41 
42 1 Y 1 M THR -5  ? A THR 42 
43 1 Y 1 M LEU -4  ? A LEU 43 
44 1 Y 1 M ALA -3  ? A ALA 44 
45 1 Y 1 M ALA -2  ? A ALA 45 
46 1 Y 1 M HIS -1  ? A HIS 46 
47 1 Y 1 M ALA 0   ? A ALA 47 
# 
loop_
_chem_comp_atom.comp_id 
_chem_comp_atom.atom_id 
_chem_comp_atom.type_symbol 
_chem_comp_atom.pdbx_aromatic_flag 
_chem_comp_atom.pdbx_stereo_config 
_chem_comp_atom.pdbx_ordinal 
ALA N    N  N N 1   
ALA CA   C  N S 2   
ALA C    C  N N 3   
ALA O    O  N N 4   
ALA CB   C  N N 5   
ALA OXT  O  N N 6   
ALA H    H  N N 7   
ALA H2   H  N N 8   
ALA HA   H  N N 9   
ALA HB1  H  N N 10  
ALA HB2  H  N N 11  
ALA HB3  H  N N 12  
ALA HXT  H  N N 13  
ARG N    N  N N 14  
ARG CA   C  N S 15  
ARG C    C  N N 16  
ARG O    O  N N 17  
ARG CB   C  N N 18  
ARG CG   C  N N 19  
ARG CD   C  N N 20  
ARG NE   N  N N 21  
ARG CZ   C  N N 22  
ARG NH1  N  N N 23  
ARG NH2  N  N N 24  
ARG OXT  O  N N 25  
ARG H    H  N N 26  
ARG H2   H  N N 27  
ARG HA   H  N N 28  
ARG HB2  H  N N 29  
ARG HB3  H  N N 30  
ARG HG2  H  N N 31  
ARG HG3  H  N N 32  
ARG HD2  H  N N 33  
ARG HD3  H  N N 34  
ARG HE   H  N N 35  
ARG HH11 H  N N 36  
ARG HH12 H  N N 37  
ARG HH21 H  N N 38  
ARG HH22 H  N N 39  
ARG HXT  H  N N 40  
ASN N    N  N N 41  
ASN CA   C  N S 42  
ASN C    C  N N 43  
ASN O    O  N N 44  
ASN CB   C  N N 45  
ASN CG   C  N N 46  
ASN OD1  O  N N 47  
ASN ND2  N  N N 48  
ASN OXT  O  N N 49  
ASN H    H  N N 50  
ASN H2   H  N N 51  
ASN HA   H  N N 52  
ASN HB2  H  N N 53  
ASN HB3  H  N N 54  
ASN HD21 H  N N 55  
ASN HD22 H  N N 56  
ASN HXT  H  N N 57  
ASP N    N  N N 58  
ASP CA   C  N S 59  
ASP C    C  N N 60  
ASP O    O  N N 61  
ASP CB   C  N N 62  
ASP CG   C  N N 63  
ASP OD1  O  N N 64  
ASP OD2  O  N N 65  
ASP OXT  O  N N 66  
ASP H    H  N N 67  
ASP H2   H  N N 68  
ASP HA   H  N N 69  
ASP HB2  H  N N 70  
ASP HB3  H  N N 71  
ASP HD2  H  N N 72  
ASP HXT  H  N N 73  
CU  CU   CU N N 74  
CYS N    N  N N 75  
CYS CA   C  N R 76  
CYS C    C  N N 77  
CYS O    O  N N 78  
CYS CB   C  N N 79  
CYS SG   S  N N 80  
CYS OXT  O  N N 81  
CYS H    H  N N 82  
CYS H2   H  N N 83  
CYS HA   H  N N 84  
CYS HB2  H  N N 85  
CYS HB3  H  N N 86  
CYS HG   H  N N 87  
CYS HXT  H  N N 88  
GLN N    N  N N 89  
GLN CA   C  N S 90  
GLN C    C  N N 91  
GLN O    O  N N 92  
GLN CB   C  N N 93  
GLN CG   C  N N 94  
GLN CD   C  N N 95  
GLN OE1  O  N N 96  
GLN NE2  N  N N 97  
GLN OXT  O  N N 98  
GLN H    H  N N 99  
GLN H2   H  N N 100 
GLN HA   H  N N 101 
GLN HB2  H  N N 102 
GLN HB3  H  N N 103 
GLN HG2  H  N N 104 
GLN HG3  H  N N 105 
GLN HE21 H  N N 106 
GLN HE22 H  N N 107 
GLN HXT  H  N N 108 
GLU N    N  N N 109 
GLU CA   C  N S 110 
GLU C    C  N N 111 
GLU O    O  N N 112 
GLU CB   C  N N 113 
GLU CG   C  N N 114 
GLU CD   C  N N 115 
GLU OE1  O  N N 116 
GLU OE2  O  N N 117 
GLU OXT  O  N N 118 
GLU H    H  N N 119 
GLU H2   H  N N 120 
GLU HA   H  N N 121 
GLU HB2  H  N N 122 
GLU HB3  H  N N 123 
GLU HG2  H  N N 124 
GLU HG3  H  N N 125 
GLU HE2  H  N N 126 
GLU HXT  H  N N 127 
GLY N    N  N N 128 
GLY CA   C  N N 129 
GLY C    C  N N 130 
GLY O    O  N N 131 
GLY OXT  O  N N 132 
GLY H    H  N N 133 
GLY H2   H  N N 134 
GLY HA2  H  N N 135 
GLY HA3  H  N N 136 
GLY HXT  H  N N 137 
HIS N    N  N N 138 
HIS CA   C  N S 139 
HIS C    C  N N 140 
HIS O    O  N N 141 
HIS CB   C  N N 142 
HIS CG   C  Y N 143 
HIS ND1  N  Y N 144 
HIS CD2  C  Y N 145 
HIS CE1  C  Y N 146 
HIS NE2  N  Y N 147 
HIS OXT  O  N N 148 
HIS H    H  N N 149 
HIS H2   H  N N 150 
HIS HA   H  N N 151 
HIS HB2  H  N N 152 
HIS HB3  H  N N 153 
HIS HD1  H  N N 154 
HIS HD2  H  N N 155 
HIS HE1  H  N N 156 
HIS HE2  H  N N 157 
HIS HXT  H  N N 158 
ILE N    N  N N 159 
ILE CA   C  N S 160 
ILE C    C  N N 161 
ILE O    O  N N 162 
ILE CB   C  N S 163 
ILE CG1  C  N N 164 
ILE CG2  C  N N 165 
ILE CD1  C  N N 166 
ILE OXT  O  N N 167 
ILE H    H  N N 168 
ILE H2   H  N N 169 
ILE HA   H  N N 170 
ILE HB   H  N N 171 
ILE HG12 H  N N 172 
ILE HG13 H  N N 173 
ILE HG21 H  N N 174 
ILE HG22 H  N N 175 
ILE HG23 H  N N 176 
ILE HD11 H  N N 177 
ILE HD12 H  N N 178 
ILE HD13 H  N N 179 
ILE HXT  H  N N 180 
LEU N    N  N N 181 
LEU CA   C  N S 182 
LEU C    C  N N 183 
LEU O    O  N N 184 
LEU CB   C  N N 185 
LEU CG   C  N N 186 
LEU CD1  C  N N 187 
LEU CD2  C  N N 188 
LEU OXT  O  N N 189 
LEU H    H  N N 190 
LEU H2   H  N N 191 
LEU HA   H  N N 192 
LEU HB2  H  N N 193 
LEU HB3  H  N N 194 
LEU HG   H  N N 195 
LEU HD11 H  N N 196 
LEU HD12 H  N N 197 
LEU HD13 H  N N 198 
LEU HD21 H  N N 199 
LEU HD22 H  N N 200 
LEU HD23 H  N N 201 
LEU HXT  H  N N 202 
LYS N    N  N N 203 
LYS CA   C  N S 204 
LYS C    C  N N 205 
LYS O    O  N N 206 
LYS CB   C  N N 207 
LYS CG   C  N N 208 
LYS CD   C  N N 209 
LYS CE   C  N N 210 
LYS NZ   N  N N 211 
LYS OXT  O  N N 212 
LYS H    H  N N 213 
LYS H2   H  N N 214 
LYS HA   H  N N 215 
LYS HB2  H  N N 216 
LYS HB3  H  N N 217 
LYS HG2  H  N N 218 
LYS HG3  H  N N 219 
LYS HD2  H  N N 220 
LYS HD3  H  N N 221 
LYS HE2  H  N N 222 
LYS HE3  H  N N 223 
LYS HZ1  H  N N 224 
LYS HZ2  H  N N 225 
LYS HZ3  H  N N 226 
LYS HXT  H  N N 227 
MET N    N  N N 228 
MET CA   C  N S 229 
MET C    C  N N 230 
MET O    O  N N 231 
MET CB   C  N N 232 
MET CG   C  N N 233 
MET SD   S  N N 234 
MET CE   C  N N 235 
MET OXT  O  N N 236 
MET H    H  N N 237 
MET H2   H  N N 238 
MET HA   H  N N 239 
MET HB2  H  N N 240 
MET HB3  H  N N 241 
MET HG2  H  N N 242 
MET HG3  H  N N 243 
MET HE1  H  N N 244 
MET HE2  H  N N 245 
MET HE3  H  N N 246 
MET HXT  H  N N 247 
PHE N    N  N N 248 
PHE CA   C  N S 249 
PHE C    C  N N 250 
PHE O    O  N N 251 
PHE CB   C  N N 252 
PHE CG   C  Y N 253 
PHE CD1  C  Y N 254 
PHE CD2  C  Y N 255 
PHE CE1  C  Y N 256 
PHE CE2  C  Y N 257 
PHE CZ   C  Y N 258 
PHE OXT  O  N N 259 
PHE H    H  N N 260 
PHE H2   H  N N 261 
PHE HA   H  N N 262 
PHE HB2  H  N N 263 
PHE HB3  H  N N 264 
PHE HD1  H  N N 265 
PHE HD2  H  N N 266 
PHE HE1  H  N N 267 
PHE HE2  H  N N 268 
PHE HZ   H  N N 269 
PHE HXT  H  N N 270 
PRO N    N  N N 271 
PRO CA   C  N S 272 
PRO C    C  N N 273 
PRO O    O  N N 274 
PRO CB   C  N N 275 
PRO CG   C  N N 276 
PRO CD   C  N N 277 
PRO OXT  O  N N 278 
PRO H    H  N N 279 
PRO HA   H  N N 280 
PRO HB2  H  N N 281 
PRO HB3  H  N N 282 
PRO HG2  H  N N 283 
PRO HG3  H  N N 284 
PRO HD2  H  N N 285 
PRO HD3  H  N N 286 
PRO HXT  H  N N 287 
SER N    N  N N 288 
SER CA   C  N S 289 
SER C    C  N N 290 
SER O    O  N N 291 
SER CB   C  N N 292 
SER OG   O  N N 293 
SER OXT  O  N N 294 
SER H    H  N N 295 
SER H2   H  N N 296 
SER HA   H  N N 297 
SER HB2  H  N N 298 
SER HB3  H  N N 299 
SER HG   H  N N 300 
SER HXT  H  N N 301 
THR N    N  N N 302 
THR CA   C  N S 303 
THR C    C  N N 304 
THR O    O  N N 305 
THR CB   C  N R 306 
THR OG1  O  N N 307 
THR CG2  C  N N 308 
THR OXT  O  N N 309 
THR H    H  N N 310 
THR H2   H  N N 311 
THR HA   H  N N 312 
THR HB   H  N N 313 
THR HG1  H  N N 314 
THR HG21 H  N N 315 
THR HG22 H  N N 316 
THR HG23 H  N N 317 
THR HXT  H  N N 318 
TYR N    N  N N 319 
TYR CA   C  N S 320 
TYR C    C  N N 321 
TYR O    O  N N 322 
TYR CB   C  N N 323 
TYR CG   C  Y N 324 
TYR CD1  C  Y N 325 
TYR CD2  C  Y N 326 
TYR CE1  C  Y N 327 
TYR CE2  C  Y N 328 
TYR CZ   C  Y N 329 
TYR OH   O  N N 330 
TYR OXT  O  N N 331 
TYR H    H  N N 332 
TYR H2   H  N N 333 
TYR HA   H  N N 334 
TYR HB2  H  N N 335 
TYR HB3  H  N N 336 
TYR HD1  H  N N 337 
TYR HD2  H  N N 338 
TYR HE1  H  N N 339 
TYR HE2  H  N N 340 
TYR HH   H  N N 341 
TYR HXT  H  N N 342 
VAL N    N  N N 343 
VAL CA   C  N S 344 
VAL C    C  N N 345 
VAL O    O  N N 346 
VAL CB   C  N N 347 
VAL CG1  C  N N 348 
VAL CG2  C  N N 349 
VAL OXT  O  N N 350 
VAL H    H  N N 351 
VAL H2   H  N N 352 
VAL HA   H  N N 353 
VAL HB   H  N N 354 
VAL HG11 H  N N 355 
VAL HG12 H  N N 356 
VAL HG13 H  N N 357 
VAL HG21 H  N N 358 
VAL HG22 H  N N 359 
VAL HG23 H  N N 360 
VAL HXT  H  N N 361 
# 
loop_
_chem_comp_bond.comp_id 
_chem_comp_bond.atom_id_1 
_chem_comp_bond.atom_id_2 
_chem_comp_bond.value_order 
_chem_comp_bond.pdbx_aromatic_flag 
_chem_comp_bond.pdbx_stereo_config 
_chem_comp_bond.pdbx_ordinal 
ALA N   CA   sing N N 1   
ALA N   H    sing N N 2   
ALA N   H2   sing N N 3   
ALA CA  C    sing N N 4   
ALA CA  CB   sing N N 5   
ALA CA  HA   sing N N 6   
ALA C   O    doub N N 7   
ALA C   OXT  sing N N 8   
ALA CB  HB1  sing N N 9   
ALA CB  HB2  sing N N 10  
ALA CB  HB3  sing N N 11  
ALA OXT HXT  sing N N 12  
ARG N   CA   sing N N 13  
ARG N   H    sing N N 14  
ARG N   H2   sing N N 15  
ARG CA  C    sing N N 16  
ARG CA  CB   sing N N 17  
ARG CA  HA   sing N N 18  
ARG C   O    doub N N 19  
ARG C   OXT  sing N N 20  
ARG CB  CG   sing N N 21  
ARG CB  HB2  sing N N 22  
ARG CB  HB3  sing N N 23  
ARG CG  CD   sing N N 24  
ARG CG  HG2  sing N N 25  
ARG CG  HG3  sing N N 26  
ARG CD  NE   sing N N 27  
ARG CD  HD2  sing N N 28  
ARG CD  HD3  sing N N 29  
ARG NE  CZ   sing N N 30  
ARG NE  HE   sing N N 31  
ARG CZ  NH1  sing N N 32  
ARG CZ  NH2  doub N N 33  
ARG NH1 HH11 sing N N 34  
ARG NH1 HH12 sing N N 35  
ARG NH2 HH21 sing N N 36  
ARG NH2 HH22 sing N N 37  
ARG OXT HXT  sing N N 38  
ASN N   CA   sing N N 39  
ASN N   H    sing N N 40  
ASN N   H2   sing N N 41  
ASN CA  C    sing N N 42  
ASN CA  CB   sing N N 43  
ASN CA  HA   sing N N 44  
ASN C   O    doub N N 45  
ASN C   OXT  sing N N 46  
ASN CB  CG   sing N N 47  
ASN CB  HB2  sing N N 48  
ASN CB  HB3  sing N N 49  
ASN CG  OD1  doub N N 50  
ASN CG  ND2  sing N N 51  
ASN ND2 HD21 sing N N 52  
ASN ND2 HD22 sing N N 53  
ASN OXT HXT  sing N N 54  
ASP N   CA   sing N N 55  
ASP N   H    sing N N 56  
ASP N   H2   sing N N 57  
ASP CA  C    sing N N 58  
ASP CA  CB   sing N N 59  
ASP CA  HA   sing N N 60  
ASP C   O    doub N N 61  
ASP C   OXT  sing N N 62  
ASP CB  CG   sing N N 63  
ASP CB  HB2  sing N N 64  
ASP CB  HB3  sing N N 65  
ASP CG  OD1  doub N N 66  
ASP CG  OD2  sing N N 67  
ASP OD2 HD2  sing N N 68  
ASP OXT HXT  sing N N 69  
CYS N   CA   sing N N 70  
CYS N   H    sing N N 71  
CYS N   H2   sing N N 72  
CYS CA  C    sing N N 73  
CYS CA  CB   sing N N 74  
CYS CA  HA   sing N N 75  
CYS C   O    doub N N 76  
CYS C   OXT  sing N N 77  
CYS CB  SG   sing N N 78  
CYS CB  HB2  sing N N 79  
CYS CB  HB3  sing N N 80  
CYS SG  HG   sing N N 81  
CYS OXT HXT  sing N N 82  
GLN N   CA   sing N N 83  
GLN N   H    sing N N 84  
GLN N   H2   sing N N 85  
GLN CA  C    sing N N 86  
GLN CA  CB   sing N N 87  
GLN CA  HA   sing N N 88  
GLN C   O    doub N N 89  
GLN C   OXT  sing N N 90  
GLN CB  CG   sing N N 91  
GLN CB  HB2  sing N N 92  
GLN CB  HB3  sing N N 93  
GLN CG  CD   sing N N 94  
GLN CG  HG2  sing N N 95  
GLN CG  HG3  sing N N 96  
GLN CD  OE1  doub N N 97  
GLN CD  NE2  sing N N 98  
GLN NE2 HE21 sing N N 99  
GLN NE2 HE22 sing N N 100 
GLN OXT HXT  sing N N 101 
GLU N   CA   sing N N 102 
GLU N   H    sing N N 103 
GLU N   H2   sing N N 104 
GLU CA  C    sing N N 105 
GLU CA  CB   sing N N 106 
GLU CA  HA   sing N N 107 
GLU C   O    doub N N 108 
GLU C   OXT  sing N N 109 
GLU CB  CG   sing N N 110 
GLU CB  HB2  sing N N 111 
GLU CB  HB3  sing N N 112 
GLU CG  CD   sing N N 113 
GLU CG  HG2  sing N N 114 
GLU CG  HG3  sing N N 115 
GLU CD  OE1  doub N N 116 
GLU CD  OE2  sing N N 117 
GLU OE2 HE2  sing N N 118 
GLU OXT HXT  sing N N 119 
GLY N   CA   sing N N 120 
GLY N   H    sing N N 121 
GLY N   H2   sing N N 122 
GLY CA  C    sing N N 123 
GLY CA  HA2  sing N N 124 
GLY CA  HA3  sing N N 125 
GLY C   O    doub N N 126 
GLY C   OXT  sing N N 127 
GLY OXT HXT  sing N N 128 
HIS N   CA   sing N N 129 
HIS N   H    sing N N 130 
HIS N   H2   sing N N 131 
HIS CA  C    sing N N 132 
HIS CA  CB   sing N N 133 
HIS CA  HA   sing N N 134 
HIS C   O    doub N N 135 
HIS C   OXT  sing N N 136 
HIS CB  CG   sing N N 137 
HIS CB  HB2  sing N N 138 
HIS CB  HB3  sing N N 139 
HIS CG  ND1  sing Y N 140 
HIS CG  CD2  doub Y N 141 
HIS ND1 CE1  doub Y N 142 
HIS ND1 HD1  sing N N 143 
HIS CD2 NE2  sing Y N 144 
HIS CD2 HD2  sing N N 145 
HIS CE1 NE2  sing Y N 146 
HIS CE1 HE1  sing N N 147 
HIS NE2 HE2  sing N N 148 
HIS OXT HXT  sing N N 149 
ILE N   CA   sing N N 150 
ILE N   H    sing N N 151 
ILE N   H2   sing N N 152 
ILE CA  C    sing N N 153 
ILE CA  CB   sing N N 154 
ILE CA  HA   sing N N 155 
ILE C   O    doub N N 156 
ILE C   OXT  sing N N 157 
ILE CB  CG1  sing N N 158 
ILE CB  CG2  sing N N 159 
ILE CB  HB   sing N N 160 
ILE CG1 CD1  sing N N 161 
ILE CG1 HG12 sing N N 162 
ILE CG1 HG13 sing N N 163 
ILE CG2 HG21 sing N N 164 
ILE CG2 HG22 sing N N 165 
ILE CG2 HG23 sing N N 166 
ILE CD1 HD11 sing N N 167 
ILE CD1 HD12 sing N N 168 
ILE CD1 HD13 sing N N 169 
ILE OXT HXT  sing N N 170 
LEU N   CA   sing N N 171 
LEU N   H    sing N N 172 
LEU N   H2   sing N N 173 
LEU CA  C    sing N N 174 
LEU CA  CB   sing N N 175 
LEU CA  HA   sing N N 176 
LEU C   O    doub N N 177 
LEU C   OXT  sing N N 178 
LEU CB  CG   sing N N 179 
LEU CB  HB2  sing N N 180 
LEU CB  HB3  sing N N 181 
LEU CG  CD1  sing N N 182 
LEU CG  CD2  sing N N 183 
LEU CG  HG   sing N N 184 
LEU CD1 HD11 sing N N 185 
LEU CD1 HD12 sing N N 186 
LEU CD1 HD13 sing N N 187 
LEU CD2 HD21 sing N N 188 
LEU CD2 HD22 sing N N 189 
LEU CD2 HD23 sing N N 190 
LEU OXT HXT  sing N N 191 
LYS N   CA   sing N N 192 
LYS N   H    sing N N 193 
LYS N   H2   sing N N 194 
LYS CA  C    sing N N 195 
LYS CA  CB   sing N N 196 
LYS CA  HA   sing N N 197 
LYS C   O    doub N N 198 
LYS C   OXT  sing N N 199 
LYS CB  CG   sing N N 200 
LYS CB  HB2  sing N N 201 
LYS CB  HB3  sing N N 202 
LYS CG  CD   sing N N 203 
LYS CG  HG2  sing N N 204 
LYS CG  HG3  sing N N 205 
LYS CD  CE   sing N N 206 
LYS CD  HD2  sing N N 207 
LYS CD  HD3  sing N N 208 
LYS CE  NZ   sing N N 209 
LYS CE  HE2  sing N N 210 
LYS CE  HE3  sing N N 211 
LYS NZ  HZ1  sing N N 212 
LYS NZ  HZ2  sing N N 213 
LYS NZ  HZ3  sing N N 214 
LYS OXT HXT  sing N N 215 
MET N   CA   sing N N 216 
MET N   H    sing N N 217 
MET N   H2   sing N N 218 
MET CA  C    sing N N 219 
MET CA  CB   sing N N 220 
MET CA  HA   sing N N 221 
MET C   O    doub N N 222 
MET C   OXT  sing N N 223 
MET CB  CG   sing N N 224 
MET CB  HB2  sing N N 225 
MET CB  HB3  sing N N 226 
MET CG  SD   sing N N 227 
MET CG  HG2  sing N N 228 
MET CG  HG3  sing N N 229 
MET SD  CE   sing N N 230 
MET CE  HE1  sing N N 231 
MET CE  HE2  sing N N 232 
MET CE  HE3  sing N N 233 
MET OXT HXT  sing N N 234 
PHE N   CA   sing N N 235 
PHE N   H    sing N N 236 
PHE N   H2   sing N N 237 
PHE CA  C    sing N N 238 
PHE CA  CB   sing N N 239 
PHE CA  HA   sing N N 240 
PHE C   O    doub N N 241 
PHE C   OXT  sing N N 242 
PHE CB  CG   sing N N 243 
PHE CB  HB2  sing N N 244 
PHE CB  HB3  sing N N 245 
PHE CG  CD1  doub Y N 246 
PHE CG  CD2  sing Y N 247 
PHE CD1 CE1  sing Y N 248 
PHE CD1 HD1  sing N N 249 
PHE CD2 CE2  doub Y N 250 
PHE CD2 HD2  sing N N 251 
PHE CE1 CZ   doub Y N 252 
PHE CE1 HE1  sing N N 253 
PHE CE2 CZ   sing Y N 254 
PHE CE2 HE2  sing N N 255 
PHE CZ  HZ   sing N N 256 
PHE OXT HXT  sing N N 257 
PRO N   CA   sing N N 258 
PRO N   CD   sing N N 259 
PRO N   H    sing N N 260 
PRO CA  C    sing N N 261 
PRO CA  CB   sing N N 262 
PRO CA  HA   sing N N 263 
PRO C   O    doub N N 264 
PRO C   OXT  sing N N 265 
PRO CB  CG   sing N N 266 
PRO CB  HB2  sing N N 267 
PRO CB  HB3  sing N N 268 
PRO CG  CD   sing N N 269 
PRO CG  HG2  sing N N 270 
PRO CG  HG3  sing N N 271 
PRO CD  HD2  sing N N 272 
PRO CD  HD3  sing N N 273 
PRO OXT HXT  sing N N 274 
SER N   CA   sing N N 275 
SER N   H    sing N N 276 
SER N   H2   sing N N 277 
SER CA  C    sing N N 278 
SER CA  CB   sing N N 279 
SER CA  HA   sing N N 280 
SER C   O    doub N N 281 
SER C   OXT  sing N N 282 
SER CB  OG   sing N N 283 
SER CB  HB2  sing N N 284 
SER CB  HB3  sing N N 285 
SER OG  HG   sing N N 286 
SER OXT HXT  sing N N 287 
THR N   CA   sing N N 288 
THR N   H    sing N N 289 
THR N   H2   sing N N 290 
THR CA  C    sing N N 291 
THR CA  CB   sing N N 292 
THR CA  HA   sing N N 293 
THR C   O    doub N N 294 
THR C   OXT  sing N N 295 
THR CB  OG1  sing N N 296 
THR CB  CG2  sing N N 297 
THR CB  HB   sing N N 298 
THR OG1 HG1  sing N N 299 
THR CG2 HG21 sing N N 300 
THR CG2 HG22 sing N N 301 
THR CG2 HG23 sing N N 302 
THR OXT HXT  sing N N 303 
TYR N   CA   sing N N 304 
TYR N   H    sing N N 305 
TYR N   H2   sing N N 306 
TYR CA  C    sing N N 307 
TYR CA  CB   sing N N 308 
TYR CA  HA   sing N N 309 
TYR C   O    doub N N 310 
TYR C   OXT  sing N N 311 
TYR CB  CG   sing N N 312 
TYR CB  HB2  sing N N 313 
TYR CB  HB3  sing N N 314 
TYR CG  CD1  doub Y N 315 
TYR CG  CD2  sing Y N 316 
TYR CD1 CE1  sing Y N 317 
TYR CD1 HD1  sing N N 318 
TYR CD2 CE2  doub Y N 319 
TYR CD2 HD2  sing N N 320 
TYR CE1 CZ   doub Y N 321 
TYR CE1 HE1  sing N N 322 
TYR CE2 CZ   sing Y N 323 
TYR CE2 HE2  sing N N 324 
TYR CZ  OH   sing N N 325 
TYR OH  HH   sing N N 326 
TYR OXT HXT  sing N N 327 
VAL N   CA   sing N N 328 
VAL N   H    sing N N 329 
VAL N   H2   sing N N 330 
VAL CA  C    sing N N 331 
VAL CA  CB   sing N N 332 
VAL CA  HA   sing N N 333 
VAL C   O    doub N N 334 
VAL C   OXT  sing N N 335 
VAL CB  CG1  sing N N 336 
VAL CB  CG2  sing N N 337 
VAL CB  HB   sing N N 338 
VAL CG1 HG11 sing N N 339 
VAL CG1 HG12 sing N N 340 
VAL CG1 HG13 sing N N 341 
VAL CG2 HG21 sing N N 342 
VAL CG2 HG22 sing N N 343 
VAL CG2 HG23 sing N N 344 
VAL OXT HXT  sing N N 345 
# 
_em_admin.entry_id           7ZQE 
_em_admin.current_status     REL 
_em_admin.deposition_date    2022-04-29 
_em_admin.deposition_site    PDBE 
_em_admin.last_update        2024-07-24 
_em_admin.map_release_date   2022-11-23 
_em_admin.title              'Plastocyanin bound to PSI of Chlamydomonas reinhardtii' 
# 
_em_ctf_correction.id                       1 
_em_ctf_correction.em_image_processing_id   1 
_em_ctf_correction.type                     'PHASE FLIPPING ONLY' 
_em_ctf_correction.details                  ? 
# 
_em_entity_assembly_molwt.entity_assembly_id   1 
_em_entity_assembly_molwt.id                   1 
_em_entity_assembly_molwt.experimental_flag    YES 
_em_entity_assembly_molwt.units                MEGADALTONS 
_em_entity_assembly_molwt.value                0.7 
# 
_em_entity_assembly_naturalsource.id                   2 
_em_entity_assembly_naturalsource.entity_assembly_id   1 
_em_entity_assembly_naturalsource.cell                 ? 
_em_entity_assembly_naturalsource.cellular_location    ? 
_em_entity_assembly_naturalsource.ncbi_tax_id          3055 
_em_entity_assembly_naturalsource.organ                ? 
_em_entity_assembly_naturalsource.organelle            ? 
_em_entity_assembly_naturalsource.organism             'Chlamydomonas reinhardtii' 
_em_entity_assembly_naturalsource.strain               ? 
_em_entity_assembly_naturalsource.tissue               ? 
# 
_em_image_processing.id                   1 
_em_image_processing.image_recording_id   1 
_em_image_processing.details              ? 
# 
_em_image_recording.id                                  1 
_em_image_recording.imaging_id                          1 
_em_image_recording.avg_electron_dose_per_image         45.8 
_em_image_recording.average_exposure_time               ? 
_em_image_recording.details                             ? 
_em_image_recording.detector_mode                       ? 
_em_image_recording.film_or_detector_model              'GATAN K3 BIOQUANTUM (6k x 4k)' 
_em_image_recording.num_diffraction_images              ? 
_em_image_recording.num_grids_imaged                    ? 
_em_image_recording.num_real_images                     ? 
_em_image_recording.avg_electron_dose_per_subtomogram   ? 
# 
loop_
_em_software.id 
_em_software.category 
_em_software.details 
_em_software.name 
_em_software.version 
_em_software.image_processing_id 
_em_software.fitting_id 
_em_software.imaging_id 
1  'PARTICLE SELECTION'       ? ? ? 1 ? ? 
2  'IMAGE ACQUISITION'        ? ? ? ? ? 1 
3  MASKING                    ? ? ? ? ? ? 
4  'CTF CORRECTION'           ? ? ? 1 ? ? 
5  'LAYERLINE INDEXING'       ? ? ? ? ? ? 
6  'DIFFRACTION INDEXING'     ? ? ? ? ? ? 
7  'MODEL FITTING'            ? ? ? ? ? ? 
8  'MODEL REFINEMENT'         ? ? ? ? ? ? 
9  OTHER                      ? ? ? ? ? ? 
10 'INITIAL EULER ASSIGNMENT' ? ? ? 1 ? ? 
11 'FINAL EULER ASSIGNMENT'   ? ? ? 1 ? ? 
12 CLASSIFICATION             ? ? ? 1 ? ? 
13 RECONSTRUCTION             ? ? ? 1 ? ? 
# 
_em_specimen.id                      1 
_em_specimen.experiment_id           1 
_em_specimen.concentration           ? 
_em_specimen.details                 ? 
_em_specimen.embedding_applied       NO 
_em_specimen.shadowing_applied       NO 
_em_specimen.staining_applied        NO 
_em_specimen.vitrification_applied   YES 
# 
loop_
_pdbx_audit_support.funding_organization 
_pdbx_audit_support.country 
_pdbx_audit_support.grant_number 
_pdbx_audit_support.ordinal 
'The Swedish Foundation for Strategic Research'          Sweden  ARC19-0051           1 
'Knut and Alice Wallenberg Foundation'                   Sweden  2018.0080            2 
'German Federal Ministry for Education and Research'     Germany 'NRW  28  313-WO44A' 3 
'German-Israeli Foundation for Research and Development' Germany 'G-1483- 207/2018'   4 
# 
_pdbx_entity_instance_feature.ordinal        1 
_pdbx_entity_instance_feature.comp_id        CU 
_pdbx_entity_instance_feature.asym_id        ? 
_pdbx_entity_instance_feature.seq_num        ? 
_pdbx_entity_instance_feature.auth_comp_id   CU 
_pdbx_entity_instance_feature.auth_asym_id   ? 
_pdbx_entity_instance_feature.auth_seq_num   ? 
_pdbx_entity_instance_feature.feature_type   'SUBJECT OF INVESTIGATION' 
_pdbx_entity_instance_feature.details        ? 
# 
_atom_sites.entry_id                    7ZQE 
_atom_sites.Cartn_transf_matrix[1][1]   ? 
_atom_sites.Cartn_transf_matrix[1][2]   ? 
_atom_sites.Cartn_transf_matrix[1][3]   ? 
_atom_sites.Cartn_transf_matrix[2][1]   ? 
_atom_sites.Cartn_transf_matrix[2][2]   ? 
_atom_sites.Cartn_transf_matrix[2][3]   ? 
_atom_sites.Cartn_transf_matrix[3][1]   ? 
_atom_sites.Cartn_transf_matrix[3][2]   ? 
_atom_sites.Cartn_transf_matrix[3][3]   ? 
_atom_sites.Cartn_transf_vector[1]      ? 
_atom_sites.Cartn_transf_vector[2]      ? 
_atom_sites.Cartn_transf_vector[3]      ? 
_atom_sites.fract_transf_matrix[1][1]   1.000000 
_atom_sites.fract_transf_matrix[1][2]   0.000000 
_atom_sites.fract_transf_matrix[1][3]   0.000000 
_atom_sites.fract_transf_matrix[2][1]   0.000000 
_atom_sites.fract_transf_matrix[2][2]   1.000000 
_atom_sites.fract_transf_matrix[2][3]   0.000000 
_atom_sites.fract_transf_matrix[3][1]   0.000000 
_atom_sites.fract_transf_matrix[3][2]   0.000000 
_atom_sites.fract_transf_matrix[3][3]   1.000000 
_atom_sites.fract_transf_vector[1]      0.00000 
_atom_sites.fract_transf_vector[2]      0.00000 
_atom_sites.fract_transf_vector[3]      0.00000 
_atom_sites.solution_primary            ? 
_atom_sites.solution_secondary          ? 
_atom_sites.solution_hydrogens          ? 
_atom_sites.special_details             ? 
# 
loop_
_atom_type.symbol 
C  
CU 
H  
N  
O  
S  
# 
loop_
_atom_site.group_PDB 
_atom_site.id 
_atom_site.type_symbol 
_atom_site.label_atom_id 
_atom_site.label_alt_id 
_atom_site.label_comp_id 
_atom_site.label_asym_id 
_atom_site.label_entity_id 
_atom_site.label_seq_id 
_atom_site.pdbx_PDB_ins_code 
_atom_site.Cartn_x 
_atom_site.Cartn_y 
_atom_site.Cartn_z 
_atom_site.occupancy 
_atom_site.B_iso_or_equiv 
_atom_site.pdbx_formal_charge 
_atom_site.auth_seq_id 
_atom_site.auth_comp_id 
_atom_site.auth_asym_id 
_atom_site.auth_atom_id 
_atom_site.pdbx_PDB_model_num 
ATOM   1    N  N    . ASP A 1 48  ? 3.429   13.583  -4.215  1.00 77.15 ? 1   ASP M N    1 
ATOM   2    C  CA   . ASP A 1 48  ? 3.284   12.124  -4.481  1.00 77.15 ? 1   ASP M CA   1 
ATOM   3    C  C    . ASP A 1 48  ? 4.509   11.364  -3.985  1.00 77.15 ? 1   ASP M C    1 
ATOM   4    O  O    . ASP A 1 48  ? 5.614   11.903  -3.959  1.00 77.15 ? 1   ASP M O    1 
ATOM   5    C  CB   . ASP A 1 48  ? 3.076   11.870  -5.975  1.00 77.15 ? 1   ASP M CB   1 
ATOM   6    C  CG   . ASP A 1 48  ? 1.873   12.609  -6.529  1.00 77.15 ? 1   ASP M CG   1 
ATOM   7    O  OD1  . ASP A 1 48  ? 1.202   13.324  -5.754  1.00 77.15 ? 1   ASP M OD1  1 
ATOM   8    O  OD2  . ASP A 1 48  ? 1.597   12.475  -7.739  1.00 77.15 ? 1   ASP M OD2  1 
ATOM   9    H  H    . ASP A 1 48  ? 2.638   13.982  -4.306  1.00 77.15 ? 1   ASP M H    1 
ATOM   10   H  HA   . ASP A 1 48  ? 2.507   11.792  -4.005  1.00 77.15 ? 1   ASP M HA   1 
ATOM   11   H  HB2  . ASP A 1 48  ? 3.861   12.169  -6.460  1.00 77.15 ? 1   ASP M HB2  1 
ATOM   12   H  HB3  . ASP A 1 48  ? 2.938   10.921  -6.119  1.00 77.15 ? 1   ASP M HB3  1 
ATOM   13   N  N    . ALA A 1 49  ? 4.305   10.108  -3.589  1.00 76.52 ? 2   ALA M N    1 
ATOM   14   C  CA   . ALA A 1 49  ? 5.379   9.274   -3.071  1.00 76.52 ? 2   ALA M CA   1 
ATOM   15   C  C    . ALA A 1 49  ? 5.264   7.879   -3.667  1.00 76.52 ? 2   ALA M C    1 
ATOM   16   O  O    . ALA A 1 49  ? 4.165   7.403   -3.957  1.00 76.52 ? 2   ALA M O    1 
ATOM   17   C  CB   . ALA A 1 49  ? 5.344   9.197   -1.540  1.00 76.52 ? 2   ALA M CB   1 
ATOM   18   H  H    . ALA A 1 49  ? 3.541   9.714   -3.612  1.00 76.52 ? 2   ALA M H    1 
ATOM   19   H  HA   . ALA A 1 49  ? 6.234   9.647   -3.337  1.00 76.52 ? 2   ALA M HA   1 
ATOM   20   H  HB1  . ALA A 1 49  ? 6.051   8.606   -1.237  1.00 76.52 ? 2   ALA M HB1  1 
ATOM   21   H  HB2  . ALA A 1 49  ? 5.478   10.087  -1.176  1.00 76.52 ? 2   ALA M HB2  1 
ATOM   22   H  HB3  . ALA A 1 49  ? 4.482   8.852   -1.263  1.00 76.52 ? 2   ALA M HB3  1 
ATOM   23   N  N    . THR A 1 50  ? 6.410   7.225   -3.836  1.00 74.41 ? 3   THR M N    1 
ATOM   24   C  CA   . THR A 1 50  ? 6.486   5.915   -4.470  1.00 74.41 ? 3   THR M CA   1 
ATOM   25   C  C    . THR A 1 50  ? 6.909   4.869   -3.449  1.00 74.41 ? 3   THR M C    1 
ATOM   26   O  O    . THR A 1 50  ? 7.867   5.078   -2.697  1.00 74.41 ? 3   THR M O    1 
ATOM   27   C  CB   . THR A 1 50  ? 7.472   5.933   -5.641  1.00 74.41 ? 3   THR M CB   1 
ATOM   28   O  OG1  . THR A 1 50  ? 7.035   6.879   -6.624  1.00 74.41 ? 3   THR M OG1  1 
ATOM   29   C  CG2  . THR A 1 50  ? 7.573   4.553   -6.274  1.00 74.41 ? 3   THR M CG2  1 
ATOM   30   H  H    . THR A 1 50  ? 7.175   7.529   -3.585  1.00 74.41 ? 3   THR M H    1 
ATOM   31   H  HA   . THR A 1 50  ? 5.612   5.671   -4.812  1.00 74.41 ? 3   THR M HA   1 
ATOM   32   H  HB   . THR A 1 50  ? 8.350   6.186   -5.318  1.00 74.41 ? 3   THR M HB   1 
ATOM   33   H  HG1  . THR A 1 50  ? 7.572   6.891   -7.270  1.00 74.41 ? 3   THR M HG1  1 
ATOM   34   H  HG21 . THR A 1 50  ? 7.970   4.623   -7.157  1.00 74.41 ? 3   THR M HG21 1 
ATOM   35   H  HG22 . THR A 1 50  ? 8.124   3.973   -5.727  1.00 74.41 ? 3   THR M HG22 1 
ATOM   36   H  HG23 . THR A 1 50  ? 6.689   4.163   -6.358  1.00 74.41 ? 3   THR M HG23 1 
ATOM   37   N  N    . VAL A 1 51  ? 6.193   3.749   -3.429  1.00 71.59 ? 4   VAL M N    1 
ATOM   38   C  CA   . VAL A 1 51  ? 6.497   2.611   -2.569  1.00 71.59 ? 4   VAL M CA   1 
ATOM   39   C  C    . VAL A 1 51  ? 6.868   1.436   -3.462  1.00 71.59 ? 4   VAL M C    1 
ATOM   40   O  O    . VAL A 1 51  ? 6.048   0.974   -4.268  1.00 71.59 ? 4   VAL M O    1 
ATOM   41   C  CB   . VAL A 1 51  ? 5.312   2.252   -1.657  1.00 71.59 ? 4   VAL M CB   1 
ATOM   42   C  CG1  . VAL A 1 51  ? 5.675   1.091   -0.743  1.00 71.59 ? 4   VAL M CG1  1 
ATOM   43   C  CG2  . VAL A 1 51  ? 4.882   3.464   -0.843  1.00 71.59 ? 4   VAL M CG2  1 
ATOM   44   H  H    . VAL A 1 51  ? 5.500   3.621   -3.923  1.00 71.59 ? 4   VAL M H    1 
ATOM   45   H  HA   . VAL A 1 51  ? 7.259   2.823   -2.009  1.00 71.59 ? 4   VAL M HA   1 
ATOM   46   H  HB   . VAL A 1 51  ? 4.562   1.978   -2.207  1.00 71.59 ? 4   VAL M HB   1 
ATOM   47   H  HG11 . VAL A 1 51  ? 4.964   0.968   -0.095  1.00 71.59 ? 4   VAL M HG11 1 
ATOM   48   H  HG12 . VAL A 1 51  ? 5.777   0.286   -1.275  1.00 71.59 ? 4   VAL M HG12 1 
ATOM   49   H  HG13 . VAL A 1 51  ? 6.506   1.296   -0.287  1.00 71.59 ? 4   VAL M HG13 1 
ATOM   50   H  HG21 . VAL A 1 51  ? 4.184   3.196   -0.225  1.00 71.59 ? 4   VAL M HG21 1 
ATOM   51   H  HG22 . VAL A 1 51  ? 5.647   3.802   -0.352  1.00 71.59 ? 4   VAL M HG22 1 
ATOM   52   H  HG23 . VAL A 1 51  ? 4.547   4.147   -1.445  1.00 71.59 ? 4   VAL M HG23 1 
ATOM   53   N  N    . LYS A 1 52  ? 8.108   0.969   -3.336  1.00 73.56 ? 5   LYS M N    1 
ATOM   54   C  CA   . LYS A 1 52  ? 8.539   -0.261  -3.988  1.00 73.56 ? 5   LYS M CA   1 
ATOM   55   C  C    . LYS A 1 52  ? 7.972   -1.456  -3.229  1.00 73.56 ? 5   LYS M C    1 
ATOM   56   O  O    . LYS A 1 52  ? 8.182   -1.584  -2.018  1.00 73.56 ? 5   LYS M O    1 
ATOM   57   C  CB   . LYS A 1 52  ? 10.063  -0.331  -4.040  1.00 73.56 ? 5   LYS M CB   1 
ATOM   58   C  CG   . LYS A 1 52  ? 10.707  0.794   -4.836  1.00 73.56 ? 5   LYS M CG   1 
ATOM   59   C  CD   . LYS A 1 52  ? 12.212  0.874   -4.606  1.00 73.56 ? 5   LYS M CD   1 
ATOM   60   C  CE   . LYS A 1 52  ? 12.937  -0.384  -5.065  1.00 73.56 ? 5   LYS M CE   1 
ATOM   61   N  NZ   . LYS A 1 52  ? 12.893  -1.481  -4.056  1.00 73.56 ? 5   LYS M NZ   1 
ATOM   62   H  H    . LYS A 1 52  ? 8.725   1.352   -2.874  1.00 73.56 ? 5   LYS M H    1 
ATOM   63   H  HA   . LYS A 1 52  ? 8.198   -0.284  -4.895  1.00 73.56 ? 5   LYS M HA   1 
ATOM   64   H  HB2  . LYS A 1 52  ? 10.411  -0.293  -3.136  1.00 73.56 ? 5   LYS M HB2  1 
ATOM   65   H  HB3  . LYS A 1 52  ? 10.315  -1.169  -4.456  1.00 73.56 ? 5   LYS M HB3  1 
ATOM   66   H  HG2  . LYS A 1 52  ? 10.554  0.643   -5.781  1.00 73.56 ? 5   LYS M HG2  1 
ATOM   67   H  HG3  . LYS A 1 52  ? 10.316  1.639   -4.566  1.00 73.56 ? 5   LYS M HG3  1 
ATOM   68   H  HD2  . LYS A 1 52  ? 12.569  1.625   -5.104  1.00 73.56 ? 5   LYS M HD2  1 
ATOM   69   H  HD3  . LYS A 1 52  ? 12.383  0.990   -3.659  1.00 73.56 ? 5   LYS M HD3  1 
ATOM   70   H  HE2  . LYS A 1 52  ? 12.521  -0.709  -5.879  1.00 73.56 ? 5   LYS M HE2  1 
ATOM   71   H  HE3  . LYS A 1 52  ? 13.869  -0.169  -5.232  1.00 73.56 ? 5   LYS M HE3  1 
ATOM   72   H  HZ1  . LYS A 1 52  ? 13.586  -2.028  -4.174  1.00 73.56 ? 5   LYS M HZ1  1 
ATOM   73   H  HZ2  . LYS A 1 52  ? 12.931  -1.139  -3.236  1.00 73.56 ? 5   LYS M HZ2  1 
ATOM   74   H  HZ3  . LYS A 1 52  ? 12.141  -1.946  -4.141  1.00 73.56 ? 5   LYS M HZ3  1 
ATOM   75   N  N    . LEU A 1 53  ? 7.254   -2.327  -3.934  1.00 74.10 ? 6   LEU M N    1 
ATOM   76   C  CA   . LEU A 1 53  ? 6.692   -3.530  -3.325  1.00 74.10 ? 6   LEU M CA   1 
ATOM   77   C  C    . LEU A 1 53  ? 7.771   -4.606  -3.299  1.00 74.10 ? 6   LEU M C    1 
ATOM   78   O  O    . LEU A 1 53  ? 7.991   -5.308  -4.288  1.00 74.10 ? 6   LEU M O    1 
ATOM   79   C  CB   . LEU A 1 53  ? 5.462   -3.997  -4.093  1.00 74.10 ? 6   LEU M CB   1 
ATOM   80   C  CG   . LEU A 1 53  ? 4.334   -2.971  -4.229  1.00 74.10 ? 6   LEU M CG   1 
ATOM   81   C  CD1  . LEU A 1 53  ? 3.151   -3.575  -4.965  1.00 74.10 ? 6   LEU M CD1  1 
ATOM   82   C  CD2  . LEU A 1 53  ? 3.909   -2.450  -2.866  1.00 74.10 ? 6   LEU M CD2  1 
ATOM   83   H  H    . LEU A 1 53  ? 7.079   -2.244  -4.771  1.00 74.10 ? 6   LEU M H    1 
ATOM   84   H  HA   . LEU A 1 53  ? 6.432   -3.339  -2.411  1.00 74.10 ? 6   LEU M HA   1 
ATOM   85   H  HB2  . LEU A 1 53  ? 5.736   -4.248  -4.988  1.00 74.10 ? 6   LEU M HB2  1 
ATOM   86   H  HB3  . LEU A 1 53  ? 5.094   -4.771  -3.638  1.00 74.10 ? 6   LEU M HB3  1 
ATOM   87   H  HG   . LEU A 1 53  ? 4.655   -2.218  -4.749  1.00 74.10 ? 6   LEU M HG   1 
ATOM   88   H  HD11 . LEU A 1 53  ? 2.534   -2.867  -5.209  1.00 74.10 ? 6   LEU M HD11 1 
ATOM   89   H  HD12 . LEU A 1 53  ? 3.472   -4.024  -5.762  1.00 74.10 ? 6   LEU M HD12 1 
ATOM   90   H  HD13 . LEU A 1 53  ? 2.710   -4.214  -4.382  1.00 74.10 ? 6   LEU M HD13 1 
ATOM   91   H  HD21 . LEU A 1 53  ? 3.095   -1.931  -2.966  1.00 74.10 ? 6   LEU M HD21 1 
ATOM   92   H  HD22 . LEU A 1 53  ? 3.749   -3.206  -2.280  1.00 74.10 ? 6   LEU M HD22 1 
ATOM   93   H  HD23 . LEU A 1 53  ? 4.616   -1.894  -2.504  1.00 74.10 ? 6   LEU M HD23 1 
ATOM   94   N  N    . GLY A 1 54  ? 8.448   -4.736  -2.161  1.00 71.48 ? 7   GLY M N    1 
ATOM   95   C  CA   . GLY A 1 54  ? 9.479   -5.742  -2.004  1.00 71.48 ? 7   GLY M CA   1 
ATOM   96   C  C    . GLY A 1 54  ? 10.863  -5.225  -2.337  1.00 71.48 ? 7   GLY M C    1 
ATOM   97   O  O    . GLY A 1 54  ? 11.035  -4.458  -3.287  1.00 71.48 ? 7   GLY M O    1 
ATOM   98   H  H    . GLY A 1 54  ? 8.323   -4.249  -1.464  1.00 71.48 ? 7   GLY M H    1 
ATOM   99   H  HA2  . GLY A 1 54  ? 9.483   -6.055  -1.086  1.00 71.48 ? 7   GLY M HA2  1 
ATOM   100  H  HA3  . GLY A 1 54  ? 9.286   -6.496  -2.582  1.00 71.48 ? 7   GLY M HA3  1 
ATOM   101  N  N    . ALA A 1 55  ? 11.857  -5.640  -1.559  1.00 69.81 ? 8   ALA M N    1 
ATOM   102  C  CA   . ALA A 1 55  ? 13.230  -5.237  -1.808  1.00 69.81 ? 8   ALA M CA   1 
ATOM   103  C  C    . ALA A 1 55  ? 13.837  -6.064  -2.939  1.00 69.81 ? 8   ALA M C    1 
ATOM   104  O  O    . ALA A 1 55  ? 13.351  -7.143  -3.288  1.00 69.81 ? 8   ALA M O    1 
ATOM   105  C  CB   . ALA A 1 55  ? 14.072  -5.386  -0.541  1.00 69.81 ? 8   ALA M CB   1 
ATOM   106  H  H    . ALA A 1 55  ? 11.760  -6.158  -0.879  1.00 69.81 ? 8   ALA M H    1 
ATOM   107  H  HA   . ALA A 1 55  ? 13.245  -4.304  -2.074  1.00 69.81 ? 8   ALA M HA   1 
ATOM   108  H  HB1  . ALA A 1 55  ? 14.983  -5.111  -0.733  1.00 69.81 ? 8   ALA M HB1  1 
ATOM   109  H  HB2  . ALA A 1 55  ? 13.696  -4.824  0.155   1.00 69.81 ? 8   ALA M HB2  1 
ATOM   110  H  HB3  . ALA A 1 55  ? 14.059  -6.315  -0.260  1.00 69.81 ? 8   ALA M HB3  1 
ATOM   111  N  N    . ASP A 1 56  ? 14.920  -5.536  -3.514  1.00 69.15 ? 9   ASP M N    1 
ATOM   112  C  CA   . ASP A 1 56  ? 15.623  -6.263  -4.566  1.00 69.15 ? 9   ASP M CA   1 
ATOM   113  C  C    . ASP A 1 56  ? 16.198  -7.575  -4.050  1.00 69.15 ? 9   ASP M C    1 
ATOM   114  O  O    . ASP A 1 56  ? 16.341  -8.535  -4.815  1.00 69.15 ? 9   ASP M O    1 
ATOM   115  C  CB   . ASP A 1 56  ? 16.735  -5.391  -5.152  1.00 69.15 ? 9   ASP M CB   1 
ATOM   116  C  CG   . ASP A 1 56  ? 16.207  -4.115  -5.775  1.00 69.15 ? 9   ASP M CG   1 
ATOM   117  O  OD1  . ASP A 1 56  ? 15.080  -4.135  -6.311  1.00 69.15 ? 9   ASP M OD1  1 
ATOM   118  O  OD2  . ASP A 1 56  ? 16.920  -3.090  -5.729  1.00 69.15 ? 9   ASP M OD2  1 
ATOM   119  H  H    . ASP A 1 56  ? 15.261  -4.773  -3.316  1.00 69.15 ? 9   ASP M H    1 
ATOM   120  H  HA   . ASP A 1 56  ? 14.998  -6.470  -5.279  1.00 69.15 ? 9   ASP M HA   1 
ATOM   121  H  HB2  . ASP A 1 56  ? 17.351  -5.147  -4.444  1.00 69.15 ? 9   ASP M HB2  1 
ATOM   122  H  HB3  . ASP A 1 56  ? 17.200  -5.892  -5.840  1.00 69.15 ? 9   ASP M HB3  1 
ATOM   123  N  N    . SER A 1 57  ? 16.534  -7.634  -2.759  1.00 69.78 ? 10  SER M N    1 
ATOM   124  C  CA   . SER A 1 57  ? 17.082  -8.855  -2.181  1.00 69.78 ? 10  SER M CA   1 
ATOM   125  C  C    . SER A 1 57  ? 16.098  -10.017 -2.234  1.00 69.78 ? 10  SER M C    1 
ATOM   126  O  O    . SER A 1 57  ? 16.511  -11.171 -2.076  1.00 69.78 ? 10  SER M O    1 
ATOM   127  C  CB   . SER A 1 57  ? 17.504  -8.603  -0.732  1.00 69.78 ? 10  SER M CB   1 
ATOM   128  O  OG   . SER A 1 57  ? 16.397  -8.202  0.056   1.00 69.78 ? 10  SER M OG   1 
ATOM   129  H  H    . SER A 1 57  ? 16.452  -6.984  -2.202  1.00 69.78 ? 10  SER M H    1 
ATOM   130  H  HA   . SER A 1 57  ? 17.873  -9.112  -2.681  1.00 69.78 ? 10  SER M HA   1 
ATOM   131  H  HB2  . SER A 1 57  ? 17.873  -9.421  -0.365  1.00 69.78 ? 10  SER M HB2  1 
ATOM   132  H  HB3  . SER A 1 57  ? 18.173  -7.902  -0.717  1.00 69.78 ? 10  SER M HB3  1 
ATOM   133  H  HG   . SER A 1 57  ? 16.643  -8.067  0.848   1.00 69.78 ? 10  SER M HG   1 
ATOM   134  N  N    . GLY A 1 58  ? 14.813  -9.742  -2.452  1.00 68.08 ? 11  GLY M N    1 
ATOM   135  C  CA   . GLY A 1 58  ? 13.777  -10.755 -2.426  1.00 68.08 ? 11  GLY M CA   1 
ATOM   136  C  C    . GLY A 1 58  ? 12.880  -10.692 -1.210  1.00 68.08 ? 11  GLY M C    1 
ATOM   137  O  O    . GLY A 1 58  ? 11.847  -11.374 -1.188  1.00 68.08 ? 11  GLY M O    1 
ATOM   138  H  H    . GLY A 1 58  ? 14.514  -8.954  -2.619  1.00 68.08 ? 11  GLY M H    1 
ATOM   139  H  HA2  . GLY A 1 58  ? 13.220  -10.658 -3.214  1.00 68.08 ? 11  GLY M HA2  1 
ATOM   140  H  HA3  . GLY A 1 58  ? 14.186  -11.634 -2.452  1.00 68.08 ? 11  GLY M HA3  1 
ATOM   141  N  N    . ALA A 1 59  ? 13.234  -9.900  -0.201  1.00 69.28 ? 12  ALA M N    1 
ATOM   142  C  CA   . ALA A 1 59  ? 12.378  -9.754  0.968   1.00 69.28 ? 12  ALA M CA   1 
ATOM   143  C  C    . ALA A 1 59  ? 11.063  -9.093  0.577   1.00 69.28 ? 12  ALA M C    1 
ATOM   144  O  O    . ALA A 1 59  ? 11.036  -8.130  -0.196  1.00 69.28 ? 12  ALA M O    1 
ATOM   145  C  CB   . ALA A 1 59  ? 13.084  -8.929  2.044   1.00 69.28 ? 12  ALA M CB   1 
ATOM   146  H  H    . ALA A 1 59  ? 13.960  -9.441  -0.169  1.00 69.28 ? 12  ALA M H    1 
ATOM   147  H  HA   . ALA A 1 59  ? 12.182  -10.630 1.334   1.00 69.28 ? 12  ALA M HA   1 
ATOM   148  H  HB1  . ALA A 1 59  ? 12.496  -8.841  2.810   1.00 69.28 ? 12  ALA M HB1  1 
ATOM   149  H  HB2  . ALA A 1 59  ? 13.900  -9.384  2.304   1.00 69.28 ? 12  ALA M HB2  1 
ATOM   150  H  HB3  . ALA A 1 59  ? 13.293  -8.053  1.683   1.00 69.28 ? 12  ALA M HB3  1 
ATOM   151  N  N    . LEU A 1 60  ? 9.965   -9.617  1.115   1.00 70.39 ? 13  LEU M N    1 
ATOM   152  C  CA   . LEU A 1 60  ? 8.622   -9.140  0.792   1.00 70.39 ? 13  LEU M CA   1 
ATOM   153  C  C    . LEU A 1 60  ? 8.206   -8.156  1.882   1.00 70.39 ? 13  LEU M C    1 
ATOM   154  O  O    . LEU A 1 60  ? 7.692   -8.540  2.932   1.00 70.39 ? 13  LEU M O    1 
ATOM   155  C  CB   . LEU A 1 60  ? 7.652   -10.311 0.686   1.00 70.39 ? 13  LEU M CB   1 
ATOM   156  C  CG   . LEU A 1 60  ? 8.152   -11.480 -0.168  1.00 70.39 ? 13  LEU M CG   1 
ATOM   157  C  CD1  . LEU A 1 60  ? 7.213   -12.671 -0.079  1.00 70.39 ? 13  LEU M CD1  1 
ATOM   158  C  CD2  . LEU A 1 60  ? 8.324   -11.041 -1.610  1.00 70.39 ? 13  LEU M CD2  1 
ATOM   159  H  H    . LEU A 1 60  ? 9.973   -10.264 1.682   1.00 70.39 ? 13  LEU M H    1 
ATOM   160  H  HA   . LEU A 1 60  ? 8.635   -8.673  -0.057  1.00 70.39 ? 13  LEU M HA   1 
ATOM   161  H  HB2  . LEU A 1 60  ? 7.480   -10.652 1.577   1.00 70.39 ? 13  LEU M HB2  1 
ATOM   162  H  HB3  . LEU A 1 60  ? 6.824   -9.993  0.293   1.00 70.39 ? 13  LEU M HB3  1 
ATOM   163  H  HG   . LEU A 1 60  ? 9.018   -11.765 0.161   1.00 70.39 ? 13  LEU M HG   1 
ATOM   164  H  HD11 . LEU A 1 60  ? 6.716   -12.743 -0.908  1.00 70.39 ? 13  LEU M HD11 1 
ATOM   165  H  HD12 . LEU A 1 60  ? 7.738   -13.474 0.062   1.00 70.39 ? 13  LEU M HD12 1 
ATOM   166  H  HD13 . LEU A 1 60  ? 6.604   -12.542 0.666   1.00 70.39 ? 13  LEU M HD13 1 
ATOM   167  H  HD21 . LEU A 1 60  ? 8.524   -11.819 -2.155  1.00 70.39 ? 13  LEU M HD21 1 
ATOM   168  H  HD22 . LEU A 1 60  ? 7.501   -10.627 -1.913  1.00 70.39 ? 13  LEU M HD22 1 
ATOM   169  H  HD23 . LEU A 1 60  ? 9.054   -10.404 -1.661  1.00 70.39 ? 13  LEU M HD23 1 
ATOM   170  N  N    . GLU A 1 61  ? 8.436   -6.871  1.621   1.00 71.44 ? 14  GLU M N    1 
ATOM   171  C  CA   . GLU A 1 61  ? 8.115   -5.824  2.578   1.00 71.44 ? 14  GLU M CA   1 
ATOM   172  C  C    . GLU A 1 61  ? 7.758   -4.550  1.828   1.00 71.44 ? 14  GLU M C    1 
ATOM   173  O  O    . GLU A 1 61  ? 8.238   -4.311  0.717   1.00 71.44 ? 14  GLU M O    1 
ATOM   174  C  CB   . GLU A 1 61  ? 9.283   -5.563  3.538   1.00 71.44 ? 14  GLU M CB   1 
ATOM   175  C  CG   . GLU A 1 61  ? 10.583  -5.189  2.847   1.00 71.44 ? 14  GLU M CG   1 
ATOM   176  C  CD   . GLU A 1 61  ? 11.703  -4.902  3.828   1.00 71.44 ? 14  GLU M CD   1 
ATOM   177  O  OE1  . GLU A 1 61  ? 11.434  -4.877  5.048   1.00 71.44 ? 14  GLU M OE1  1 
ATOM   178  O  OE2  . GLU A 1 61  ? 12.852  -4.703  3.380   1.00 71.44 ? 14  GLU M OE2  1 
ATOM   179  H  H    . GLU A 1 61  ? 8.780   -6.580  0.889   1.00 71.44 ? 14  GLU M H    1 
ATOM   180  H  HA   . GLU A 1 61  ? 7.345   -6.093  3.103   1.00 71.44 ? 14  GLU M HA   1 
ATOM   181  H  HB2  . GLU A 1 61  ? 9.041   -4.834  4.129   1.00 71.44 ? 14  GLU M HB2  1 
ATOM   182  H  HB3  . GLU A 1 61  ? 9.444   -6.366  4.057   1.00 71.44 ? 14  GLU M HB3  1 
ATOM   183  H  HG2  . GLU A 1 61  ? 10.863  -5.923  2.278   1.00 71.44 ? 14  GLU M HG2  1 
ATOM   184  H  HG3  . GLU A 1 61  ? 10.442  -4.392  2.313   1.00 71.44 ? 14  GLU M HG3  1 
ATOM   185  N  N    . PHE A 1 62  ? 6.911   -3.734  2.451   1.00 70.66 ? 15  PHE M N    1 
ATOM   186  C  CA   . PHE A 1 62  ? 6.607   -2.410  1.927   1.00 70.66 ? 15  PHE M CA   1 
ATOM   187  C  C    . PHE A 1 62  ? 7.765   -1.469  2.234   1.00 70.66 ? 15  PHE M C    1 
ATOM   188  O  O    . PHE A 1 62  ? 8.170   -1.327  3.391   1.00 70.66 ? 15  PHE M O    1 
ATOM   189  C  CB   . PHE A 1 62  ? 5.314   -1.871  2.534   1.00 70.66 ? 15  PHE M CB   1 
ATOM   190  C  CG   . PHE A 1 62  ? 4.072   -2.492  1.964   1.00 70.66 ? 15  PHE M CG   1 
ATOM   191  C  CD1  . PHE A 1 62  ? 3.641   -2.162  0.691   1.00 70.66 ? 15  PHE M CD1  1 
ATOM   192  C  CD2  . PHE A 1 62  ? 3.328   -3.394  2.705   1.00 70.66 ? 15  PHE M CD2  1 
ATOM   193  C  CE1  . PHE A 1 62  ? 2.498   -2.727  0.164   1.00 70.66 ? 15  PHE M CE1  1 
ATOM   194  C  CE2  . PHE A 1 62  ? 2.182   -3.961  2.182   1.00 70.66 ? 15  PHE M CE2  1 
ATOM   195  C  CZ   . PHE A 1 62  ? 1.766   -3.627  0.910   1.00 70.66 ? 15  PHE M CZ   1 
ATOM   196  H  H    . PHE A 1 62  ? 6.498   -3.927  3.180   1.00 70.66 ? 15  PHE M H    1 
ATOM   197  H  HA   . PHE A 1 62  ? 6.499   -2.461  0.964   1.00 70.66 ? 15  PHE M HA   1 
ATOM   198  H  HB2  . PHE A 1 62  ? 5.320   -2.044  3.488   1.00 70.66 ? 15  PHE M HB2  1 
ATOM   199  H  HB3  . PHE A 1 62  ? 5.268   -0.916  2.373   1.00 70.66 ? 15  PHE M HB3  1 
ATOM   200  H  HD1  . PHE A 1 62  ? 4.131   -1.556  0.183   1.00 70.66 ? 15  PHE M HD1  1 
ATOM   201  H  HD2  . PHE A 1 62  ? 3.605   -3.623  3.562   1.00 70.66 ? 15  PHE M HD2  1 
ATOM   202  H  HE1  . PHE A 1 62  ? 2.219   -2.500  -0.694  1.00 70.66 ? 15  PHE M HE1  1 
ATOM   203  H  HE2  . PHE A 1 62  ? 1.692   -4.569  2.688   1.00 70.66 ? 15  PHE M HE2  1 
ATOM   204  H  HZ   . PHE A 1 62  ? 0.996   -4.009  0.557   1.00 70.66 ? 15  PHE M HZ   1 
ATOM   205  N  N    . VAL A 1 63  ? 8.290   -0.827  1.200   1.00 69.88 ? 16  VAL M N    1 
ATOM   206  C  CA   . VAL A 1 63  ? 9.471   0.017   1.305   1.00 69.88 ? 16  VAL M CA   1 
ATOM   207  C  C    . VAL A 1 63  ? 9.090   1.428   0.867   1.00 69.88 ? 16  VAL M C    1 
ATOM   208  O  O    . VAL A 1 63  ? 8.933   1.698   -0.324  1.00 69.88 ? 16  VAL M O    1 
ATOM   209  C  CB   . VAL A 1 63  ? 10.631  -0.530  0.454   1.00 69.88 ? 16  VAL M CB   1 
ATOM   210  C  CG1  . VAL A 1 63  ? 11.870  0.339   0.616   1.00 69.88 ? 16  VAL M CG1  1 
ATOM   211  C  CG2  . VAL A 1 63  ? 10.930  -1.974  0.831   1.00 69.88 ? 16  VAL M CG2  1 
ATOM   212  H  H    . VAL A 1 63  ? 7.971   -0.866  0.402   1.00 69.88 ? 16  VAL M H    1 
ATOM   213  H  HA   . VAL A 1 63  ? 9.773   0.022   2.223   1.00 69.88 ? 16  VAL M HA   1 
ATOM   214  H  HB   . VAL A 1 63  ? 10.372  -0.512  -0.480  1.00 69.88 ? 16  VAL M HB   1 
ATOM   215  H  HG11 . VAL A 1 63  ? 12.622  -0.105  0.192   1.00 69.88 ? 16  VAL M HG11 1 
ATOM   216  H  HG12 . VAL A 1 63  ? 11.713  1.198   0.195   1.00 69.88 ? 16  VAL M HG12 1 
ATOM   217  H  HG13 . VAL A 1 63  ? 12.048  0.459   1.562   1.00 69.88 ? 16  VAL M HG13 1 
ATOM   218  H  HG21 . VAL A 1 63  ? 11.713  -2.271  0.340   1.00 69.88 ? 16  VAL M HG21 1 
ATOM   219  H  HG22 . VAL A 1 63  ? 11.099  -2.022  1.785   1.00 69.88 ? 16  VAL M HG22 1 
ATOM   220  H  HG23 . VAL A 1 63  ? 10.167  -2.526  0.600   1.00 69.88 ? 16  VAL M HG23 1 
ATOM   221  N  N    . PRO A 1 64  ? 8.928   2.370   1.815   1.00 70.23 ? 17  PRO M N    1 
ATOM   222  C  CA   . PRO A 1 64  ? 9.087   2.209   3.267   1.00 70.23 ? 17  PRO M CA   1 
ATOM   223  C  C    . PRO A 1 64  ? 7.842   1.623   3.926   1.00 70.23 ? 17  PRO M C    1 
ATOM   224  O  O    . PRO A 1 64  ? 6.748   1.739   3.377   1.00 70.23 ? 17  PRO M O    1 
ATOM   225  C  CB   . PRO A 1 64  ? 9.330   3.639   3.744   1.00 70.23 ? 17  PRO M CB   1 
ATOM   226  C  CG   . PRO A 1 64  ? 8.555   4.472   2.789   1.00 70.23 ? 17  PRO M CG   1 
ATOM   227  C  CD   . PRO A 1 64  ? 8.627   3.768   1.456   1.00 70.23 ? 17  PRO M CD   1 
ATOM   228  H  HA   . PRO A 1 64  ? 9.863   1.671   3.482   1.00 70.23 ? 17  PRO M HA   1 
ATOM   229  H  HB2  . PRO A 1 64  ? 8.996   3.746   4.648   1.00 70.23 ? 17  PRO M HB2  1 
ATOM   230  H  HB3  . PRO A 1 64  ? 10.277  3.846   3.697   1.00 70.23 ? 17  PRO M HB3  1 
ATOM   231  H  HG2  . PRO A 1 64  ? 7.636   4.537   3.089   1.00 70.23 ? 17  PRO M HG2  1 
ATOM   232  H  HG3  . PRO A 1 64  ? 8.957   5.353   2.729   1.00 70.23 ? 17  PRO M HG3  1 
ATOM   233  H  HD2  . PRO A 1 64  ? 7.773   3.823   1.000   1.00 70.23 ? 17  PRO M HD2  1 
ATOM   234  H  HD3  . PRO A 1 64  ? 9.343   4.138   0.918   1.00 70.23 ? 17  PRO M HD3  1 
ATOM   235  N  N    . LYS A 1 65  ? 8.012   0.999   5.093   1.00 72.40 ? 18  LYS M N    1 
ATOM   236  C  CA   . LYS A 1 65  ? 6.866   0.415   5.784   1.00 72.40 ? 18  LYS M CA   1 
ATOM   237  C  C    . LYS A 1 65  ? 5.935   1.498   6.312   1.00 72.40 ? 18  LYS M C    1 
ATOM   238  O  O    . LYS A 1 65  ? 4.715   1.429   6.125   1.00 72.40 ? 18  LYS M O    1 
ATOM   239  C  CB   . LYS A 1 65  ? 7.348   -0.486  6.922   1.00 72.40 ? 18  LYS M CB   1 
ATOM   240  C  CG   . LYS A 1 65  ? 6.225   -1.118  7.727   1.00 72.40 ? 18  LYS M CG   1 
ATOM   241  C  CD   . LYS A 1 65  ? 6.757   -2.129  8.729   1.00 72.40 ? 18  LYS M CD   1 
ATOM   242  C  CE   . LYS A 1 65  ? 5.626   -2.790  9.500   1.00 72.40 ? 18  LYS M CE   1 
ATOM   243  N  NZ   . LYS A 1 65  ? 6.125   -3.796  10.477  1.00 72.40 ? 18  LYS M NZ   1 
ATOM   244  H  H    . LYS A 1 65  ? 8.764   0.903   5.498   1.00 72.40 ? 18  LYS M H    1 
ATOM   245  H  HA   . LYS A 1 65  ? 6.366   -0.132  5.159   1.00 72.40 ? 18  LYS M HA   1 
ATOM   246  H  HB2  . LYS A 1 65  ? 7.883   -1.203  6.546   1.00 72.40 ? 18  LYS M HB2  1 
ATOM   247  H  HB3  . LYS A 1 65  ? 7.888   0.043   7.530   1.00 72.40 ? 18  LYS M HB3  1 
ATOM   248  H  HG2  . LYS A 1 65  ? 5.753   -0.428  8.217   1.00 72.40 ? 18  LYS M HG2  1 
ATOM   249  H  HG3  . LYS A 1 65  ? 5.620   -1.577  7.125   1.00 72.40 ? 18  LYS M HG3  1 
ATOM   250  H  HD2  . LYS A 1 65  ? 7.249   -2.819  8.258   1.00 72.40 ? 18  LYS M HD2  1 
ATOM   251  H  HD3  . LYS A 1 65  ? 7.335   -1.677  9.364   1.00 72.40 ? 18  LYS M HD3  1 
ATOM   252  H  HE2  . LYS A 1 65  ? 5.136   -2.111  9.989   1.00 72.40 ? 18  LYS M HE2  1 
ATOM   253  H  HE3  . LYS A 1 65  ? 5.039   -3.241  8.875   1.00 72.40 ? 18  LYS M HE3  1 
ATOM   254  H  HZ1  . LYS A 1 65  ? 5.441   -4.164  10.910  1.00 72.40 ? 18  LYS M HZ1  1 
ATOM   255  H  HZ2  . LYS A 1 65  ? 6.577   -4.435  10.052  1.00 72.40 ? 18  LYS M HZ2  1 
ATOM   256  H  HZ3  . LYS A 1 65  ? 6.665   -3.404  11.067  1.00 72.40 ? 18  LYS M HZ3  1 
ATOM   257  N  N    . THR A 1 66  ? 6.493   2.508   6.977   1.00 73.91 ? 19  THR M N    1 
ATOM   258  C  CA   . THR A 1 66  ? 5.738   3.659   7.462   1.00 73.91 ? 19  THR M CA   1 
ATOM   259  C  C    . THR A 1 66  ? 6.055   4.847   6.563   1.00 73.91 ? 19  THR M C    1 
ATOM   260  O  O    . THR A 1 66  ? 7.177   5.363   6.583   1.00 73.91 ? 19  THR M O    1 
ATOM   261  C  CB   . THR A 1 66  ? 6.078   3.966   8.919   1.00 73.91 ? 19  THR M CB   1 
ATOM   262  O  OG1  . THR A 1 66  ? 5.821   2.812   9.727   1.00 73.91 ? 19  THR M OG1  1 
ATOM   263  C  CG2  . THR A 1 66  ? 5.243   5.133   9.430   1.00 73.91 ? 19  THR M CG2  1 
ATOM   264  H  H    . THR A 1 66  ? 7.331   2.550   7.163   1.00 73.91 ? 19  THR M H    1 
ATOM   265  H  HA   . THR A 1 66  ? 4.787   3.475   7.403   1.00 73.91 ? 19  THR M HA   1 
ATOM   266  H  HB   . THR A 1 66  ? 7.015   4.206   8.988   1.00 73.91 ? 19  THR M HB   1 
ATOM   267  H  HG1  . THR A 1 66  ? 6.010   2.974   10.530  1.00 73.91 ? 19  THR M HG1  1 
ATOM   268  H  HG21 . THR A 1 66  ? 5.364   5.232   10.387  1.00 73.91 ? 19  THR M HG21 1 
ATOM   269  H  HG22 . THR A 1 66  ? 5.515   5.955   8.993   1.00 73.91 ? 19  THR M HG22 1 
ATOM   270  H  HG23 . THR A 1 66  ? 4.304   4.973   9.247   1.00 73.91 ? 19  THR M HG23 1 
ATOM   271  N  N    . LEU A 1 67  ? 5.073   5.276   5.778   1.00 74.25 ? 20  LEU M N    1 
ATOM   272  C  CA   . LEU A 1 67  ? 5.216   6.421   4.891   1.00 74.25 ? 20  LEU M CA   1 
ATOM   273  C  C    . LEU A 1 67  ? 4.313   7.552   5.363   1.00 74.25 ? 20  LEU M C    1 
ATOM   274  O  O    . LEU A 1 67  ? 3.170   7.317   5.767   1.00 74.25 ? 20  LEU M O    1 
ATOM   275  C  CB   . LEU A 1 67  ? 4.869   6.039   3.449   1.00 74.25 ? 20  LEU M CB   1 
ATOM   276  C  CG   . LEU A 1 67  ? 5.049   7.129   2.390   1.00 74.25 ? 20  LEU M CG   1 
ATOM   277  C  CD1  . LEU A 1 67  ? 6.503   7.568   2.300   1.00 74.25 ? 20  LEU M CD1  1 
ATOM   278  C  CD2  . LEU A 1 67  ? 4.552   6.637   1.041   1.00 74.25 ? 20  LEU M CD2  1 
ATOM   279  H  H    . LEU A 1 67  ? 4.295   4.910   5.742   1.00 74.25 ? 20  LEU M H    1 
ATOM   280  H  HA   . LEU A 1 67  ? 6.133   6.733   4.912   1.00 74.25 ? 20  LEU M HA   1 
ATOM   281  H  HB2  . LEU A 1 67  ? 5.430   5.292   3.189   1.00 74.25 ? 20  LEU M HB2  1 
ATOM   282  H  HB3  . LEU A 1 67  ? 3.939   5.764   3.424   1.00 74.25 ? 20  LEU M HB3  1 
ATOM   283  H  HG   . LEU A 1 67  ? 4.518   7.902   2.639   1.00 74.25 ? 20  LEU M HG   1 
ATOM   284  H  HD11 . LEU A 1 67  ? 6.601   8.182   1.557   1.00 74.25 ? 20  LEU M HD11 1 
ATOM   285  H  HD12 . LEU A 1 67  ? 6.752   8.008   3.128   1.00 74.25 ? 20  LEU M HD12 1 
ATOM   286  H  HD13 . LEU A 1 67  ? 7.060   6.786   2.159   1.00 74.25 ? 20  LEU M HD13 1 
ATOM   287  H  HD21 . LEU A 1 67  ? 4.702   7.330   0.380   1.00 74.25 ? 20  LEU M HD21 1 
ATOM   288  H  HD22 . LEU A 1 67  ? 5.041   5.835   0.798   1.00 74.25 ? 20  LEU M HD22 1 
ATOM   289  H  HD23 . LEU A 1 67  ? 3.605   6.442   1.106   1.00 74.25 ? 20  LEU M HD23 1 
ATOM   290  N  N    . THR A 1 68  ? 4.832   8.774   5.317   1.00 74.93 ? 21  THR M N    1 
ATOM   291  C  CA   . THR A 1 68  ? 4.064   9.969   5.640   1.00 74.93 ? 21  THR M CA   1 
ATOM   292  C  C    . THR A 1 68  ? 3.893   10.808  4.382   1.00 74.93 ? 21  THR M C    1 
ATOM   293  O  O    . THR A 1 68  ? 4.878   11.138  3.713   1.00 74.93 ? 21  THR M O    1 
ATOM   294  C  CB   . THR A 1 68  ? 4.755   10.789  6.733   1.00 74.93 ? 21  THR M CB   1 
ATOM   295  O  OG1  . THR A 1 68  ? 4.957   9.972   7.893   1.00 74.93 ? 21  THR M OG1  1 
ATOM   296  C  CG2  . THR A 1 68  ? 3.911   11.999  7.111   1.00 74.93 ? 21  THR M CG2  1 
ATOM   297  H  H    . THR A 1 68  ? 5.646   8.941   5.096   1.00 74.93 ? 21  THR M H    1 
ATOM   298  H  HA   . THR A 1 68  ? 3.184   9.715   5.960   1.00 74.93 ? 21  THR M HA   1 
ATOM   299  H  HB   . THR A 1 68  ? 5.613   11.103  6.407   1.00 74.93 ? 21  THR M HB   1 
ATOM   300  H  HG1  . THR A 1 68  ? 5.335   10.418  8.496   1.00 74.93 ? 21  THR M HG1  1 
ATOM   301  H  HG21 . THR A 1 68  ? 4.276   12.420  7.905   1.00 74.93 ? 21  THR M HG21 1 
ATOM   302  H  HG22 . THR A 1 68  ? 3.910   12.644  6.387   1.00 74.93 ? 21  THR M HG22 1 
ATOM   303  H  HG23 . THR A 1 68  ? 3.000   11.724  7.292   1.00 74.93 ? 21  THR M HG23 1 
ATOM   304  N  N    . ILE A 1 69  ? 2.646   11.148  4.064   1.00 73.93 ? 22  ILE M N    1 
ATOM   305  C  CA   . ILE A 1 69  ? 2.320   12.007  2.938   1.00 73.93 ? 22  ILE M CA   1 
ATOM   306  C  C    . ILE A 1 69  ? 1.392   13.117  3.424   1.00 73.93 ? 22  ILE M C    1 
ATOM   307  O  O    . ILE A 1 69  ? 0.987   13.151  4.585   1.00 73.93 ? 22  ILE M O    1 
ATOM   308  C  CB   . ILE A 1 69  ? 1.682   11.222  1.772   1.00 73.93 ? 22  ILE M CB   1 
ATOM   309  C  CG1  . ILE A 1 69  ? 0.441   10.463  2.251   1.00 73.93 ? 22  ILE M CG1  1 
ATOM   310  C  CG2  . ILE A 1 69  ? 2.696   10.264  1.165   1.00 73.93 ? 22  ILE M CG2  1 
ATOM   311  C  CD1  . ILE A 1 69  ? -0.245  9.664   1.161   1.00 73.93 ? 22  ILE M CD1  1 
ATOM   312  H  H    . ILE A 1 69  ? 1.955   10.884  4.502   1.00 73.93 ? 22  ILE M H    1 
ATOM   313  H  HA   . ILE A 1 69  ? 3.132   12.421  2.609   1.00 73.93 ? 22  ILE M HA   1 
ATOM   314  H  HB   . ILE A 1 69  ? 1.410   11.854  1.088   1.00 73.93 ? 22  ILE M HB   1 
ATOM   315  H  HG12 . ILE A 1 69  ? 0.703   9.844   2.951   1.00 73.93 ? 22  ILE M HG12 1 
ATOM   316  H  HG13 . ILE A 1 69  ? -0.203  11.100  2.598   1.00 73.93 ? 22  ILE M HG13 1 
ATOM   317  H  HG21 . ILE A 1 69  ? 2.349   9.922   0.327   1.00 73.93 ? 22  ILE M HG21 1 
ATOM   318  H  HG22 . ILE A 1 69  ? 3.525   10.743  1.007   1.00 73.93 ? 22  ILE M HG22 1 
ATOM   319  H  HG23 . ILE A 1 69  ? 2.850   9.534   1.784   1.00 73.93 ? 22  ILE M HG23 1 
ATOM   320  H  HD11 . ILE A 1 69  ? -1.076  9.303   1.506   1.00 73.93 ? 22  ILE M HD11 1 
ATOM   321  H  HD12 . ILE A 1 69  ? -0.427  10.250  0.408   1.00 73.93 ? 22  ILE M HD12 1 
ATOM   322  H  HD13 . ILE A 1 69  ? 0.339   8.940   0.884   1.00 73.93 ? 22  ILE M HD13 1 
ATOM   323  N  N    . LYS A 1 70  ? 1.060   14.025  2.515   1.00 74.52 ? 23  LYS M N    1 
ATOM   324  C  CA   . LYS A 1 70  ? 0.129   15.109  2.783   1.00 74.52 ? 23  LYS M CA   1 
ATOM   325  C  C    . LYS A 1 70  ? -1.226  14.800  2.154   1.00 74.52 ? 23  LYS M C    1 
ATOM   326  O  O    . LYS A 1 70  ? -1.375  13.869  1.360   1.00 74.52 ? 23  LYS M O    1 
ATOM   327  C  CB   . LYS A 1 70  ? 0.679   16.434  2.246   1.00 74.52 ? 23  LYS M CB   1 
ATOM   328  C  CG   . LYS A 1 70  ? 2.056   16.792  2.781   1.00 74.52 ? 23  LYS M CG   1 
ATOM   329  C  CD   . LYS A 1 70  ? 2.555   18.102  2.194   1.00 74.52 ? 23  LYS M CD   1 
ATOM   330  C  CE   . LYS A 1 70  ? 3.950   18.442  2.696   1.00 74.52 ? 23  LYS M CE   1 
ATOM   331  N  NZ   . LYS A 1 70  ? 4.956   17.421  2.298   1.00 74.52 ? 23  LYS M NZ   1 
ATOM   332  H  H    . LYS A 1 70  ? 1.370   14.033  1.714   1.00 74.52 ? 23  LYS M H    1 
ATOM   333  H  HA   . LYS A 1 70  ? 0.005   15.198  3.740   1.00 74.52 ? 23  LYS M HA   1 
ATOM   334  H  HB2  . LYS A 1 70  ? 0.742   16.377  1.280   1.00 74.52 ? 23  LYS M HB2  1 
ATOM   335  H  HB3  . LYS A 1 70  ? 0.070   17.147  2.493   1.00 74.52 ? 23  LYS M HB3  1 
ATOM   336  H  HG2  . LYS A 1 70  ? 2.010   16.888  3.745   1.00 74.52 ? 23  LYS M HG2  1 
ATOM   337  H  HG3  . LYS A 1 70  ? 2.684   16.092  2.543   1.00 74.52 ? 23  LYS M HG3  1 
ATOM   338  H  HD2  . LYS A 1 70  ? 2.590   18.027  1.228   1.00 74.52 ? 23  LYS M HD2  1 
ATOM   339  H  HD3  . LYS A 1 70  ? 1.955   18.818  2.454   1.00 74.52 ? 23  LYS M HD3  1 
ATOM   340  H  HE2  . LYS A 1 70  ? 4.222   19.296  2.324   1.00 74.52 ? 23  LYS M HE2  1 
ATOM   341  H  HE3  . LYS A 1 70  ? 3.936   18.491  3.666   1.00 74.52 ? 23  LYS M HE3  1 
ATOM   342  H  HZ1  . LYS A 1 70  ? 5.766   17.668  2.575   1.00 74.52 ? 23  LYS M HZ1  1 
ATOM   343  H  HZ2  . LYS A 1 70  ? 4.753   16.634  2.663   1.00 74.52 ? 23  LYS M HZ2  1 
ATOM   344  H  HZ3  . LYS A 1 70  ? 4.969   17.335  1.413   1.00 74.52 ? 23  LYS M HZ3  1 
ATOM   345  N  N    . SER A 1 71  ? -2.224  15.599  2.522   1.00 74.32 ? 24  SER M N    1 
ATOM   346  C  CA   . SER A 1 71  ? -3.556  15.418  1.963   1.00 74.32 ? 24  SER M CA   1 
ATOM   347  C  C    . SER A 1 71  ? -3.531  15.660  0.460   1.00 74.32 ? 24  SER M C    1 
ATOM   348  O  O    . SER A 1 71  ? -3.036  16.688  -0.010  1.00 74.32 ? 24  SER M O    1 
ATOM   349  C  CB   . SER A 1 71  ? -4.547  16.365  2.637   1.00 74.32 ? 24  SER M CB   1 
ATOM   350  O  OG   . SER A 1 71  ? -5.856  16.179  2.129   1.00 74.32 ? 24  SER M OG   1 
ATOM   351  H  H    . SER A 1 71  ? -2.156  16.246  3.085   1.00 74.32 ? 24  SER M H    1 
ATOM   352  H  HA   . SER A 1 71  ? -3.850  14.507  2.121   1.00 74.32 ? 24  SER M HA   1 
ATOM   353  H  HB2  . SER A 1 71  ? -4.553  16.190  3.591   1.00 74.32 ? 24  SER M HB2  1 
ATOM   354  H  HB3  . SER A 1 71  ? -4.272  17.281  2.471   1.00 74.32 ? 24  SER M HB3  1 
ATOM   355  H  HG   . SER A 1 71  ? -6.108  15.389  2.267   1.00 74.32 ? 24  SER M HG   1 
ATOM   356  N  N    . GLY A 1 72  ? -4.069  14.706  -0.294  1.00 73.57 ? 25  GLY M N    1 
ATOM   357  C  CA   . GLY A 1 72  ? -4.162  14.816  -1.733  1.00 73.57 ? 25  GLY M CA   1 
ATOM   358  C  C    . GLY A 1 72  ? -2.959  14.305  -2.495  1.00 73.57 ? 25  GLY M C    1 
ATOM   359  O  O    . GLY A 1 72  ? -2.975  14.333  -3.733  1.00 73.57 ? 25  GLY M O    1 
ATOM   360  H  H    . GLY A 1 72  ? -4.392  13.972  0.017   1.00 73.57 ? 25  GLY M H    1 
ATOM   361  H  HA2  . GLY A 1 72  ? -4.938  14.319  -2.036  1.00 73.57 ? 25  GLY M HA2  1 
ATOM   362  H  HA3  . GLY A 1 72  ? -4.292  15.747  -1.969  1.00 73.57 ? 25  GLY M HA3  1 
ATOM   363  N  N    . GLU A 1 73  ? -1.921  13.840  -1.806  1.00 75.54 ? 26  GLU M N    1 
ATOM   364  C  CA   . GLU A 1 73  ? -0.770  13.254  -2.475  1.00 75.54 ? 26  GLU M CA   1 
ATOM   365  C  C    . GLU A 1 73  ? -1.103  11.856  -2.979  1.00 75.54 ? 26  GLU M C    1 
ATOM   366  O  O    . GLU A 1 73  ? -1.858  11.108  -2.351  1.00 75.54 ? 26  GLU M O    1 
ATOM   367  C  CB   . GLU A 1 73  ? 0.434   13.195  -1.535  1.00 75.54 ? 26  GLU M CB   1 
ATOM   368  C  CG   . GLU A 1 73  ? 1.055   14.550  -1.244  1.00 75.54 ? 26  GLU M CG   1 
ATOM   369  C  CD   . GLU A 1 73  ? 2.396   14.439  -0.546  1.00 75.54 ? 26  GLU M CD   1 
ATOM   370  O  OE1  . GLU A 1 73  ? 2.858   13.301  -0.318  1.00 75.54 ? 26  GLU M OE1  1 
ATOM   371  O  OE2  . GLU A 1 73  ? 2.990   15.490  -0.225  1.00 75.54 ? 26  GLU M OE2  1 
ATOM   372  H  H    . GLU A 1 73  ? -1.861  13.853  -0.948  1.00 75.54 ? 26  GLU M H    1 
ATOM   373  H  HA   . GLU A 1 73  ? -0.532  13.803  -3.238  1.00 75.54 ? 26  GLU M HA   1 
ATOM   374  H  HB2  . GLU A 1 73  ? 0.153   12.810  -0.691  1.00 75.54 ? 26  GLU M HB2  1 
ATOM   375  H  HB3  . GLU A 1 73  ? 1.117   12.637  -1.940  1.00 75.54 ? 26  GLU M HB3  1 
ATOM   376  H  HG2  . GLU A 1 73  ? 1.189   15.024  -2.080  1.00 75.54 ? 26  GLU M HG2  1 
ATOM   377  H  HG3  . GLU A 1 73  ? 0.458   15.055  -0.670  1.00 75.54 ? 26  GLU M HG3  1 
ATOM   378  N  N    . THR A 1 74  ? -0.530  11.507  -4.127  1.00 74.78 ? 27  THR M N    1 
ATOM   379  C  CA   . THR A 1 74  ? -0.755  10.203  -4.730  1.00 74.78 ? 27  THR M CA   1 
ATOM   380  C  C    . THR A 1 74  ? 0.357   9.247   -4.320  1.00 74.78 ? 27  THR M C    1 
ATOM   381  O  O    . THR A 1 74  ? 1.542   9.594   -4.386  1.00 74.78 ? 27  THR M O    1 
ATOM   382  C  CB   . THR A 1 74  ? -0.815  10.315  -6.254  1.00 74.78 ? 27  THR M CB   1 
ATOM   383  O  OG1  . THR A 1 74  ? -1.721  11.361  -6.625  1.00 74.78 ? 27  THR M OG1  1 
ATOM   384  C  CG2  . THR A 1 74  ? -1.281  9.003   -6.871  1.00 74.78 ? 27  THR M CG2  1 
ATOM   385  H  H    . THR A 1 74  ? -0.001  12.014  -4.577  1.00 74.78 ? 27  THR M H    1 
ATOM   386  H  HA   . THR A 1 74  ? -1.599  9.842   -4.418  1.00 74.78 ? 27  THR M HA   1 
ATOM   387  H  HB   . THR A 1 74  ? 0.069   10.516  -6.598  1.00 74.78 ? 27  THR M HB   1 
ATOM   388  H  HG1  . THR A 1 74  ? -1.758  11.426  -7.462  1.00 74.78 ? 27  THR M HG1  1 
ATOM   389  H  HG21 . THR A 1 74  ? -1.393  9.109   -7.829  1.00 74.78 ? 27  THR M HG21 1 
ATOM   390  H  HG22 . THR A 1 74  ? -0.628  8.306   -6.705  1.00 74.78 ? 27  THR M HG22 1 
ATOM   391  H  HG23 . THR A 1 74  ? -2.131  8.739   -6.483  1.00 74.78 ? 27  THR M HG23 1 
ATOM   392  N  N    . VAL A 1 75  ? -0.029  8.050   -3.891  1.00 73.04 ? 28  VAL M N    1 
ATOM   393  C  CA   . VAL A 1 75  ? 0.906   6.971   -3.605  1.00 73.04 ? 28  VAL M CA   1 
ATOM   394  C  C    . VAL A 1 75  ? 0.954   6.063   -4.825  1.00 73.04 ? 28  VAL M C    1 
ATOM   395  O  O    . VAL A 1 75  ? -0.086  5.576   -5.290  1.00 73.04 ? 28  VAL M O    1 
ATOM   396  C  CB   . VAL A 1 75  ? 0.496   6.191   -2.347  1.00 73.04 ? 28  VAL M CB   1 
ATOM   397  C  CG1  . VAL A 1 75  ? 1.581   5.195   -1.963  1.00 73.04 ? 28  VAL M CG1  1 
ATOM   398  C  CG2  . VAL A 1 75  ? 0.208   7.147   -1.200  1.00 73.04 ? 28  VAL M CG2  1 
ATOM   399  H  H    . VAL A 1 75  ? -0.851  7.834   -3.756  1.00 73.04 ? 28  VAL M H    1 
ATOM   400  H  HA   . VAL A 1 75  ? 1.791   7.339   -3.460  1.00 73.04 ? 28  VAL M HA   1 
ATOM   401  H  HB   . VAL A 1 75  ? -0.316  5.693   -2.534  1.00 73.04 ? 28  VAL M HB   1 
ATOM   402  H  HG11 . VAL A 1 75  ? 1.352   4.793   -1.111  1.00 73.04 ? 28  VAL M HG11 1 
ATOM   403  H  HG12 . VAL A 1 75  ? 1.639   4.509   -2.648  1.00 73.04 ? 28  VAL M HG12 1 
ATOM   404  H  HG13 . VAL A 1 75  ? 2.427   5.664   -1.891  1.00 73.04 ? 28  VAL M HG13 1 
ATOM   405  H  HG21 . VAL A 1 75  ? 0.081   6.634   -0.387  1.00 73.04 ? 28  VAL M HG21 1 
ATOM   406  H  HG22 . VAL A 1 75  ? 0.961   7.750   -1.097  1.00 73.04 ? 28  VAL M HG22 1 
ATOM   407  H  HG23 . VAL A 1 75  ? -0.595  7.652   -1.402  1.00 73.04 ? 28  VAL M HG23 1 
ATOM   408  N  N    . ASN A 1 76  ? 2.159   5.859   -5.350  1.00 71.65 ? 29  ASN M N    1 
ATOM   409  C  CA   . ASN A 1 76  ? 2.410   4.937   -6.451  1.00 71.65 ? 29  ASN M CA   1 
ATOM   410  C  C    . ASN A 1 76  ? 3.057   3.676   -5.888  1.00 71.65 ? 29  ASN M C    1 
ATOM   411  O  O    . ASN A 1 76  ? 4.233   3.689   -5.517  1.00 71.65 ? 29  ASN M O    1 
ATOM   412  C  CB   . ASN A 1 76  ? 3.303   5.587   -7.506  1.00 71.65 ? 29  ASN M CB   1 
ATOM   413  C  CG   . ASN A 1 76  ? 2.712   6.868   -8.059  1.00 71.65 ? 29  ASN M CG   1 
ATOM   414  O  OD1  . ASN A 1 76  ? 1.933   6.846   -9.013  1.00 71.65 ? 29  ASN M OD1  1 
ATOM   415  N  ND2  . ASN A 1 76  ? 3.081   7.995   -7.463  1.00 71.65 ? 29  ASN M ND2  1 
ATOM   416  H  H    . ASN A 1 76  ? 2.870   6.259   -5.076  1.00 71.65 ? 29  ASN M H    1 
ATOM   417  H  HA   . ASN A 1 76  ? 1.571   4.692   -6.868  1.00 71.65 ? 29  ASN M HA   1 
ATOM   418  H  HB2  . ASN A 1 76  ? 4.161   5.799   -7.107  1.00 71.65 ? 29  ASN M HB2  1 
ATOM   419  H  HB3  . ASN A 1 76  ? 3.424   4.968   -8.243  1.00 71.65 ? 29  ASN M HB3  1 
ATOM   420  H  HD21 . ASN A 1 76  ? 2.773   8.749   -7.740  1.00 71.65 ? 29  ASN M HD21 1 
ATOM   421  H  HD22 . ASN A 1 76  ? 3.628   7.971   -6.799  1.00 71.65 ? 29  ASN M HD22 1 
ATOM   422  N  N    . PHE A 1 77  ? 2.296   2.587   -5.839  1.00 71.55 ? 30  PHE M N    1 
ATOM   423  C  CA   . PHE A 1 77  ? 2.808   1.287   -5.415  1.00 71.55 ? 30  PHE M CA   1 
ATOM   424  C  C    . PHE A 1 77  ? 3.352   0.598   -6.657  1.00 71.55 ? 30  PHE M C    1 
ATOM   425  O  O    . PHE A 1 77  ? 2.590   0.066   -7.470  1.00 71.55 ? 30  PHE M O    1 
ATOM   426  C  CB   . PHE A 1 77  ? 1.715   0.462   -4.747  1.00 71.55 ? 30  PHE M CB   1 
ATOM   427  C  CG   . PHE A 1 77  ? 1.150   1.093   -3.507  1.00 71.55 ? 30  PHE M CG   1 
ATOM   428  C  CD1  . PHE A 1 77  ? 0.079   1.966   -3.585  1.00 71.55 ? 30  PHE M CD1  1 
ATOM   429  C  CD2  . PHE A 1 77  ? 1.688   0.809   -2.264  1.00 71.55 ? 30  PHE M CD2  1 
ATOM   430  C  CE1  . PHE A 1 77  ? -0.444  2.545   -2.445  1.00 71.55 ? 30  PHE M CE1  1 
ATOM   431  C  CE2  . PHE A 1 77  ? 1.170   1.386   -1.122  1.00 71.55 ? 30  PHE M CE2  1 
ATOM   432  C  CZ   . PHE A 1 77  ? 0.103   2.254   -1.212  1.00 71.55 ? 30  PHE M CZ   1 
ATOM   433  H  H    . PHE A 1 77  ? 1.463   2.576   -6.051  1.00 71.55 ? 30  PHE M H    1 
ATOM   434  H  HA   . PHE A 1 77  ? 3.534   1.411   -4.784  1.00 71.55 ? 30  PHE M HA   1 
ATOM   435  H  HB2  . PHE A 1 77  ? 0.986   0.340   -5.376  1.00 71.55 ? 30  PHE M HB2  1 
ATOM   436  H  HB3  . PHE A 1 77  ? 2.082   -0.401  -4.499  1.00 71.55 ? 30  PHE M HB3  1 
ATOM   437  H  HD1  . PHE A 1 77  ? -0.293  2.164   -4.414  1.00 71.55 ? 30  PHE M HD1  1 
ATOM   438  H  HD2  . PHE A 1 77  ? 2.407   0.223   -2.197  1.00 71.55 ? 30  PHE M HD2  1 
ATOM   439  H  HE1  . PHE A 1 77  ? -1.163  3.131   -2.510  1.00 71.55 ? 30  PHE M HE1  1 
ATOM   440  H  HE2  . PHE A 1 77  ? 1.539   1.188   -0.291  1.00 71.55 ? 30  PHE M HE2  1 
ATOM   441  H  HZ   . PHE A 1 77  ? -0.248  2.645   -0.444  1.00 71.55 ? 30  PHE M HZ   1 
ATOM   442  N  N    . VAL A 1 78  ? 4.665   0.695   -6.850  1.00 72.85 ? 31  VAL M N    1 
ATOM   443  C  CA   . VAL A 1 78  ? 5.340   0.085   -7.991  1.00 72.85 ? 31  VAL M CA   1 
ATOM   444  C  C    . VAL A 1 78  ? 5.850   -1.290  -7.581  1.00 72.85 ? 31  VAL M C    1 
ATOM   445  O  O    . VAL A 1 78  ? 6.585   -1.418  -6.597  1.00 72.85 ? 31  VAL M O    1 
ATOM   446  C  CB   . VAL A 1 78  ? 6.493   0.969   -8.490  1.00 72.85 ? 31  VAL M CB   1 
ATOM   447  C  CG1  . VAL A 1 78  ? 7.091   0.392   -9.766  1.00 72.85 ? 31  VAL M CG1  1 
ATOM   448  C  CG2  . VAL A 1 78  ? 6.014   2.394   -8.715  1.00 72.85 ? 31  VAL M CG2  1 
ATOM   449  H  H    . VAL A 1 78  ? 5.197   1.117   -6.322  1.00 72.85 ? 31  VAL M H    1 
ATOM   450  H  HA   . VAL A 1 78  ? 4.707   -0.028  -8.718  1.00 72.85 ? 31  VAL M HA   1 
ATOM   451  H  HB   . VAL A 1 78  ? 7.189   0.989   -7.816  1.00 72.85 ? 31  VAL M HB   1 
ATOM   452  H  HG11 . VAL A 1 78  ? 7.735   1.023   -10.125 1.00 72.85 ? 31  VAL M HG11 1 
ATOM   453  H  HG12 . VAL A 1 78  ? 7.531   -0.447  -9.560  1.00 72.85 ? 31  VAL M HG12 1 
ATOM   454  H  HG13 . VAL A 1 78  ? 6.380   0.245   -10.409 1.00 72.85 ? 31  VAL M HG13 1 
ATOM   455  H  HG21 . VAL A 1 78  ? 6.735   2.911   -9.109  1.00 72.85 ? 31  VAL M HG21 1 
ATOM   456  H  HG22 . VAL A 1 78  ? 5.253   2.380   -9.313  1.00 72.85 ? 31  VAL M HG22 1 
ATOM   457  H  HG23 . VAL A 1 78  ? 5.759   2.780   -7.862  1.00 72.85 ? 31  VAL M HG23 1 
ATOM   458  N  N    . ASN A 1 79  ? 5.464   -2.320  -8.331  1.00 72.26 ? 32  ASN M N    1 
ATOM   459  C  CA   . ASN A 1 79  ? 6.033   -3.642  -8.106  1.00 72.26 ? 32  ASN M CA   1 
ATOM   460  C  C    . ASN A 1 79  ? 7.544   -3.598  -8.289  1.00 72.26 ? 32  ASN M C    1 
ATOM   461  O  O    . ASN A 1 79  ? 8.044   -3.113  -9.308  1.00 72.26 ? 32  ASN M O    1 
ATOM   462  C  CB   . ASN A 1 79  ? 5.420   -4.659  -9.070  1.00 72.26 ? 32  ASN M CB   1 
ATOM   463  C  CG   . ASN A 1 79  ? 3.993   -5.014  -8.715  1.00 72.26 ? 32  ASN M CG   1 
ATOM   464  O  OD1  . ASN A 1 79  ? 3.256   -4.200  -8.162  1.00 72.26 ? 32  ASN M OD1  1 
ATOM   465  N  ND2  . ASN A 1 79  ? 3.597   -6.242  -9.030  1.00 72.26 ? 32  ASN M ND2  1 
ATOM   466  H  H    . ASN A 1 79  ? 4.884   -2.280  -8.966  1.00 72.26 ? 32  ASN M H    1 
ATOM   467  H  HA   . ASN A 1 79  ? 5.842   -3.927  -7.199  1.00 72.26 ? 32  ASN M HA   1 
ATOM   468  H  HB2  . ASN A 1 79  ? 5.423   -4.285  -9.965  1.00 72.26 ? 32  ASN M HB2  1 
ATOM   469  H  HB3  . ASN A 1 79  ? 5.947   -5.473  -9.048  1.00 72.26 ? 32  ASN M HB3  1 
ATOM   470  H  HD21 . ASN A 1 79  ? 2.798   -6.498  -8.850  1.00 72.26 ? 32  ASN M HD21 1 
ATOM   471  H  HD22 . ASN A 1 79  ? 4.144   -6.782  -9.416  1.00 72.26 ? 32  ASN M HD22 1 
ATOM   472  N  N    . ASN A 1 80  ? 8.273   -4.108  -7.298  1.00 71.76 ? 33  ASN M N    1 
ATOM   473  C  CA   . ASN A 1 80  ? 9.724   -4.225  -7.378  1.00 71.76 ? 33  ASN M CA   1 
ATOM   474  C  C    . ASN A 1 80  ? 10.192  -5.670  -7.360  1.00 71.76 ? 33  ASN M C    1 
ATOM   475  O  O    . ASN A 1 80  ? 10.964  -6.081  -8.234  1.00 71.76 ? 33  ASN M O    1 
ATOM   476  C  CB   . ASN A 1 80  ? 10.373  -3.450  -6.223  1.00 71.76 ? 33  ASN M CB   1 
ATOM   477  C  CG   . ASN A 1 80  ? 11.867  -3.682  -6.130  1.00 71.76 ? 33  ASN M CG   1 
ATOM   478  O  OD1  . ASN A 1 80  ? 12.653  -3.023  -6.811  1.00 71.76 ? 33  ASN M OD1  1 
ATOM   479  N  ND2  . ASN A 1 80  ? 12.269  -4.624  -5.284  1.00 71.76 ? 33  ASN M ND2  1 
ATOM   480  H  H    . ASN A 1 80  ? 7.943   -4.398  -6.559  1.00 71.76 ? 33  ASN M H    1 
ATOM   481  H  HA   . ASN A 1 80  ? 10.028  -3.827  -8.209  1.00 71.76 ? 33  ASN M HA   1 
ATOM   482  H  HB2  . ASN A 1 80  ? 10.226  -2.500  -6.357  1.00 71.76 ? 33  ASN M HB2  1 
ATOM   483  H  HB3  . ASN A 1 80  ? 9.972   -3.733  -5.386  1.00 71.76 ? 33  ASN M HB3  1 
ATOM   484  H  HD21 . ASN A 1 80  ? 13.107  -4.794  -5.196  1.00 71.76 ? 33  ASN M HD21 1 
ATOM   485  H  HD22 . ASN A 1 80  ? 11.690  -5.064  -4.827  1.00 71.76 ? 33  ASN M HD22 1 
ATOM   486  N  N    . ALA A 1 81  ? 9.742   -6.456  -6.385  1.00 71.59 ? 34  ALA M N    1 
ATOM   487  C  CA   . ALA A 1 81  ? 10.124  -7.856  -6.275  1.00 71.59 ? 34  ALA M CA   1 
ATOM   488  C  C    . ALA A 1 81  ? 9.039   -8.590  -5.505  1.00 71.59 ? 34  ALA M C    1 
ATOM   489  O  O    . ALA A 1 81  ? 8.328   -7.995  -4.692  1.00 71.59 ? 34  ALA M O    1 
ATOM   490  C  CB   . ALA A 1 81  ? 11.479  -8.019  -5.580  1.00 71.59 ? 34  ALA M CB   1 
ATOM   491  H  H    . ALA A 1 81  ? 9.206   -6.195  -5.765  1.00 71.59 ? 34  ALA M H    1 
ATOM   492  H  HA   . ALA A 1 81  ? 10.186  -8.243  -7.162  1.00 71.59 ? 34  ALA M HA   1 
ATOM   493  H  HB1  . ALA A 1 81  ? 11.700  -8.963  -5.538  1.00 71.59 ? 34  ALA M HB1  1 
ATOM   494  H  HB2  . ALA A 1 81  ? 12.155  -7.543  -6.089  1.00 71.59 ? 34  ALA M HB2  1 
ATOM   495  H  HB3  . ALA A 1 81  ? 11.419  -7.652  -4.685  1.00 71.59 ? 34  ALA M HB3  1 
ATOM   496  N  N    . GLY A 1 82  ? 8.920   -9.888  -5.768  1.00 71.36 ? 35  GLY M N    1 
ATOM   497  C  CA   . GLY A 1 82  ? 7.935   -10.694 -5.082  1.00 71.36 ? 35  GLY M CA   1 
ATOM   498  C  C    . GLY A 1 82  ? 6.541   -10.640 -5.661  1.00 71.36 ? 35  GLY M C    1 
ATOM   499  O  O    . GLY A 1 82  ? 5.603   -11.122 -5.017  1.00 71.36 ? 35  GLY M O    1 
ATOM   500  H  H    . GLY A 1 82  ? 9.398   -10.319 -6.339  1.00 71.36 ? 35  GLY M H    1 
ATOM   501  H  HA2  . GLY A 1 82  ? 8.225   -11.620 -5.087  1.00 71.36 ? 35  GLY M HA2  1 
ATOM   502  H  HA3  . GLY A 1 82  ? 7.881   -10.402 -4.159  1.00 71.36 ? 35  GLY M HA3  1 
ATOM   503  N  N    . PHE A 1 83  ? 6.371   -10.069 -6.847  1.00 69.78 ? 36  PHE M N    1 
ATOM   504  C  CA   . PHE A 1 83  ? 5.048   -10.007 -7.446  1.00 69.78 ? 36  PHE M CA   1 
ATOM   505  C  C    . PHE A 1 83  ? 4.541   -11.426 -7.693  1.00 69.78 ? 36  PHE M C    1 
ATOM   506  O  O    . PHE A 1 83  ? 5.328   -12.313 -8.043  1.00 69.78 ? 36  PHE M O    1 
ATOM   507  C  CB   . PHE A 1 83  ? 5.078   -9.213  -8.753  1.00 69.78 ? 36  PHE M CB   1 
ATOM   508  C  CG   . PHE A 1 83  ? 6.081   -9.719  -9.752  1.00 69.78 ? 36  PHE M CG   1 
ATOM   509  C  CD1  . PHE A 1 83  ? 5.746   -10.727 -10.640 1.00 69.78 ? 36  PHE M CD1  1 
ATOM   510  C  CD2  . PHE A 1 83  ? 7.356   -9.180  -9.807  1.00 69.78 ? 36  PHE M CD2  1 
ATOM   511  C  CE1  . PHE A 1 83  ? 6.666   -11.191 -11.561 1.00 69.78 ? 36  PHE M CE1  1 
ATOM   512  C  CE2  . PHE A 1 83  ? 8.280   -9.641  -10.725 1.00 69.78 ? 36  PHE M CE2  1 
ATOM   513  C  CZ   . PHE A 1 83  ? 7.934   -10.648 -11.603 1.00 69.78 ? 36  PHE M CZ   1 
ATOM   514  H  H    . PHE A 1 83  ? 6.997   -9.713  -7.316  1.00 69.78 ? 36  PHE M H    1 
ATOM   515  H  HA   . PHE A 1 83  ? 4.444   -9.562  -6.832  1.00 69.78 ? 36  PHE M HA   1 
ATOM   516  H  HB2  . PHE A 1 83  ? 4.201   -9.254  -9.165  1.00 69.78 ? 36  PHE M HB2  1 
ATOM   517  H  HB3  . PHE A 1 83  ? 5.304   -8.292  -8.551  1.00 69.78 ? 36  PHE M HB3  1 
ATOM   518  H  HD1  . PHE A 1 83  ? 4.893   -11.097 -10.615 1.00 69.78 ? 36  PHE M HD1  1 
ATOM   519  H  HD2  . PHE A 1 83  ? 7.593   -8.502  -9.217  1.00 69.78 ? 36  PHE M HD2  1 
ATOM   520  H  HE1  . PHE A 1 83  ? 6.431   -11.870 -12.152 1.00 69.78 ? 36  PHE M HE1  1 
ATOM   521  H  HE2  . PHE A 1 83  ? 9.133   -9.272  -10.751 1.00 69.78 ? 36  PHE M HE2  1 
ATOM   522  H  HZ   . PHE A 1 83  ? 8.554   -10.959 -12.222 1.00 69.78 ? 36  PHE M HZ   1 
ATOM   523  N  N    . PRO A 1 84  ? 3.234   -11.682 -7.521  1.00 69.94 ? 37  PRO M N    1 
ATOM   524  C  CA   . PRO A 1 84  ? 2.139   -10.712 -7.395  1.00 69.94 ? 37  PRO M CA   1 
ATOM   525  C  C    . PRO A 1 84  ? 1.936   -10.106 -6.005  1.00 69.94 ? 37  PRO M C    1 
ATOM   526  O  O    . PRO A 1 84  ? 2.146   -10.768 -4.989  1.00 69.94 ? 37  PRO M O    1 
ATOM   527  C  CB   . PRO A 1 84  ? 0.914   -11.542 -7.781  1.00 69.94 ? 37  PRO M CB   1 
ATOM   528  C  CG   . PRO A 1 84  ? 1.250   -12.914 -7.334  1.00 69.94 ? 37  PRO M CG   1 
ATOM   529  C  CD   . PRO A 1 84  ? 2.734   -13.069 -7.533  1.00 69.94 ? 37  PRO M CD   1 
ATOM   530  H  HA   . PRO A 1 84  ? 2.255   -9.998  -8.039  1.00 69.94 ? 37  PRO M HA   1 
ATOM   531  H  HB2  . PRO A 1 84  ? 0.134   -11.211 -7.312  1.00 69.94 ? 37  PRO M HB2  1 
ATOM   532  H  HB3  . PRO A 1 84  ? 0.784   -11.511 -8.741  1.00 69.94 ? 37  PRO M HB3  1 
ATOM   533  H  HG2  . PRO A 1 84  ? 1.020   -13.015 -6.397  1.00 69.94 ? 37  PRO M HG2  1 
ATOM   534  H  HG3  . PRO A 1 84  ? 0.766   -13.558 -7.875  1.00 69.94 ? 37  PRO M HG3  1 
ATOM   535  H  HD2  . PRO A 1 84  ? 3.121   -13.573 -6.801  1.00 69.94 ? 37  PRO M HD2  1 
ATOM   536  H  HD3  . PRO A 1 84  ? 2.919   -13.486 -8.389  1.00 69.94 ? 37  PRO M HD3  1 
ATOM   537  N  N    . HIS A 1 85  ? 1.526   -8.838  -5.987  1.00 71.98 ? 38  HIS M N    1 
ATOM   538  C  CA   . HIS A 1 85  ? 1.218   -8.109  -4.766  1.00 71.98 ? 38  HIS M CA   1 
ATOM   539  C  C    . HIS A 1 85  ? -0.161  -7.477  -4.895  1.00 71.98 ? 38  HIS M C    1 
ATOM   540  O  O    . HIS A 1 85  ? -0.678  -7.282  -5.998  1.00 71.98 ? 38  HIS M O    1 
ATOM   541  C  CB   . HIS A 1 85  ? 2.240   -7.004  -4.469  1.00 71.98 ? 38  HIS M CB   1 
ATOM   542  C  CG   . HIS A 1 85  ? 3.651   -7.489  -4.350  1.00 71.98 ? 38  HIS M CG   1 
ATOM   543  N  ND1  . HIS A 1 85  ? 4.113   -8.172  -3.246  1.00 71.98 ? 38  HIS M ND1  1 
ATOM   544  C  CD2  . HIS A 1 85  ? 4.708   -7.365  -5.187  1.00 71.98 ? 38  HIS M CD2  1 
ATOM   545  C  CE1  . HIS A 1 85  ? 5.393   -8.459  -3.414  1.00 71.98 ? 38  HIS M CE1  1 
ATOM   546  N  NE2  . HIS A 1 85  ? 5.777   -7.980  -4.583  1.00 71.98 ? 38  HIS M NE2  1 
ATOM   547  H  H    . HIS A 1 85  ? 1.417   -8.365  -6.698  1.00 71.98 ? 38  HIS M H    1 
ATOM   548  H  HA   . HIS A 1 85  ? 1.204   -8.724  -4.016  1.00 71.98 ? 38  HIS M HA   1 
ATOM   549  H  HB2  . HIS A 1 85  ? 2.213   -6.353  -5.188  1.00 71.98 ? 38  HIS M HB2  1 
ATOM   550  H  HB3  . HIS A 1 85  ? 2.003   -6.576  -3.631  1.00 71.98 ? 38  HIS M HB3  1 
ATOM   551  H  HD2  . HIS A 1 85  ? 4.708   -6.947  -6.017  1.00 71.98 ? 38  HIS M HD2  1 
ATOM   552  H  HE1  . HIS A 1 85  ? 5.930   -8.920  -2.811  1.00 71.98 ? 38  HIS M HE1  1 
ATOM   553  H  HE2  . HIS A 1 85  ? 6.567   -8.044  -4.914  1.00 71.98 ? 38  HIS M HE2  1 
ATOM   554  N  N    . ASN A 1 86  ? -0.752  -7.157  -3.747  1.00 71.70 ? 39  ASN M N    1 
ATOM   555  C  CA   . ASN A 1 86  ? -2.028  -6.459  -3.711  1.00 71.70 ? 39  ASN M CA   1 
ATOM   556  C  C    . ASN A 1 86  ? -2.066  -5.591  -2.463  1.00 71.70 ? 39  ASN M C    1 
ATOM   557  O  O    . ASN A 1 86  ? -1.337  -5.827  -1.497  1.00 71.70 ? 39  ASN M O    1 
ATOM   558  C  CB   . ASN A 1 86  ? -3.210  -7.434  -3.726  1.00 71.70 ? 39  ASN M CB   1 
ATOM   559  C  CG   . ASN A 1 86  ? -3.364  -8.184  -2.419  1.00 71.70 ? 39  ASN M CG   1 
ATOM   560  O  OD1  . ASN A 1 86  ? -2.413  -8.318  -1.650  1.00 71.70 ? 39  ASN M OD1  1 
ATOM   561  N  ND2  . ASN A 1 86  ? -4.569  -8.680  -2.159  1.00 71.70 ? 39  ASN M ND2  1 
ATOM   562  H  H    . ASN A 1 86  ? -0.431  -7.338  -2.970  1.00 71.70 ? 39  ASN M H    1 
ATOM   563  H  HA   . ASN A 1 86  ? -2.100  -5.881  -4.487  1.00 71.70 ? 39  ASN M HA   1 
ATOM   564  H  HB2  . ASN A 1 86  ? -4.028  -6.938  -3.885  1.00 71.70 ? 39  ASN M HB2  1 
ATOM   565  H  HB3  . ASN A 1 86  ? -3.075  -8.086  -4.432  1.00 71.70 ? 39  ASN M HB3  1 
ATOM   566  H  HD21 . ASN A 1 86  ? -4.708  -9.115  -1.430  1.00 71.70 ? 39  ASN M HD21 1 
ATOM   567  H  HD22 . ASN A 1 86  ? -5.211  -8.567  -2.721  1.00 71.70 ? 39  ASN M HD22 1 
ATOM   568  N  N    . ILE A 1 87  ? -2.934  -4.583  -2.491  1.00 72.57 ? 40  ILE M N    1 
ATOM   569  C  CA   . ILE A 1 87  ? -3.031  -3.591  -1.425  1.00 72.57 ? 40  ILE M CA   1 
ATOM   570  C  C    . ILE A 1 87  ? -4.467  -3.620  -0.922  1.00 72.57 ? 40  ILE M C    1 
ATOM   571  O  O    . ILE A 1 87  ? -5.355  -2.987  -1.507  1.00 72.57 ? 40  ILE M O    1 
ATOM   572  C  CB   . ILE A 1 87  ? -2.639  -2.187  -1.901  1.00 72.57 ? 40  ILE M CB   1 
ATOM   573  C  CG1  . ILE A 1 87  ? -1.300  -2.220  -2.647  1.00 72.57 ? 40  ILE M CG1  1 
ATOM   574  C  CG2  . ILE A 1 87  ? -2.566  -1.232  -0.720  1.00 72.57 ? 40  ILE M CG2  1 
ATOM   575  C  CD1  . ILE A 1 87  ? -0.133  -2.711  -1.815  1.00 72.57 ? 40  ILE M CD1  1 
ATOM   576  H  H    . ILE A 1 87  ? -3.489  -4.450  -3.134  1.00 72.57 ? 40  ILE M H    1 
ATOM   577  H  HA   . ILE A 1 87  ? -2.446  -3.840  -0.693  1.00 72.57 ? 40  ILE M HA   1 
ATOM   578  H  HB   . ILE A 1 87  ? -3.322  -1.868  -2.511  1.00 72.57 ? 40  ILE M HB   1 
ATOM   579  H  HG12 . ILE A 1 87  ? -1.382  -2.806  -3.416  1.00 72.57 ? 40  ILE M HG12 1 
ATOM   580  H  HG13 . ILE A 1 87  ? -1.091  -1.321  -2.944  1.00 72.57 ? 40  ILE M HG13 1 
ATOM   581  H  HG21 . ILE A 1 87  ? -2.226  -0.376  -1.025  1.00 72.57 ? 40  ILE M HG21 1 
ATOM   582  H  HG22 . ILE A 1 87  ? -3.455  -1.120  -0.349  1.00 72.57 ? 40  ILE M HG22 1 
ATOM   583  H  HG23 . ILE A 1 87  ? -1.973  -1.602  -0.047  1.00 72.57 ? 40  ILE M HG23 1 
ATOM   584  H  HD11 . ILE A 1 87  ? -0.320  -3.607  -1.497  1.00 72.57 ? 40  ILE M HD11 1 
ATOM   585  H  HD12 . ILE A 1 87  ? 0.664   -2.719  -2.369  1.00 72.57 ? 40  ILE M HD12 1 
ATOM   586  H  HD13 . ILE A 1 87  ? -0.004  -2.112  -1.063  1.00 72.57 ? 40  ILE M HD13 1 
ATOM   587  N  N    . VAL A 1 88  ? -4.702  -4.352  0.160   1.00 72.90 ? 41  VAL M N    1 
ATOM   588  C  CA   . VAL A 1 88  ? -6.013  -4.450  0.790   1.00 72.90 ? 41  VAL M CA   1 
ATOM   589  C  C    . VAL A 1 88  ? -5.961  -3.614  2.062   1.00 72.90 ? 41  VAL M C    1 
ATOM   590  O  O    . VAL A 1 88  ? -5.521  -4.090  3.116   1.00 72.90 ? 41  VAL M O    1 
ATOM   591  C  CB   . VAL A 1 88  ? -6.400  -5.903  1.083   1.00 72.90 ? 41  VAL M CB   1 
ATOM   592  C  CG1  . VAL A 1 88  ? -7.755  -5.963  1.774   1.00 72.90 ? 41  VAL M CG1  1 
ATOM   593  C  CG2  . VAL A 1 88  ? -6.416  -6.710  -0.206  1.00 72.90 ? 41  VAL M CG2  1 
ATOM   594  H  H    . VAL A 1 88  ? -4.098  -4.816  0.560   1.00 72.90 ? 41  VAL M H    1 
ATOM   595  H  HA   . VAL A 1 88  ? -6.683  -4.069  0.203   1.00 72.90 ? 41  VAL M HA   1 
ATOM   596  H  HB   . VAL A 1 88  ? -5.741  -6.296  1.676   1.00 72.90 ? 41  VAL M HB   1 
ATOM   597  H  HG11 . VAL A 1 88  ? -8.057  -6.886  1.795   1.00 72.90 ? 41  VAL M HG11 1 
ATOM   598  H  HG12 . VAL A 1 88  ? -7.666  -5.626  2.679   1.00 72.90 ? 41  VAL M HG12 1 
ATOM   599  H  HG13 . VAL A 1 88  ? -8.388  -5.421  1.278   1.00 72.90 ? 41  VAL M HG13 1 
ATOM   600  H  HG21 . VAL A 1 88  ? -6.806  -7.580  -0.032  1.00 72.90 ? 41  VAL M HG21 1 
ATOM   601  H  HG22 . VAL A 1 88  ? -6.948  -6.237  -0.866  1.00 72.90 ? 41  VAL M HG22 1 
ATOM   602  H  HG23 . VAL A 1 88  ? -5.506  -6.810  -0.527  1.00 72.90 ? 41  VAL M HG23 1 
ATOM   603  N  N    . PHE A 1 89  ? -6.407  -2.365  1.970   1.00 73.95 ? 42  PHE M N    1 
ATOM   604  C  CA   . PHE A 1 89  ? -6.461  -1.505  3.144   1.00 73.95 ? 42  PHE M CA   1 
ATOM   605  C  C    . PHE A 1 89  ? -7.385  -2.107  4.197   1.00 73.95 ? 42  PHE M C    1 
ATOM   606  O  O    . PHE A 1 89  ? -8.463  -2.619  3.885   1.00 73.95 ? 42  PHE M O    1 
ATOM   607  C  CB   . PHE A 1 89  ? -6.945  -0.107  2.755   1.00 73.95 ? 42  PHE M CB   1 
ATOM   608  C  CG   . PHE A 1 89  ? -5.931  0.698   1.994   1.00 73.95 ? 42  PHE M CG   1 
ATOM   609  C  CD1  . PHE A 1 89  ? -5.780  0.534   0.627   1.00 73.95 ? 42  PHE M CD1  1 
ATOM   610  C  CD2  . PHE A 1 89  ? -5.134  1.624   2.643   1.00 73.95 ? 42  PHE M CD2  1 
ATOM   611  C  CE1  . PHE A 1 89  ? -4.851  1.277   -0.076  1.00 73.95 ? 42  PHE M CE1  1 
ATOM   612  C  CE2  . PHE A 1 89  ? -4.202  2.369   1.946   1.00 73.95 ? 42  PHE M CE2  1 
ATOM   613  C  CZ   . PHE A 1 89  ? -4.061  2.195   0.585   1.00 73.95 ? 42  PHE M CZ   1 
ATOM   614  H  H    . PHE A 1 89  ? -6.681  -1.993  1.245   1.00 73.95 ? 42  PHE M H    1 
ATOM   615  H  HA   . PHE A 1 89  ? -5.573  -1.425  3.526   1.00 73.95 ? 42  PHE M HA   1 
ATOM   616  H  HB2  . PHE A 1 89  ? -7.728  -0.194  2.192   1.00 73.95 ? 42  PHE M HB2  1 
ATOM   617  H  HB3  . PHE A 1 89  ? -7.170  0.384   3.561   1.00 73.95 ? 42  PHE M HB3  1 
ATOM   618  H  HD1  . PHE A 1 89  ? -6.310  -0.083  0.177   1.00 73.95 ? 42  PHE M HD1  1 
ATOM   619  H  HD2  . PHE A 1 89  ? -5.225  1.746   3.561   1.00 73.95 ? 42  PHE M HD2  1 
ATOM   620  H  HE1  . PHE A 1 89  ? -4.757  1.157   -0.994  1.00 73.95 ? 42  PHE M HE1  1 
ATOM   621  H  HE2  . PHE A 1 89  ? -3.671  2.988   2.394   1.00 73.95 ? 42  PHE M HE2  1 
ATOM   622  H  HZ   . PHE A 1 89  ? -3.434  2.695   0.114   1.00 73.95 ? 42  PHE M HZ   1 
ATOM   623  N  N    . ASP A 1 90  ? -6.948  -2.052  5.452   1.00 75.89 ? 43  ASP M N    1 
ATOM   624  C  CA   . ASP A 1 90  ? -7.727  -2.627  6.539   1.00 75.89 ? 43  ASP M CA   1 
ATOM   625  C  C    . ASP A 1 90  ? -8.951  -1.770  6.837   1.00 75.89 ? 43  ASP M C    1 
ATOM   626  O  O    . ASP A 1 90  ? -8.883  -0.538  6.843   1.00 75.89 ? 43  ASP M O    1 
ATOM   627  C  CB   . ASP A 1 90  ? -6.866  -2.758  7.796   1.00 75.89 ? 43  ASP M CB   1 
ATOM   628  C  CG   . ASP A 1 90  ? -7.623  -3.365  8.962   1.00 75.89 ? 43  ASP M CG   1 
ATOM   629  O  OD1  . ASP A 1 90  ? -8.755  -3.850  8.757   1.00 75.89 ? 43  ASP M OD1  1 
ATOM   630  O  OD2  . ASP A 1 90  ? -7.085  -3.355  10.089  1.00 75.89 ? 43  ASP M OD2  1 
ATOM   631  H  H    . ASP A 1 90  ? -6.207  -1.690  5.698   1.00 75.89 ? 43  ASP M H    1 
ATOM   632  H  HA   . ASP A 1 90  ? -8.030  -3.512  6.283   1.00 75.89 ? 43  ASP M HA   1 
ATOM   633  H  HB2  . ASP A 1 90  ? -6.106  -3.329  7.600   1.00 75.89 ? 43  ASP M HB2  1 
ATOM   634  H  HB3  . ASP A 1 90  ? -6.559  -1.878  8.062   1.00 75.89 ? 43  ASP M HB3  1 
ATOM   635  N  N    . GLU A 1 91  ? -10.080 -2.438  7.085   1.00 77.66 ? 44  GLU M N    1 
ATOM   636  C  CA   . GLU A 1 91  ? -11.303 -1.723  7.440   1.00 77.66 ? 44  GLU M CA   1 
ATOM   637  C  C    . GLU A 1 91  ? -11.155 -1.007  8.776   1.00 77.66 ? 44  GLU M C    1 
ATOM   638  O  O    . GLU A 1 91  ? -11.691 0.092   8.959   1.00 77.66 ? 44  GLU M O    1 
ATOM   639  C  CB   . GLU A 1 91  ? -12.483 -2.692  7.478   1.00 77.66 ? 44  GLU M CB   1 
ATOM   640  C  CG   . GLU A 1 91  ? -12.769 -3.369  6.147   1.00 77.66 ? 44  GLU M CG   1 
ATOM   641  C  CD   . GLU A 1 91  ? -14.088 -4.116  6.141   1.00 77.66 ? 44  GLU M CD   1 
ATOM   642  O  OE1  . GLU A 1 91  ? -14.874 -3.947  7.097   1.00 77.66 ? 44  GLU M OE1  1 
ATOM   643  O  OE2  . GLU A 1 91  ? -14.340 -4.871  5.180   1.00 77.66 ? 44  GLU M OE2  1 
ATOM   644  H  H    . GLU A 1 91  ? -10.162 -3.293  7.055   1.00 77.66 ? 44  GLU M H    1 
ATOM   645  H  HA   . GLU A 1 91  ? -11.484 -1.055  6.761   1.00 77.66 ? 44  GLU M HA   1 
ATOM   646  H  HB2  . GLU A 1 91  ? -12.298 -3.386  8.130   1.00 77.66 ? 44  GLU M HB2  1 
ATOM   647  H  HB3  . GLU A 1 91  ? -13.279 -2.201  7.737   1.00 77.66 ? 44  GLU M HB3  1 
ATOM   648  H  HG2  . GLU A 1 91  ? -12.802 -2.696  5.449   1.00 77.66 ? 44  GLU M HG2  1 
ATOM   649  H  HG3  . GLU A 1 91  ? -12.062 -4.007  5.959   1.00 77.66 ? 44  GLU M HG3  1 
ATOM   650  N  N    . ASP A 1 92  ? -10.452 -1.618  9.724   1.00 74.02 ? 45  ASP M N    1 
ATOM   651  C  CA   . ASP A 1 92  ? -10.208 -1.009  11.020  1.00 74.02 ? 45  ASP M CA   1 
ATOM   652  C  C    . ASP A 1 92  ? -8.933  -0.166  10.982  1.00 74.02 ? 45  ASP M C    1 
ATOM   653  O  O    . ASP A 1 92  ? -8.135  -0.239  10.046  1.00 74.02 ? 45  ASP M O    1 
ATOM   654  C  CB   . ASP A 1 92  ? -10.105 -2.083  12.103  1.00 74.02 ? 45  ASP M CB   1 
ATOM   655  C  CG   . ASP A 1 92  ? -11.367 -2.914  12.219  1.00 74.02 ? 45  ASP M CG   1 
ATOM   656  O  OD1  . ASP A 1 92  ? -12.449 -2.408  11.856  1.00 74.02 ? 45  ASP M OD1  1 
ATOM   657  O  OD2  . ASP A 1 92  ? -11.277 -4.074  12.673  1.00 74.02 ? 45  ASP M OD2  1 
ATOM   658  H  H    . ASP A 1 92  ? -10.100 -2.397  9.636   1.00 74.02 ? 45  ASP M H    1 
ATOM   659  H  HA   . ASP A 1 92  ? -10.948 -0.425  11.244  1.00 74.02 ? 45  ASP M HA   1 
ATOM   660  H  HB2  . ASP A 1 92  ? -9.371  -2.679  11.890  1.00 74.02 ? 45  ASP M HB2  1 
ATOM   661  H  HB3  . ASP A 1 92  ? -9.948  -1.655  12.959  1.00 74.02 ? 45  ASP M HB3  1 
ATOM   662  N  N    . ALA A 1 93  ? -8.752  0.647   12.023  1.00 76.74 ? 46  ALA M N    1 
ATOM   663  C  CA   . ALA A 1 93  ? -7.597  1.540   12.122  1.00 76.74 ? 46  ALA M CA   1 
ATOM   664  C  C    . ALA A 1 93  ? -7.547  2.504   10.939  1.00 76.74 ? 46  ALA M C    1 
ATOM   665  O  O    . ALA A 1 93  ? -6.476  2.832   10.423  1.00 76.74 ? 46  ALA M O    1 
ATOM   666  C  CB   . ALA A 1 93  ? -6.294  0.744   12.228  1.00 76.74 ? 46  ALA M CB   1 
ATOM   667  H  H    . ALA A 1 93  ? -9.289  0.701   12.692  1.00 76.74 ? 46  ALA M H    1 
ATOM   668  H  HA   . ALA A 1 93  ? -7.683  2.070   12.929  1.00 76.74 ? 46  ALA M HA   1 
ATOM   669  H  HB1  . ALA A 1 93  ? -5.553  1.365   12.316  1.00 76.74 ? 46  ALA M HB1  1 
ATOM   670  H  HB2  . ALA A 1 93  ? -6.339  0.170   13.008  1.00 76.74 ? 46  ALA M HB2  1 
ATOM   671  H  HB3  . ALA A 1 93  ? -6.183  0.208   11.428  1.00 76.74 ? 46  ALA M HB3  1 
ATOM   672  N  N    . ILE A 1 94  ? -8.718  2.961   10.506  1.00 79.06 ? 47  ILE M N    1 
ATOM   673  C  CA   . ILE A 1 94  ? -8.836  3.849   9.352   1.00 79.06 ? 47  ILE M CA   1 
ATOM   674  C  C    . ILE A 1 94  ? -9.971  4.829   9.611   1.00 79.06 ? 47  ILE M C    1 
ATOM   675  O  O    . ILE A 1 94  ? -10.856 4.570   10.438  1.00 79.06 ? 47  ILE M O    1 
ATOM   676  C  CB   . ILE A 1 94  ? -9.104  3.053   8.056   1.00 79.06 ? 47  ILE M CB   1 
ATOM   677  C  CG1  . ILE A 1 94  ? -8.841  3.897   6.807   1.00 79.06 ? 47  ILE M CG1  1 
ATOM   678  C  CG2  . ILE A 1 94  ? -10.535 2.544   8.039   1.00 79.06 ? 47  ILE M CG2  1 
ATOM   679  C  CD1  . ILE A 1 94  ? -8.956  3.120   5.514   1.00 79.06 ? 47  ILE M CD1  1 
ATOM   680  H  H    . ILE A 1 94  ? -9.473  2.766   10.869  1.00 79.06 ? 47  ILE M H    1 
ATOM   681  H  HA   . ILE A 1 94  ? -8.010  4.344   9.244   1.00 79.06 ? 47  ILE M HA   1 
ATOM   682  H  HB   . ILE A 1 94  ? -8.508  2.289   8.039   1.00 79.06 ? 47  ILE M HB   1 
ATOM   683  H  HG12 . ILE A 1 94  ? -9.491  4.614   6.771   1.00 79.06 ? 47  ILE M HG12 1 
ATOM   684  H  HG13 . ILE A 1 94  ? -7.943  4.258   6.856   1.00 79.06 ? 47  ILE M HG13 1 
ATOM   685  H  HG21 . ILE A 1 94  ? -10.585 1.761   7.469   1.00 79.06 ? 47  ILE M HG21 1 
ATOM   686  H  HG22 . ILE A 1 94  ? -10.797 2.312   8.944   1.00 79.06 ? 47  ILE M HG22 1 
ATOM   687  H  HG23 . ILE A 1 94  ? -11.116 3.240   7.696   1.00 79.06 ? 47  ILE M HG23 1 
ATOM   688  H  HD11 . ILE A 1 94  ? -8.353  2.361   5.548   1.00 79.06 ? 47  ILE M HD11 1 
ATOM   689  H  HD12 . ILE A 1 94  ? -9.869  2.813   5.408   1.00 79.06 ? 47  ILE M HD12 1 
ATOM   690  H  HD13 . ILE A 1 94  ? -8.715  3.701   4.776   1.00 79.06 ? 47  ILE M HD13 1 
ATOM   691  N  N    . PRO A 1 95  ? -9.966  5.974   8.926   1.00 80.94 ? 48  PRO M N    1 
ATOM   692  C  CA   . PRO A 1 95  ? -11.135 6.858   8.977   1.00 80.94 ? 48  PRO M CA   1 
ATOM   693  C  C    . PRO A 1 95  ? -12.437 6.098   8.761   1.00 80.94 ? 48  PRO M C    1 
ATOM   694  O  O    . PRO A 1 95  ? -12.529 5.203   7.918   1.00 80.94 ? 48  PRO M O    1 
ATOM   695  C  CB   . PRO A 1 95  ? -10.857 7.854   7.851   1.00 80.94 ? 48  PRO M CB   1 
ATOM   696  C  CG   . PRO A 1 95  ? -9.367  8.016   7.901   1.00 80.94 ? 48  PRO M CG   1 
ATOM   697  C  CD   . PRO A 1 95  ? -8.789  6.697   8.403   1.00 80.94 ? 48  PRO M CD   1 
ATOM   698  H  HA   . PRO A 1 95  ? -11.169 7.327   9.824   1.00 80.94 ? 48  PRO M HA   1 
ATOM   699  H  HB2  . PRO A 1 95  ? -11.139 7.484   7.001   1.00 80.94 ? 48  PRO M HB2  1 
ATOM   700  H  HB3  . PRO A 1 95  ? -11.305 8.695   8.033   1.00 80.94 ? 48  PRO M HB3  1 
ATOM   701  H  HG2  . PRO A 1 95  ? -9.035  8.212   7.011   1.00 80.94 ? 48  PRO M HG2  1 
ATOM   702  H  HG3  . PRO A 1 95  ? -9.142  8.736   8.511   1.00 80.94 ? 48  PRO M HG3  1 
ATOM   703  H  HD2  . PRO A 1 95  ? -8.368  6.228   7.673   1.00 80.94 ? 48  PRO M HD2  1 
ATOM   704  H  HD3  . PRO A 1 95  ? -8.158  6.864   9.119   1.00 80.94 ? 48  PRO M HD3  1 
ATOM   705  N  N    . SER A 1 96  ? -13.451 6.468   9.541   1.00 83.82 ? 49  SER M N    1 
ATOM   706  C  CA   . SER A 1 96  ? -14.711 5.742   9.552   1.00 83.82 ? 49  SER M CA   1 
ATOM   707  C  C    . SER A 1 96  ? -15.388 5.803   8.185   1.00 83.82 ? 49  SER M C    1 
ATOM   708  O  O    . SER A 1 96  ? -15.111 6.676   7.357   1.00 83.82 ? 49  SER M O    1 
ATOM   709  C  CB   . SER A 1 96  ? -15.642 6.311   10.621  1.00 83.82 ? 49  SER M CB   1 
ATOM   710  O  OG   . SER A 1 96  ? -15.057 6.218   11.908  1.00 83.82 ? 49  SER M OG   1 
ATOM   711  H  H    . SER A 1 96  ? -13.429 7.141   10.074  1.00 83.82 ? 49  SER M H    1 
ATOM   712  H  HA   . SER A 1 96  ? -14.540 4.811   9.763   1.00 83.82 ? 49  SER M HA   1 
ATOM   713  H  HB2  . SER A 1 96  ? -15.818 7.244   10.422  1.00 83.82 ? 49  SER M HB2  1 
ATOM   714  H  HB3  . SER A 1 96  ? -16.472 5.809   10.616  1.00 83.82 ? 49  SER M HB3  1 
ATOM   715  H  HG   . SER A 1 96  ? -15.577 6.536   12.485  1.00 83.82 ? 49  SER M HG   1 
ATOM   716  N  N    . GLY A 1 97  ? -16.292 4.851   7.957   1.00 81.45 ? 50  GLY M N    1 
ATOM   717  C  CA   . GLY A 1 97  ? -16.971 4.705   6.688   1.00 81.45 ? 50  GLY M CA   1 
ATOM   718  C  C    . GLY A 1 97  ? -16.400 3.638   5.782   1.00 81.45 ? 50  GLY M C    1 
ATOM   719  O  O    . GLY A 1 97  ? -16.869 3.500   4.645   1.00 81.45 ? 50  GLY M O    1 
ATOM   720  H  H    . GLY A 1 97  ? -16.529 4.267   8.542   1.00 81.45 ? 50  GLY M H    1 
ATOM   721  H  HA2  . GLY A 1 97  ? -17.902 4.488   6.853   1.00 81.45 ? 50  GLY M HA2  1 
ATOM   722  H  HA3  . GLY A 1 97  ? -16.940 5.549   6.212   1.00 81.45 ? 50  GLY M HA3  1 
ATOM   723  N  N    . VAL A 1 98  ? -15.415 2.873   6.252   1.00 79.66 ? 51  VAL M N    1 
ATOM   724  C  CA   . VAL A 1 98  ? -14.788 1.809   5.476   1.00 79.66 ? 51  VAL M CA   1 
ATOM   725  C  C    . VAL A 1 98  ? -14.461 2.309   4.075   1.00 79.66 ? 51  VAL M C    1 
ATOM   726  O  O    . VAL A 1 98  ? -14.913 1.739   3.076   1.00 79.66 ? 51  VAL M O    1 
ATOM   727  C  CB   . VAL A 1 98  ? -15.692 0.563   5.414   1.00 79.66 ? 51  VAL M CB   1 
ATOM   728  C  CG1  . VAL A 1 98  ? -14.926 -0.626  4.846   1.00 79.66 ? 51  VAL M CG1  1 
ATOM   729  C  CG2  . VAL A 1 98  ? -16.245 0.236   6.793   1.00 79.66 ? 51  VAL M CG2  1 
ATOM   730  H  H    . VAL A 1 98  ? -15.084 2.955   7.042   1.00 79.66 ? 51  VAL M H    1 
ATOM   731  H  HA   . VAL A 1 98  ? -13.957 1.554   5.904   1.00 79.66 ? 51  VAL M HA   1 
ATOM   732  H  HB   . VAL A 1 98  ? -16.441 0.745   4.826   1.00 79.66 ? 51  VAL M HB   1 
ATOM   733  H  HG11 . VAL A 1 98  ? -15.465 -1.426  4.950   1.00 79.66 ? 51  VAL M HG11 1 
ATOM   734  H  HG12 . VAL A 1 98  ? -14.744 -0.471  3.906   1.00 79.66 ? 51  VAL M HG12 1 
ATOM   735  H  HG13 . VAL A 1 98  ? -14.093 -0.724  5.332   1.00 79.66 ? 51  VAL M HG13 1 
ATOM   736  H  HG21 . VAL A 1 98  ? -16.683 -0.629  6.761   1.00 79.66 ? 51  VAL M HG21 1 
ATOM   737  H  HG22 . VAL A 1 98  ? -15.513 0.214   7.429   1.00 79.66 ? 51  VAL M HG22 1 
ATOM   738  H  HG23 . VAL A 1 98  ? -16.884 0.920   7.049   1.00 79.66 ? 51  VAL M HG23 1 
ATOM   739  N  N    . ASN A 1 99  ? -13.677 3.385   3.993   1.00 78.64 ? 52  ASN M N    1 
ATOM   740  C  CA   . ASN A 1 99  ? -13.140 3.823   2.712   1.00 78.64 ? 52  ASN M CA   1 
ATOM   741  C  C    . ASN A 1 99  ? -12.066 2.882   2.186   1.00 78.64 ? 52  ASN M C    1 
ATOM   742  O  O    . ASN A 1 99  ? -11.693 2.986   1.012   1.00 78.64 ? 52  ASN M O    1 
ATOM   743  C  CB   . ASN A 1 99  ? -12.570 5.237   2.835   1.00 78.64 ? 52  ASN M CB   1 
ATOM   744  C  CG   . ASN A 1 99  ? -11.414 5.317   3.813   1.00 78.64 ? 52  ASN M CG   1 
ATOM   745  O  OD1  . ASN A 1 99  ? -10.256 5.131   3.439   1.00 78.64 ? 52  ASN M OD1  1 
ATOM   746  N  ND2  . ASN A 1 99  ? -11.723 5.598   5.073   1.00 78.64 ? 52  ASN M ND2  1 
ATOM   747  H  H    . ASN A 1 99  ? -13.444 3.873   4.662   1.00 78.64 ? 52  ASN M H    1 
ATOM   748  H  HA   . ASN A 1 99  ? -13.859 3.847   2.061   1.00 78.64 ? 52  ASN M HA   1 
ATOM   749  H  HB2  . ASN A 1 99  ? -12.249 5.526   1.966   1.00 78.64 ? 52  ASN M HB2  1 
ATOM   750  H  HB3  . ASN A 1 99  ? -13.269 5.834   3.146   1.00 78.64 ? 52  ASN M HB3  1 
ATOM   751  H  HD21 . ASN A 1 99  ? -11.103 5.655   5.665   1.00 78.64 ? 52  ASN M HD21 1 
ATOM   752  H  HD22 . ASN A 1 99  ? -12.544 5.723   5.296   1.00 78.64 ? 52  ASN M HD22 1 
ATOM   753  N  N    . ALA A 1 100 ? -11.566 1.972   3.025   1.00 78.55 ? 53  ALA M N    1 
ATOM   754  C  CA   . ALA A 1 100 ? -10.490 1.077   2.612   1.00 78.55 ? 53  ALA M CA   1 
ATOM   755  C  C    . ALA A 1 100 ? -10.876 0.270   1.380   1.00 78.55 ? 53  ALA M C    1 
ATOM   756  O  O    . ALA A 1 100 ? -10.057 0.079   0.472   1.00 78.55 ? 53  ALA M O    1 
ATOM   757  C  CB   . ALA A 1 100 ? -10.125 0.144   3.765   1.00 78.55 ? 53  ALA M CB   1 
ATOM   758  H  H    . ALA A 1 100 ? -11.831 1.854   3.835   1.00 78.55 ? 53  ALA M H    1 
ATOM   759  H  HA   . ALA A 1 100 ? -9.707  1.605   2.392   1.00 78.55 ? 53  ALA M HA   1 
ATOM   760  H  HB1  . ALA A 1 100 ? -9.504  -0.525  3.442   1.00 78.55 ? 53  ALA M HB1  1 
ATOM   761  H  HB2  . ALA A 1 100 ? -9.717  0.662   4.478   1.00 78.55 ? 53  ALA M HB2  1 
ATOM   762  H  HB3  . ALA A 1 100 ? -10.931 -0.290  4.086   1.00 78.55 ? 53  ALA M HB3  1 
ATOM   763  N  N    . ASP A 1 101 ? -12.119 -0.212  1.326   1.00 79.75 ? 54  ASP M N    1 
ATOM   764  C  CA   . ASP A 1 101 ? -12.524 -1.081  0.227   1.00 79.75 ? 54  ASP M CA   1 
ATOM   765  C  C    . ASP A 1 101 ? -12.401 -0.369  -1.115  1.00 79.75 ? 54  ASP M C    1 
ATOM   766  O  O    . ASP A 1 101 ? -11.956 -0.964  -2.104  1.00 79.75 ? 54  ASP M O    1 
ATOM   767  C  CB   . ASP A 1 101 ? -13.957 -1.568  0.446   1.00 79.75 ? 54  ASP M CB   1 
ATOM   768  C  CG   . ASP A 1 101 ? -14.393 -2.580  -0.595  1.00 79.75 ? 54  ASP M CG   1 
ATOM   769  O  OD1  . ASP A 1 101 ? -13.895 -3.724  -0.557  1.00 79.75 ? 54  ASP M OD1  1 
ATOM   770  O  OD2  . ASP A 1 101 ? -15.231 -2.230  -1.451  1.00 79.75 ? 54  ASP M OD2  1 
ATOM   771  H  H    . ASP A 1 101 ? -12.735 -0.051  1.904   1.00 79.75 ? 54  ASP M H    1 
ATOM   772  H  HA   . ASP A 1 101 ? -11.943 -1.858  0.208   1.00 79.75 ? 54  ASP M HA   1 
ATOM   773  H  HB2  . ASP A 1 101 ? -14.018 -1.988  1.318   1.00 79.75 ? 54  ASP M HB2  1 
ATOM   774  H  HB3  . ASP A 1 101 ? -14.559 -0.809  0.398   1.00 79.75 ? 54  ASP M HB3  1 
ATOM   775  N  N    . ALA A 1 102 ? -12.789 0.907   -1.169  1.00 76.44 ? 55  ALA M N    1 
ATOM   776  C  CA   . ALA A 1 102 ? -12.717 1.643   -2.428  1.00 76.44 ? 55  ALA M CA   1 
ATOM   777  C  C    . ALA A 1 102 ? -11.275 1.808   -2.890  1.00 76.44 ? 55  ALA M C    1 
ATOM   778  O  O    . ALA A 1 102 ? -10.990 1.744   -4.092  1.00 76.44 ? 55  ALA M O    1 
ATOM   779  C  CB   . ALA A 1 102 ? -13.388 3.008   -2.273  1.00 76.44 ? 55  ALA M CB   1 
ATOM   780  H  H    . ALA A 1 102 ? -13.092 1.360   -0.504  1.00 76.44 ? 55  ALA M H    1 
ATOM   781  H  HA   . ALA A 1 102 ? -13.196 1.149   -3.110  1.00 76.44 ? 55  ALA M HA   1 
ATOM   782  H  HB1  . ALA A 1 102 ? -13.332 3.484   -3.116  1.00 76.44 ? 55  ALA M HB1  1 
ATOM   783  H  HB2  . ALA A 1 102 ? -14.318 2.876   -2.029  1.00 76.44 ? 55  ALA M HB2  1 
ATOM   784  H  HB3  . ALA A 1 102 ? -12.931 3.507   -1.579  1.00 76.44 ? 55  ALA M HB3  1 
ATOM   785  N  N    . ILE A 1 103 ? -10.350 2.019   -1.953  1.00 76.10 ? 56  ILE M N    1 
ATOM   786  C  CA   . ILE A 1 103 ? -8.940  2.198   -2.280  1.00 76.10 ? 56  ILE M CA   1 
ATOM   787  C  C    . ILE A 1 103 ? -8.159  0.892   -2.172  1.00 76.10 ? 56  ILE M C    1 
ATOM   788  O  O    . ILE A 1 103 ? -6.927  0.903   -2.259  1.00 76.10 ? 56  ILE M O    1 
ATOM   789  C  CB   . ILE A 1 103 ? -8.303  3.285   -1.398  1.00 76.10 ? 56  ILE M CB   1 
ATOM   790  C  CG1  . ILE A 1 103 ? -8.463  2.941   0.086   1.00 76.10 ? 56  ILE M CG1  1 
ATOM   791  C  CG2  . ILE A 1 103 ? -8.922  4.641   -1.702  1.00 76.10 ? 56  ILE M CG2  1 
ATOM   792  C  CD1  . ILE A 1 103 ? -7.749  3.897   1.019   1.00 76.10 ? 56  ILE M CD1  1 
ATOM   793  H  H    . ILE A 1 103 ? -10.522 2.057   -1.112  1.00 76.10 ? 56  ILE M H    1 
ATOM   794  H  HA   . ILE A 1 103 ? -8.874  2.499   -3.199  1.00 76.10 ? 56  ILE M HA   1 
ATOM   795  H  HB   . ILE A 1 103 ? -7.355  3.328   -1.601  1.00 76.10 ? 56  ILE M HB   1 
ATOM   796  H  HG12 . ILE A 1 103 ? -9.404  2.963   0.314   1.00 76.10 ? 56  ILE M HG12 1 
ATOM   797  H  HG13 . ILE A 1 103 ? -8.108  2.053   0.247   1.00 76.10 ? 56  ILE M HG13 1 
ATOM   798  H  HG21 . ILE A 1 103 ? -8.412  5.332   -1.252  1.00 76.10 ? 56  ILE M HG21 1 
ATOM   799  H  HG22 . ILE A 1 103 ? -8.903  4.787   -2.661  1.00 76.10 ? 56  ILE M HG22 1 
ATOM   800  H  HG23 . ILE A 1 103 ? -9.840  4.647   -1.387  1.00 76.10 ? 56  ILE M HG23 1 
ATOM   801  H  HD11 . ILE A 1 103 ? -7.828  3.569   1.928   1.00 76.10 ? 56  ILE M HD11 1 
ATOM   802  H  HD12 . ILE A 1 103 ? -6.814  3.944   0.765   1.00 76.10 ? 56  ILE M HD12 1 
ATOM   803  H  HD13 . ILE A 1 103 ? -8.156  4.774   0.947   1.00 76.10 ? 56  ILE M HD13 1 
ATOM   804  N  N    . SER A 1 104 ? -8.843  -0.232  -1.987  1.00 75.47 ? 57  SER M N    1 
ATOM   805  C  CA   . SER A 1 104 ? -8.191  -1.531  -1.902  1.00 75.47 ? 57  SER M CA   1 
ATOM   806  C  C    . SER A 1 104 ? -8.020  -2.126  -3.294  1.00 75.47 ? 57  SER M C    1 
ATOM   807  O  O    . SER A 1 104 ? -8.944  -2.098  -4.113  1.00 75.47 ? 57  SER M O    1 
ATOM   808  C  CB   . SER A 1 104 ? -9.001  -2.486  -1.024  1.00 75.47 ? 57  SER M CB   1 
ATOM   809  O  OG   . SER A 1 104 ? -8.948  -2.095  0.336   1.00 75.47 ? 57  SER M OG   1 
ATOM   810  H  H    . SER A 1 104 ? -9.699  -0.271  -1.905  1.00 75.47 ? 57  SER M H    1 
ATOM   811  H  HA   . SER A 1 104 ? -7.313  -1.425  -1.506  1.00 75.47 ? 57  SER M HA   1 
ATOM   812  H  HB2  . SER A 1 104 ? -9.925  -2.478  -1.319  1.00 75.47 ? 57  SER M HB2  1 
ATOM   813  H  HB3  . SER A 1 104 ? -8.634  -3.380  -1.109  1.00 75.47 ? 57  SER M HB3  1 
ATOM   814  H  HG   . SER A 1 104 ? -9.079  -1.268  0.402   1.00 75.47 ? 57  SER M HG   1 
ATOM   815  N  N    . ARG A 1 105 ? -6.830  -2.663  -3.556  1.00 73.42 ? 58  ARG M N    1 
ATOM   816  C  CA   . ARG A 1 105 ? -6.536  -3.315  -4.833  1.00 73.42 ? 58  ARG M CA   1 
ATOM   817  C  C    . ARG A 1 105 ? -6.868  -4.794  -4.701  1.00 73.42 ? 58  ARG M C    1 
ATOM   818  O  O    . ARG A 1 105 ? -6.047  -5.604  -4.268  1.00 73.42 ? 58  ARG M O    1 
ATOM   819  C  CB   . ARG A 1 105 ? -5.080  -3.103  -5.230  1.00 73.42 ? 58  ARG M CB   1 
ATOM   820  C  CG   . ARG A 1 105 ? -4.848  -1.929  -6.171  1.00 73.42 ? 58  ARG M CG   1 
ATOM   821  C  CD   . ARG A 1 105 ? -5.514  -2.138  -7.527  1.00 73.42 ? 58  ARG M CD   1 
ATOM   822  N  NE   . ARG A 1 105 ? -5.118  -3.392  -8.157  1.00 73.42 ? 58  ARG M NE   1 
ATOM   823  C  CZ   . ARG A 1 105 ? -4.071  -3.536  -8.959  1.00 73.42 ? 58  ARG M CZ   1 
ATOM   824  N  NH1  . ARG A 1 105 ? -3.272  -2.522  -9.246  1.00 73.42 ? 58  ARG M NH1  1 
ATOM   825  N  NH2  . ARG A 1 105 ? -3.820  -4.730  -9.487  1.00 73.42 ? 58  ARG M NH2  1 
ATOM   826  H  H    . ARG A 1 105 ? -6.169  -2.662  -3.006  1.00 73.42 ? 58  ARG M H    1 
ATOM   827  H  HA   . ARG A 1 105 ? -7.107  -2.939  -5.518  1.00 73.42 ? 58  ARG M HA   1 
ATOM   828  H  HB2  . ARG A 1 105 ? -4.561  -2.942  -4.428  1.00 73.42 ? 58  ARG M HB2  1 
ATOM   829  H  HB3  . ARG A 1 105 ? -4.758  -3.905  -5.671  1.00 73.42 ? 58  ARG M HB3  1 
ATOM   830  H  HG2  . ARG A 1 105 ? -5.221  -1.129  -5.772  1.00 73.42 ? 58  ARG M HG2  1 
ATOM   831  H  HG3  . ARG A 1 105 ? -3.895  -1.820  -6.314  1.00 73.42 ? 58  ARG M HG3  1 
ATOM   832  H  HD2  . ARG A 1 105 ? -6.477  -2.152  -7.413  1.00 73.42 ? 58  ARG M HD2  1 
ATOM   833  H  HD3  . ARG A 1 105 ? -5.269  -1.410  -8.117  1.00 73.42 ? 58  ARG M HD3  1 
ATOM   834  H  HE   . ARG A 1 105 ? -5.597  -4.088  -7.997  1.00 73.42 ? 58  ARG M HE   1 
ATOM   835  H  HH11 . ARG A 1 105 ? -3.422  -1.744  -8.913  1.00 73.42 ? 58  ARG M HH11 1 
ATOM   836  H  HH12 . ARG A 1 105 ? -2.600  -2.641  -9.769  1.00 73.42 ? 58  ARG M HH12 1 
ATOM   837  H  HH21 . ARG A 1 105 ? -4.333  -5.397  -9.307  1.00 73.42 ? 58  ARG M HH21 1 
ATOM   838  H  HH22 . ARG A 1 105 ? -3.143  -4.837  -10.008 1.00 73.42 ? 58  ARG M HH22 1 
ATOM   839  N  N    . ASP A 1 106 ? -8.097  -5.152  -5.078  1.00 77.17 ? 59  ASP M N    1 
ATOM   840  C  CA   . ASP A 1 106 ? -8.480  -6.559  -5.088  1.00 77.17 ? 59  ASP M CA   1 
ATOM   841  C  C    . ASP A 1 106 ? -7.638  -7.346  -6.082  1.00 77.17 ? 59  ASP M C    1 
ATOM   842  O  O    . ASP A 1 106 ? -7.215  -8.472  -5.797  1.00 77.17 ? 59  ASP M O    1 
ATOM   843  C  CB   . ASP A 1 106 ? -9.967  -6.692  -5.418  1.00 77.17 ? 59  ASP M CB   1 
ATOM   844  C  CG   . ASP A 1 106 ? -10.852 -5.973  -4.418  1.00 77.17 ? 59  ASP M CG   1 
ATOM   845  O  OD1  . ASP A 1 106 ? -10.311 -5.398  -3.450  1.00 77.17 ? 59  ASP M OD1  1 
ATOM   846  O  OD2  . ASP A 1 106 ? -12.087 -5.981  -4.601  1.00 77.17 ? 59  ASP M OD2  1 
ATOM   847  H  H    . ASP A 1 106 ? -8.713  -4.608  -5.329  1.00 77.17 ? 59  ASP M H    1 
ATOM   848  H  HA   . ASP A 1 106 ? -8.333  -6.933  -4.206  1.00 77.17 ? 59  ASP M HA   1 
ATOM   849  H  HB2  . ASP A 1 106 ? -10.132 -6.310  -6.294  1.00 77.17 ? 59  ASP M HB2  1 
ATOM   850  H  HB3  . ASP A 1 106 ? -10.209 -7.631  -5.413  1.00 77.17 ? 59  ASP M HB3  1 
ATOM   851  N  N    . ASP A 1 107 ? -7.380  -6.767  -7.253  1.00 75.63 ? 60  ASP M N    1 
ATOM   852  C  CA   . ASP A 1 107 ? -6.556  -7.427  -8.251  1.00 75.63 ? 60  ASP M CA   1 
ATOM   853  C  C    . ASP A 1 107 ? -5.090  -7.414  -7.828  1.00 75.63 ? 60  ASP M C    1 
ATOM   854  O  O    . ASP A 1 107 ? -4.654  -6.603  -7.007  1.00 75.63 ? 60  ASP M O    1 
ATOM   855  C  CB   . ASP A 1 107 ? -6.714  -6.746  -9.610  1.00 75.63 ? 60  ASP M CB   1 
ATOM   856  C  CG   . ASP A 1 107 ? -8.146  -6.765  -10.108 1.00 75.63 ? 60  ASP M CG   1 
ATOM   857  O  OD1  . ASP A 1 107 ? -9.022  -7.282  -9.384  1.00 75.63 ? 60  ASP M OD1  1 
ATOM   858  O  OD2  . ASP A 1 107 ? -8.394  -6.263  -11.225 1.00 75.63 ? 60  ASP M OD2  1 
ATOM   859  H  H    . ASP A 1 107 ? -7.672  -5.994  -7.489  1.00 75.63 ? 60  ASP M H    1 
ATOM   860  H  HA   . ASP A 1 107 ? -6.839  -8.350  -8.339  1.00 75.63 ? 60  ASP M HA   1 
ATOM   861  H  HB2  . ASP A 1 107 ? -6.435  -5.821  -9.535  1.00 75.63 ? 60  ASP M HB2  1 
ATOM   862  H  HB3  . ASP A 1 107 ? -6.163  -7.208  -10.261 1.00 75.63 ? 60  ASP M HB3  1 
ATOM   863  N  N    . TYR A 1 108 ? -4.325  -8.335  -8.408  1.00 71.91 ? 61  TYR M N    1 
ATOM   864  C  CA   . TYR A 1 108 ? -2.920  -8.526  -8.078  1.00 71.91 ? 61  TYR M CA   1 
ATOM   865  C  C    . TYR A 1 108 ? -2.050  -8.003  -9.213  1.00 71.91 ? 61  TYR M C    1 
ATOM   866  O  O    . TYR A 1 108 ? -2.263  -8.356  -10.378 1.00 71.91 ? 61  TYR M O    1 
ATOM   867  C  CB   . TYR A 1 108 ? -2.621  -10.003 -7.819  1.00 71.91 ? 61  TYR M CB   1 
ATOM   868  C  CG   . TYR A 1 108 ? -3.092  -10.483 -6.466  1.00 71.91 ? 61  TYR M CG   1 
ATOM   869  C  CD1  . TYR A 1 108 ? -4.427  -10.787 -6.241  1.00 71.91 ? 61  TYR M CD1  1 
ATOM   870  C  CD2  . TYR A 1 108 ? -2.200  -10.632 -5.413  1.00 71.91 ? 61  TYR M CD2  1 
ATOM   871  C  CE1  . TYR A 1 108 ? -4.861  -11.225 -5.004  1.00 71.91 ? 61  TYR M CE1  1 
ATOM   872  C  CE2  . TYR A 1 108 ? -2.625  -11.069 -4.175  1.00 71.91 ? 61  TYR M CE2  1 
ATOM   873  C  CZ   . TYR A 1 108 ? -3.955  -11.365 -3.975  1.00 71.91 ? 61  TYR M CZ   1 
ATOM   874  O  OH   . TYR A 1 108 ? -4.380  -11.802 -2.742  1.00 71.91 ? 61  TYR M OH   1 
ATOM   875  H  H    . TYR A 1 108 ? -4.609  -8.876  -9.013  1.00 71.91 ? 61  TYR M H    1 
ATOM   876  H  HA   . TYR A 1 108 ? -2.705  -8.026  -7.276  1.00 71.91 ? 61  TYR M HA   1 
ATOM   877  H  HB2  . TYR A 1 108 ? -3.067  -10.536 -8.495  1.00 71.91 ? 61  TYR M HB2  1 
ATOM   878  H  HB3  . TYR A 1 108 ? -1.664  -10.139 -7.869  1.00 71.91 ? 61  TYR M HB3  1 
ATOM   879  H  HD1  . TYR A 1 108 ? -5.041  -10.693 -6.933  1.00 71.91 ? 61  TYR M HD1  1 
ATOM   880  H  HD2  . TYR A 1 108 ? -1.301  -10.433 -5.545  1.00 71.91 ? 61  TYR M HD2  1 
ATOM   881  H  HE1  . TYR A 1 108 ? -5.759  -11.426 -4.867  1.00 71.91 ? 61  TYR M HE1  1 
ATOM   882  H  HE2  . TYR A 1 108 ? -2.016  -11.164 -3.480  1.00 71.91 ? 61  TYR M HE2  1 
ATOM   883  H  HH   . TYR A 1 108 ? -3.728  -11.851 -2.214  1.00 71.91 ? 61  TYR M HH   1 
ATOM   884  N  N    . LEU A 1 109 ? -1.076  -7.165  -8.868  1.00 71.52 ? 62  LEU M N    1 
ATOM   885  C  CA   . LEU A 1 109 ? -0.143  -6.628  -9.851  1.00 71.52 ? 62  LEU M CA   1 
ATOM   886  C  C    . LEU A 1 109 ? 0.883   -7.699  -10.203 1.00 71.52 ? 62  LEU M C    1 
ATOM   887  O  O    . LEU A 1 109 ? 1.678   -8.107  -9.350  1.00 71.52 ? 62  LEU M O    1 
ATOM   888  C  CB   . LEU A 1 109 ? 0.546   -5.377  -9.307  1.00 71.52 ? 62  LEU M CB   1 
ATOM   889  C  CG   . LEU A 1 109 ? -0.331  -4.159  -9.005  1.00 71.52 ? 62  LEU M CG   1 
ATOM   890  C  CD1  . LEU A 1 109 ? -1.127  -4.348  -7.722  1.00 71.52 ? 62  LEU M CD1  1 
ATOM   891  C  CD2  . LEU A 1 109 ? 0.520   -2.900  -8.919  1.00 71.52 ? 62  LEU M CD2  1 
ATOM   892  H  H    . LEU A 1 109 ? -0.933  -6.895  -8.065  1.00 71.52 ? 62  LEU M H    1 
ATOM   893  H  HA   . LEU A 1 109 ? -0.626  -6.388  -10.656 1.00 71.52 ? 62  LEU M HA   1 
ATOM   894  H  HB2  . LEU A 1 109 ? 0.988   -5.617  -8.478  1.00 71.52 ? 62  LEU M HB2  1 
ATOM   895  H  HB3  . LEU A 1 109 ? 1.213   -5.096  -9.954  1.00 71.52 ? 62  LEU M HB3  1 
ATOM   896  H  HG   . LEU A 1 109 ? -0.962  -4.040  -9.732  1.00 71.52 ? 62  LEU M HG   1 
ATOM   897  H  HD11 . LEU A 1 109 ? -1.495  -3.492  -7.452  1.00 71.52 ? 62  LEU M HD11 1 
ATOM   898  H  HD12 . LEU A 1 109 ? -1.847  -4.978  -7.881  1.00 71.52 ? 62  LEU M HD12 1 
ATOM   899  H  HD13 . LEU A 1 109 ? -0.537  -4.685  -7.030  1.00 71.52 ? 62  LEU M HD13 1 
ATOM   900  H  HD21 . LEU A 1 109 ? -0.064  -2.133  -8.812  1.00 71.52 ? 62  LEU M HD21 1 
ATOM   901  H  HD22 . LEU A 1 109 ? 1.114   -2.973  -8.156  1.00 71.52 ? 62  LEU M HD22 1 
ATOM   902  H  HD23 . LEU A 1 109 ? 1.037   -2.811  -9.734  1.00 71.52 ? 62  LEU M HD23 1 
ATOM   903  N  N    . ASN A 1 110 ? 0.871   -8.147  -11.456 1.00 70.25 ? 63  ASN M N    1 
ATOM   904  C  CA   . ASN A 1 110 ? 1.697   -9.263  -11.905 1.00 70.25 ? 63  ASN M CA   1 
ATOM   905  C  C    . ASN A 1 110 ? 2.811   -8.852  -12.852 1.00 70.25 ? 63  ASN M C    1 
ATOM   906  O  O    . ASN A 1 110 ? 3.906   -9.413  -12.786 1.00 70.25 ? 63  ASN M O    1 
ATOM   907  C  CB   . ASN A 1 110 ? 0.824   -10.318 -12.595 1.00 70.25 ? 63  ASN M CB   1 
ATOM   908  C  CG   . ASN A 1 110 ? -0.411  -10.669 -11.791 1.00 70.25 ? 63  ASN M CG   1 
ATOM   909  O  OD1  . ASN A 1 110 ? -0.437  -10.514 -10.571 1.00 70.25 ? 63  ASN M OD1  1 
ATOM   910  N  ND2  . ASN A 1 110 ? -1.446  -11.142 -12.475 1.00 70.25 ? 63  ASN M ND2  1 
ATOM   911  H  H    . ASN A 1 110 ? 0.380   -7.812  -12.079 1.00 70.25 ? 63  ASN M H    1 
ATOM   912  H  HA   . ASN A 1 110 ? 2.107   -9.680  -11.131 1.00 70.25 ? 63  ASN M HA   1 
ATOM   913  H  HB2  . ASN A 1 110 ? 0.536   -9.977  -13.456 1.00 70.25 ? 63  ASN M HB2  1 
ATOM   914  H  HB3  . ASN A 1 110 ? 1.344   -11.128 -12.716 1.00 70.25 ? 63  ASN M HB3  1 
ATOM   915  H  HD21 . ASN A 1 110 ? -2.171  -11.356 -12.064 1.00 70.25 ? 63  ASN M HD21 1 
ATOM   916  H  HD22 . ASN A 1 110 ? -1.392  -11.237 -13.328 1.00 70.25 ? 63  ASN M HD22 1 
ATOM   917  N  N    . ALA A 1 111 ? 2.565   -7.889  -13.734 1.00 75.55 ? 64  ALA M N    1 
ATOM   918  C  CA   . ALA A 1 111 ? 3.599   -7.469  -14.666 1.00 75.55 ? 64  ALA M CA   1 
ATOM   919  C  C    . ALA A 1 111 ? 4.718   -6.752  -13.913 1.00 75.55 ? 64  ALA M C    1 
ATOM   920  O  O    . ALA A 1 111 ? 4.446   -5.963  -13.003 1.00 75.55 ? 64  ALA M O    1 
ATOM   921  C  CB   . ALA A 1 111 ? 3.016   -6.548  -15.736 1.00 75.55 ? 64  ALA M CB   1 
ATOM   922  H  H    . ALA A 1 111 ? 1.819   -7.470  -13.813 1.00 75.55 ? 64  ALA M H    1 
ATOM   923  H  HA   . ALA A 1 111 ? 3.952   -8.254  -15.108 1.00 75.55 ? 64  ALA M HA   1 
ATOM   924  H  HB1  . ALA A 1 111 ? 3.724   -6.281  -16.342 1.00 75.55 ? 64  ALA M HB1  1 
ATOM   925  H  HB2  . ALA A 1 111 ? 2.326   -7.026  -16.221 1.00 75.55 ? 64  ALA M HB2  1 
ATOM   926  H  HB3  . ALA A 1 111 ? 2.636   -5.766  -15.305 1.00 75.55 ? 64  ALA M HB3  1 
ATOM   927  N  N    . PRO A 1 112 ? 5.981   -7.002  -14.259 1.00 76.26 ? 65  PRO M N    1 
ATOM   928  C  CA   . PRO A 1 112 ? 7.073   -6.281  -13.588 1.00 76.26 ? 65  PRO M CA   1 
ATOM   929  C  C    . PRO A 1 112 ? 6.983   -4.785  -13.848 1.00 76.26 ? 65  PRO M C    1 
ATOM   930  O  O    . PRO A 1 112 ? 6.792   -4.343  -14.983 1.00 76.26 ? 65  PRO M O    1 
ATOM   931  C  CB   . PRO A 1 112 ? 8.336   -6.890  -14.208 1.00 76.26 ? 65  PRO M CB   1 
ATOM   932  C  CG   . PRO A 1 112 ? 7.913   -8.219  -14.718 1.00 76.26 ? 65  PRO M CG   1 
ATOM   933  C  CD   . PRO A 1 112 ? 6.493   -8.051  -15.157 1.00 76.26 ? 65  PRO M CD   1 
ATOM   934  H  HA   . PRO A 1 112 ? 7.061   -6.451  -12.634 1.00 76.26 ? 65  PRO M HA   1 
ATOM   935  H  HB2  . PRO A 1 112 ? 8.648   -6.327  -14.934 1.00 76.26 ? 65  PRO M HB2  1 
ATOM   936  H  HB3  . PRO A 1 112 ? 9.020   -6.985  -13.528 1.00 76.26 ? 65  PRO M HB3  1 
ATOM   937  H  HG2  . PRO A 1 112 ? 8.475   -8.473  -15.467 1.00 76.26 ? 65  PRO M HG2  1 
ATOM   938  H  HG3  . PRO A 1 112 ? 7.976   -8.875  -14.006 1.00 76.26 ? 65  PRO M HG3  1 
ATOM   939  H  HD2  . PRO A 1 112 ? 6.456   -7.756  -16.081 1.00 76.26 ? 65  PRO M HD2  1 
ATOM   940  H  HD3  . PRO A 1 112 ? 6.008   -8.881  -15.027 1.00 76.26 ? 65  PRO M HD3  1 
ATOM   941  N  N    . GLY A 1 113 ? 7.121   -4.005  -12.779 1.00 71.52 ? 66  GLY M N    1 
ATOM   942  C  CA   . GLY A 1 113 ? 7.021   -2.565  -12.865 1.00 71.52 ? 66  GLY M CA   1 
ATOM   943  C  C    . GLY A 1 113 ? 5.610   -2.021  -12.884 1.00 71.52 ? 66  GLY M C    1 
ATOM   944  O  O    . GLY A 1 113 ? 5.438   -0.806  -13.046 1.00 71.52 ? 66  GLY M O    1 
ATOM   945  H  H    . GLY A 1 113 ? 7.275   -4.297  -11.985 1.00 71.52 ? 66  GLY M H    1 
ATOM   946  H  HA2  . GLY A 1 113 ? 7.481   -2.172  -12.106 1.00 71.52 ? 66  GLY M HA2  1 
ATOM   947  H  HA3  . GLY A 1 113 ? 7.467   -2.267  -13.672 1.00 71.52 ? 66  GLY M HA3  1 
ATOM   948  N  N    . GLU A 1 114 ? 4.597   -2.870  -12.725 1.00 71.75 ? 67  GLU M N    1 
ATOM   949  C  CA   . GLU A 1 114 ? 3.223   -2.392  -12.687 1.00 71.75 ? 67  GLU M CA   1 
ATOM   950  C  C    . GLU A 1 114 ? 3.024   -1.472  -11.489 1.00 71.75 ? 67  GLU M C    1 
ATOM   951  O  O    . GLU A 1 114 ? 3.435   -1.791  -10.370 1.00 71.75 ? 67  GLU M O    1 
ATOM   952  C  CB   . GLU A 1 114 ? 2.256   -3.574  -12.619 1.00 71.75 ? 67  GLU M CB   1 
ATOM   953  C  CG   . GLU A 1 114 ? 0.790   -3.182  -12.701 1.00 71.75 ? 67  GLU M CG   1 
ATOM   954  C  CD   . GLU A 1 114 ? -0.134  -4.382  -12.681 1.00 71.75 ? 67  GLU M CD   1 
ATOM   955  O  OE1  . GLU A 1 114 ? 0.369   -5.522  -12.755 1.00 71.75 ? 67  GLU M OE1  1 
ATOM   956  O  OE2  . GLU A 1 114 ? -1.365  -4.186  -12.590 1.00 71.75 ? 67  GLU M OE2  1 
ATOM   957  H  H    . GLU A 1 114 ? 4.681   -3.721  -12.638 1.00 71.75 ? 67  GLU M H    1 
ATOM   958  H  HA   . GLU A 1 114 ? 3.035   -1.888  -13.494 1.00 71.75 ? 67  GLU M HA   1 
ATOM   959  H  HB2  . GLU A 1 114 ? 2.443   -4.172  -13.358 1.00 71.75 ? 67  GLU M HB2  1 
ATOM   960  H  HB3  . GLU A 1 114 ? 2.391   -4.038  -11.779 1.00 71.75 ? 67  GLU M HB3  1 
ATOM   961  H  HG2  . GLU A 1 114 ? 0.567   -2.619  -11.944 1.00 71.75 ? 67  GLU M HG2  1 
ATOM   962  H  HG3  . GLU A 1 114 ? 0.637   -2.699  -13.529 1.00 71.75 ? 67  GLU M HG3  1 
ATOM   963  N  N    . THR A 1 115 ? 2.390   -0.326  -11.729 1.00 73.28 ? 68  THR M N    1 
ATOM   964  C  CA   . THR A 1 115 ? 2.228   0.713   -10.722 1.00 73.28 ? 68  THR M CA   1 
ATOM   965  C  C    . THR A 1 115 ? 0.748   0.947   -10.463 1.00 73.28 ? 68  THR M C    1 
ATOM   966  O  O    . THR A 1 115 ? -0.033  1.115   -11.405 1.00 73.28 ? 68  THR M O    1 
ATOM   967  C  CB   . THR A 1 115 ? 2.889   2.019   -11.172 1.00 73.28 ? 68  THR M CB   1 
ATOM   968  O  OG1  . THR A 1 115 ? 4.280   1.792   -11.432 1.00 73.28 ? 68  THR M OG1  1 
ATOM   969  C  CG2  . THR A 1 115 ? 2.739   3.093   -10.105 1.00 73.28 ? 68  THR M CG2  1 
ATOM   970  H  H    . THR A 1 115 ? 2.038   -0.125  -12.488 1.00 73.28 ? 68  THR M H    1 
ATOM   971  H  HA   . THR A 1 115 ? 2.643   0.430   -9.893  1.00 73.28 ? 68  THR M HA   1 
ATOM   972  H  HB   . THR A 1 115 ? 2.459   2.333   -11.982 1.00 73.28 ? 68  THR M HB   1 
ATOM   973  H  HG1  . THR A 1 115 ? 4.646   2.505   -11.681 1.00 73.28 ? 68  THR M HG1  1 
ATOM   974  H  HG21 . THR A 1 115 ? 3.331   3.836   -10.299 1.00 73.28 ? 68  THR M HG21 1 
ATOM   975  H  HG22 . THR A 1 115 ? 1.825   3.417   -10.082 1.00 73.28 ? 68  THR M HG22 1 
ATOM   976  H  HG23 . THR A 1 115 ? 2.967   2.729   -9.234  1.00 73.28 ? 68  THR M HG23 1 
ATOM   977  N  N    . TYR A 1 116 ? 0.368   0.956   -9.188  1.00 72.09 ? 69  TYR M N    1 
ATOM   978  C  CA   . TYR A 1 116 ? -0.982  1.316   -8.765  1.00 72.09 ? 69  TYR M CA   1 
ATOM   979  C  C    . TYR A 1 116 ? -0.944  2.689   -8.107  1.00 72.09 ? 69  TYR M C    1 
ATOM   980  O  O    . TYR A 1 116 ? -0.221  2.887   -7.129  1.00 72.09 ? 69  TYR M O    1 
ATOM   981  C  CB   . TYR A 1 116 ? -1.554  0.275   -7.804  1.00 72.09 ? 69  TYR M CB   1 
ATOM   982  C  CG   . TYR A 1 116 ? -2.800  0.737   -7.088  1.00 72.09 ? 69  TYR M CG   1 
ATOM   983  C  CD1  . TYR A 1 116 ? -3.965  1.014   -7.789  1.00 72.09 ? 69  TYR M CD1  1 
ATOM   984  C  CD2  . TYR A 1 116 ? -2.812  0.897   -5.709  1.00 72.09 ? 69  TYR M CD2  1 
ATOM   985  C  CE1  . TYR A 1 116 ? -5.108  1.438   -7.138  1.00 72.09 ? 69  TYR M CE1  1 
ATOM   986  C  CE2  . TYR A 1 116 ? -3.949  1.319   -5.049  1.00 72.09 ? 69  TYR M CE2  1 
ATOM   987  C  CZ   . TYR A 1 116 ? -5.094  1.590   -5.768  1.00 72.09 ? 69  TYR M CZ   1 
ATOM   988  O  OH   . TYR A 1 116 ? -6.229  2.011   -5.114  1.00 72.09 ? 69  TYR M OH   1 
ATOM   989  H  H    . TYR A 1 116 ? 0.888   0.752   -8.534  1.00 72.09 ? 69  TYR M H    1 
ATOM   990  H  HA   . TYR A 1 116 ? -1.563  1.365   -9.541  1.00 72.09 ? 69  TYR M HA   1 
ATOM   991  H  HB2  . TYR A 1 116 ? -1.777  -0.525  -8.305  1.00 72.09 ? 69  TYR M HB2  1 
ATOM   992  H  HB3  . TYR A 1 116 ? -0.884  0.067   -7.133  1.00 72.09 ? 69  TYR M HB3  1 
ATOM   993  H  HD1  . TYR A 1 116 ? -3.976  0.913   -8.714  1.00 72.09 ? 69  TYR M HD1  1 
ATOM   994  H  HD2  . TYR A 1 116 ? -2.042  0.717   -5.221  1.00 72.09 ? 69  TYR M HD2  1 
ATOM   995  H  HE1  . TYR A 1 116 ? -5.881  1.620   -7.621  1.00 72.09 ? 69  TYR M HE1  1 
ATOM   996  H  HE2  . TYR A 1 116 ? -3.942  1.423   -4.125  1.00 72.09 ? 69  TYR M HE2  1 
ATOM   997  H  HH   . TYR A 1 116 ? -6.083  2.058   -4.288  1.00 72.09 ? 69  TYR M HH   1 
ATOM   998  N  N    . SER A 1 117 ? -1.730  3.627   -8.627  1.00 72.04 ? 70  SER M N    1 
ATOM   999  C  CA   . SER A 1 117 ? -1.736  5.003   -8.140  1.00 72.04 ? 70  SER M CA   1 
ATOM   1000 C  C    . SER A 1 117 ? -3.036  5.261   -7.392  1.00 72.04 ? 70  SER M C    1 
ATOM   1001 O  O    . SER A 1 117 ? -4.123  5.124   -7.964  1.00 72.04 ? 70  SER M O    1 
ATOM   1002 C  CB   . SER A 1 117 ? -1.579  5.990   -9.298  1.00 72.04 ? 70  SER M CB   1 
ATOM   1003 O  OG   . SER A 1 117 ? -0.359  5.777   -9.986  1.00 72.04 ? 70  SER M OG   1 
ATOM   1004 H  H    . SER A 1 117 ? -2.278  3.489   -9.274  1.00 72.04 ? 70  SER M H    1 
ATOM   1005 H  HA   . SER A 1 117 ? -0.997  5.134   -7.527  1.00 72.04 ? 70  SER M HA   1 
ATOM   1006 H  HB2  . SER A 1 117 ? -2.315  5.869   -9.917  1.00 72.04 ? 70  SER M HB2  1 
ATOM   1007 H  HB3  . SER A 1 117 ? -1.588  6.893   -8.944  1.00 72.04 ? 70  SER M HB3  1 
ATOM   1008 H  HG   . SER A 1 117 ? -0.286  6.326   -10.618 1.00 72.04 ? 70  SER M HG   1 
ATOM   1009 N  N    . VAL A 1 118 ? -2.923  5.632   -6.116  1.00 75.23 ? 71  VAL M N    1 
ATOM   1010 C  CA   . VAL A 1 118 ? -4.082  5.911   -5.273  1.00 75.23 ? 71  VAL M CA   1 
ATOM   1011 C  C    . VAL A 1 118 ? -3.914  7.286   -4.644  1.00 75.23 ? 71  VAL M C    1 
ATOM   1012 O  O    . VAL A 1 118 ? -2.848  7.597   -4.101  1.00 75.23 ? 71  VAL M O    1 
ATOM   1013 C  CB   . VAL A 1 118 ? -4.267  4.839   -4.182  1.00 75.23 ? 71  VAL M CB   1 
ATOM   1014 C  CG1  . VAL A 1 118 ? -3.051  4.788   -3.263  1.00 75.23 ? 71  VAL M CG1  1 
ATOM   1015 C  CG2  . VAL A 1 118 ? -5.536  5.104   -3.384  1.00 75.23 ? 71  VAL M CG2  1 
ATOM   1016 H  H    . VAL A 1 118 ? -2.171  5.731   -5.712  1.00 75.23 ? 71  VAL M H    1 
ATOM   1017 H  HA   . VAL A 1 118 ? -4.882  5.925   -5.821  1.00 75.23 ? 71  VAL M HA   1 
ATOM   1018 H  HB   . VAL A 1 118 ? -4.356  3.974   -4.606  1.00 75.23 ? 71  VAL M HB   1 
ATOM   1019 H  HG11 . VAL A 1 118 ? -3.122  4.006   -2.695  1.00 75.23 ? 71  VAL M HG11 1 
ATOM   1020 H  HG12 . VAL A 1 118 ? -2.247  4.734   -3.802  1.00 75.23 ? 71  VAL M HG12 1 
ATOM   1021 H  HG13 . VAL A 1 118 ? -3.030  5.590   -2.718  1.00 75.23 ? 71  VAL M HG13 1 
ATOM   1022 H  HG21 . VAL A 1 118 ? -5.700  4.349   -2.798  1.00 75.23 ? 71  VAL M HG21 1 
ATOM   1023 H  HG22 . VAL A 1 118 ? -5.419  5.911   -2.859  1.00 75.23 ? 71  VAL M HG22 1 
ATOM   1024 H  HG23 . VAL A 1 118 ? -6.278  5.211   -3.999  1.00 75.23 ? 71  VAL M HG23 1 
ATOM   1025 N  N    . LYS A 1 119 ? -4.965  8.100   -4.698  1.00 75.89 ? 72  LYS M N    1 
ATOM   1026 C  CA   . LYS A 1 119 ? -4.963  9.418   -4.074  1.00 75.89 ? 72  LYS M CA   1 
ATOM   1027 C  C    . LYS A 1 119 ? -5.725  9.343   -2.756  1.00 75.89 ? 72  LYS M C    1 
ATOM   1028 O  O    . LYS A 1 119 ? -6.900  8.961   -2.735  1.00 75.89 ? 72  LYS M O    1 
ATOM   1029 C  CB   . LYS A 1 119 ? -5.599  10.457  -4.996  1.00 75.89 ? 72  LYS M CB   1 
ATOM   1030 C  CG   . LYS A 1 119 ? -4.972  10.531  -6.377  1.00 75.89 ? 72  LYS M CG   1 
ATOM   1031 C  CD   . LYS A 1 119 ? -5.674  11.557  -7.250  1.00 75.89 ? 72  LYS M CD   1 
ATOM   1032 C  CE   . LYS A 1 119 ? -5.073  11.607  -8.645  1.00 75.89 ? 72  LYS M CE   1 
ATOM   1033 N  NZ   . LYS A 1 119 ? -5.769  12.590  -9.519  1.00 75.89 ? 72  LYS M NZ   1 
ATOM   1034 H  H    . LYS A 1 119 ? -5.701  7.908   -5.098  1.00 75.89 ? 72  LYS M H    1 
ATOM   1035 H  HA   . LYS A 1 119 ? -4.051  9.689   -3.887  1.00 75.89 ? 72  LYS M HA   1 
ATOM   1036 H  HB2  . LYS A 1 119 ? -6.538  10.240  -5.110  1.00 75.89 ? 72  LYS M HB2  1 
ATOM   1037 H  HB3  . LYS A 1 119 ? -5.512  11.332  -4.586  1.00 75.89 ? 72  LYS M HB3  1 
ATOM   1038 H  HG2  . LYS A 1 119 ? -4.041  10.788  -6.293  1.00 75.89 ? 72  LYS M HG2  1 
ATOM   1039 H  HG3  . LYS A 1 119 ? -5.043  9.665   -6.810  1.00 75.89 ? 72  LYS M HG3  1 
ATOM   1040 H  HD2  . LYS A 1 119 ? -6.611  11.322  -7.331  1.00 75.89 ? 72  LYS M HD2  1 
ATOM   1041 H  HD3  . LYS A 1 119 ? -5.582  12.436  -6.848  1.00 75.89 ? 72  LYS M HD3  1 
ATOM   1042 H  HE2  . LYS A 1 119 ? -4.141  11.866  -8.581  1.00 75.89 ? 72  LYS M HE2  1 
ATOM   1043 H  HE3  . LYS A 1 119 ? -5.150  10.731  -9.055  1.00 75.89 ? 72  LYS M HE3  1 
ATOM   1044 H  HZ1  . LYS A 1 119 ? -5.396  12.596  -10.327 1.00 75.89 ? 72  LYS M HZ1  1 
ATOM   1045 H  HZ2  . LYS A 1 119 ? -6.629  12.372  -9.598  1.00 75.89 ? 72  LYS M HZ2  1 
ATOM   1046 H  HZ3  . LYS A 1 119 ? -5.711  13.406  -9.166  1.00 75.89 ? 72  LYS M HZ3  1 
ATOM   1047 N  N    . LEU A 1 120 ? -5.056  9.704   -1.662  1.00 76.44 ? 73  LEU M N    1 
ATOM   1048 C  CA   . LEU A 1 120 ? -5.671  9.779   -0.341  1.00 76.44 ? 73  LEU M CA   1 
ATOM   1049 C  C    . LEU A 1 120 ? -5.824  11.246  0.043   1.00 76.44 ? 73  LEU M C    1 
ATOM   1050 O  O    . LEU A 1 120 ? -4.827  11.942  0.260   1.00 76.44 ? 73  LEU M O    1 
ATOM   1051 C  CB   . LEU A 1 120 ? -4.831  9.027   0.690   1.00 76.44 ? 73  LEU M CB   1 
ATOM   1052 C  CG   . LEU A 1 120 ? -4.558  7.556   0.372   1.00 76.44 ? 73  LEU M CG   1 
ATOM   1053 C  CD1  . LEU A 1 120 ? -3.653  6.941   1.427   1.00 76.44 ? 73  LEU M CD1  1 
ATOM   1054 C  CD2  . LEU A 1 120 ? -5.858  6.776   0.258   1.00 76.44 ? 73  LEU M CD2  1 
ATOM   1055 H  H    . LEU A 1 120 ? -4.222  9.918   -1.662  1.00 76.44 ? 73  LEU M H    1 
ATOM   1056 H  HA   . LEU A 1 120 ? -6.553  9.378   -0.370  1.00 76.44 ? 73  LEU M HA   1 
ATOM   1057 H  HB2  . LEU A 1 120 ? -3.973  9.472   0.769   1.00 76.44 ? 73  LEU M HB2  1 
ATOM   1058 H  HB3  . LEU A 1 120 ? -5.293  9.059   1.542   1.00 76.44 ? 73  LEU M HB3  1 
ATOM   1059 H  HG   . LEU A 1 120 ? -4.101  7.498   -0.483  1.00 76.44 ? 73  LEU M HG   1 
ATOM   1060 H  HD11 . LEU A 1 120 ? -3.493  6.010   1.202   1.00 76.44 ? 73  LEU M HD11 1 
ATOM   1061 H  HD12 . LEU A 1 120 ? -2.814  7.426   1.446   1.00 76.44 ? 73  LEU M HD12 1 
ATOM   1062 H  HD13 . LEU A 1 120 ? -4.090  7.001   2.291   1.00 76.44 ? 73  LEU M HD13 1 
ATOM   1063 H  HD21 . LEU A 1 120 ? -5.651  5.834   0.151   1.00 76.44 ? 73  LEU M HD21 1 
ATOM   1064 H  HD22 . LEU A 1 120 ? -6.378  6.911   1.066   1.00 76.44 ? 73  LEU M HD22 1 
ATOM   1065 H  HD23 . LEU A 1 120 ? -6.354  7.096   -0.511  1.00 76.44 ? 73  LEU M HD23 1 
ATOM   1066 N  N    . THR A 1 121 ? -7.069  11.714  0.129   1.00 75.41 ? 74  THR M N    1 
ATOM   1067 C  CA   . THR A 1 121 ? -7.348  13.066  0.598   1.00 75.41 ? 74  THR M CA   1 
ATOM   1068 C  C    . THR A 1 121 ? -7.733  13.123  2.069   1.00 75.41 ? 74  THR M C    1 
ATOM   1069 O  O    . THR A 1 121 ? -7.435  14.119  2.736   1.00 75.41 ? 74  THR M O    1 
ATOM   1070 C  CB   . THR A 1 121 ? -8.475  13.693  -0.230  1.00 75.41 ? 74  THR M CB   1 
ATOM   1071 O  OG1  . THR A 1 121 ? -9.660  12.893  -0.116  1.00 75.41 ? 74  THR M OG1  1 
ATOM   1072 C  CG2  . THR A 1 121 ? -8.073  13.796  -1.694  1.00 75.41 ? 74  THR M CG2  1 
ATOM   1073 H  H    . THR A 1 121 ? -7.772  11.265  -0.082  1.00 75.41 ? 74  THR M H    1 
ATOM   1074 H  HA   . THR A 1 121 ? -6.556  13.611  0.477   1.00 75.41 ? 74  THR M HA   1 
ATOM   1075 H  HB   . THR A 1 121 ? -8.658  14.587  0.100   1.00 75.41 ? 74  THR M HB   1 
ATOM   1076 H  HG1  . THR A 1 121 ? -10.280 13.233  -0.569  1.00 75.41 ? 74  THR M HG1  1 
ATOM   1077 H  HG21 . THR A 1 121 ? -8.782  14.217  -2.203  1.00 75.41 ? 74  THR M HG21 1 
ATOM   1078 H  HG22 . THR A 1 121 ? -7.266  14.328  -1.779  1.00 75.41 ? 74  THR M HG22 1 
ATOM   1079 H  HG23 . THR A 1 121 ? -7.906  12.911  -2.055  1.00 75.41 ? 74  THR M HG23 1 
ATOM   1080 N  N    . ALA A 1 122 ? -8.382  12.084  2.587   1.00 77.08 ? 75  ALA M N    1 
ATOM   1081 C  CA   . ALA A 1 122 ? -8.802  12.073  3.982   1.00 77.08 ? 75  ALA M CA   1 
ATOM   1082 C  C    . ALA A 1 122 ? -7.595  11.969  4.908   1.00 77.08 ? 75  ALA M C    1 
ATOM   1083 O  O    . ALA A 1 122 ? -6.700  11.146  4.693   1.00 77.08 ? 75  ALA M O    1 
ATOM   1084 C  CB   . ALA A 1 122 ? -9.773  10.920  4.234   1.00 77.08 ? 75  ALA M CB   1 
ATOM   1085 H  H    . ALA A 1 122 ? -8.591  11.372  2.151   1.00 77.08 ? 75  ALA M H    1 
ATOM   1086 H  HA   . ALA A 1 122 ? -9.263  12.902  4.181   1.00 77.08 ? 75  ALA M HA   1 
ATOM   1087 H  HB1  . ALA A 1 122 ? -9.896  10.817  5.190   1.00 77.08 ? 75  ALA M HB1  1 
ATOM   1088 H  HB2  . ALA A 1 122 ? -10.621 11.126  3.812   1.00 77.08 ? 75  ALA M HB2  1 
ATOM   1089 H  HB3  . ALA A 1 122 ? -9.408  10.106  3.859   1.00 77.08 ? 75  ALA M HB3  1 
ATOM   1090 N  N    . ALA A 1 123 ? -7.576  12.809  5.939   1.00 75.63 ? 76  ALA M N    1 
ATOM   1091 C  CA   . ALA A 1 123 ? -6.502  12.798  6.922   1.00 75.63 ? 76  ALA M CA   1 
ATOM   1092 C  C    . ALA A 1 123 ? -6.669  11.628  7.884   1.00 75.63 ? 76  ALA M C    1 
ATOM   1093 O  O    . ALA A 1 123 ? -7.785  11.209  8.201   1.00 75.63 ? 76  ALA M O    1 
ATOM   1094 C  CB   . ALA A 1 123 ? -6.475  14.113  7.701   1.00 75.63 ? 76  ALA M CB   1 
ATOM   1095 H  H    . ALA A 1 123 ? -8.181  13.400  6.092   1.00 75.63 ? 76  ALA M H    1 
ATOM   1096 H  HA   . ALA A 1 123 ? -5.652  12.697  6.465   1.00 75.63 ? 76  ALA M HA   1 
ATOM   1097 H  HB1  . ALA A 1 123 ? -5.753  14.081  8.348   1.00 75.63 ? 76  ALA M HB1  1 
ATOM   1098 H  HB2  . ALA A 1 123 ? -6.331  14.844  7.080   1.00 75.63 ? 76  ALA M HB2  1 
ATOM   1099 H  HB3  . ALA A 1 123 ? -7.323  14.227  8.156   1.00 75.63 ? 76  ALA M HB3  1 
ATOM   1100 N  N    . GLY A 1 124 ? -5.537  11.099  8.350   1.00 76.94 ? 77  GLY M N    1 
ATOM   1101 C  CA   . GLY A 1 124 ? -5.545  9.918   9.191   1.00 76.94 ? 77  GLY M CA   1 
ATOM   1102 C  C    . GLY A 1 124 ? -4.527  8.873   8.781   1.00 76.94 ? 77  GLY M C    1 
ATOM   1103 O  O    . GLY A 1 124 ? -3.994  8.910   7.666   1.00 76.94 ? 77  GLY M O    1 
ATOM   1104 H  H    . GLY A 1 124 ? -4.753  11.412  8.189   1.00 76.94 ? 77  GLY M H    1 
ATOM   1105 H  HA2  . GLY A 1 124 ? -5.359  10.178  10.107  1.00 76.94 ? 77  GLY M HA2  1 
ATOM   1106 H  HA3  . GLY A 1 124 ? -6.423  9.508   9.164   1.00 76.94 ? 77  GLY M HA3  1 
ATOM   1107 N  N    . GLU A 1 125 ? -4.157  8.009   9.724   1.00 76.25 ? 78  GLU M N    1 
ATOM   1108 C  CA   . GLU A 1 125 ? -3.389  6.821   9.384   1.00 76.25 ? 78  GLU M CA   1 
ATOM   1109 C  C    . GLU A 1 125 ? -4.238  5.856   8.564   1.00 76.25 ? 78  GLU M C    1 
ATOM   1110 O  O    . GLU A 1 125 ? -5.429  5.669   8.830   1.00 76.25 ? 78  GLU M O    1 
ATOM   1111 C  CB   . GLU A 1 125 ? -2.896  6.130   10.654  1.00 76.25 ? 78  GLU M CB   1 
ATOM   1112 C  CG   . GLU A 1 125 ? -2.056  7.016   11.559  1.00 76.25 ? 78  GLU M CG   1 
ATOM   1113 C  CD   . GLU A 1 125 ? -1.648  6.320   12.842  1.00 76.25 ? 78  GLU M CD   1 
ATOM   1114 O  OE1  . GLU A 1 125 ? -2.134  5.196   13.091  1.00 76.25 ? 78  GLU M OE1  1 
ATOM   1115 O  OE2  . GLU A 1 125 ? -0.841  6.895   13.601  1.00 76.25 ? 78  GLU M OE2  1 
ATOM   1116 H  H    . GLU A 1 125 ? -4.339  8.089   10.561  1.00 76.25 ? 78  GLU M H    1 
ATOM   1117 H  HA   . GLU A 1 125 ? -2.618  7.077   8.854   1.00 76.25 ? 78  GLU M HA   1 
ATOM   1118 H  HB2  . GLU A 1 125 ? -3.664  5.831   11.164  1.00 76.25 ? 78  GLU M HB2  1 
ATOM   1119 H  HB3  . GLU A 1 125 ? -2.355  5.367   10.400  1.00 76.25 ? 78  GLU M HB3  1 
ATOM   1120 H  HG2  . GLU A 1 125 ? -1.250  7.275   11.089  1.00 76.25 ? 78  GLU M HG2  1 
ATOM   1121 H  HG3  . GLU A 1 125 ? -2.570  7.804   11.796  1.00 76.25 ? 78  GLU M HG3  1 
ATOM   1122 N  N    . TYR A 1 126 ? -3.617  5.240   7.560   1.00 77.39 ? 79  TYR M N    1 
ATOM   1123 C  CA   . TYR A 1 126 ? -4.198  4.128   6.817   1.00 77.39 ? 79  TYR M CA   1 
ATOM   1124 C  C    . TYR A 1 126 ? -3.332  2.901   7.065   1.00 77.39 ? 79  TYR M C    1 
ATOM   1125 O  O    . TYR A 1 126 ? -2.198  2.838   6.579   1.00 77.39 ? 79  TYR M O    1 
ATOM   1126 C  CB   . TYR A 1 126 ? -4.279  4.442   5.325   1.00 77.39 ? 79  TYR M CB   1 
ATOM   1127 C  CG   . TYR A 1 126 ? -5.129  5.644   4.997   1.00 77.39 ? 79  TYR M CG   1 
ATOM   1128 C  CD1  . TYR A 1 126 ? -4.615  6.928   5.104   1.00 77.39 ? 79  TYR M CD1  1 
ATOM   1129 C  CD2  . TYR A 1 126 ? -6.443  5.497   4.576   1.00 77.39 ? 79  TYR M CD2  1 
ATOM   1130 C  CE1  . TYR A 1 126 ? -5.385  8.028   4.804   1.00 77.39 ? 79  TYR M CE1  1 
ATOM   1131 C  CE2  . TYR A 1 126 ? -7.221  6.593   4.273   1.00 77.39 ? 79  TYR M CE2  1 
ATOM   1132 C  CZ   . TYR A 1 126 ? -6.687  7.856   4.390   1.00 77.39 ? 79  TYR M CZ   1 
ATOM   1133 O  OH   . TYR A 1 126 ? -7.450  8.956   4.090   1.00 77.39 ? 79  TYR M OH   1 
ATOM   1134 H  H    . TYR A 1 126 ? -2.833  5.459   7.284   1.00 77.39 ? 79  TYR M H    1 
ATOM   1135 H  HA   . TYR A 1 126 ? -5.093  3.945   7.145   1.00 77.39 ? 79  TYR M HA   1 
ATOM   1136 H  HB2  . TYR A 1 126 ? -3.384  4.612   4.993   1.00 77.39 ? 79  TYR M HB2  1 
ATOM   1137 H  HB3  . TYR A 1 126 ? -4.660  3.677   4.866   1.00 77.39 ? 79  TYR M HB3  1 
ATOM   1138 H  HD1  . TYR A 1 126 ? -3.737  7.047   5.385   1.00 77.39 ? 79  TYR M HD1  1 
ATOM   1139 H  HD2  . TYR A 1 126 ? -6.804  4.643   4.498   1.00 77.39 ? 79  TYR M HD2  1 
ATOM   1140 H  HE1  . TYR A 1 126 ? -5.031  8.884   4.881   1.00 77.39 ? 79  TYR M HE1  1 
ATOM   1141 H  HE2  . TYR A 1 126 ? -8.100  6.481   3.992   1.00 77.39 ? 79  TYR M HE2  1 
ATOM   1142 H  HH   . TYR A 1 126 ? -6.963  9.639   4.046   1.00 77.39 ? 79  TYR M HH   1 
ATOM   1143 N  N    . GLY A 1 127 ? -3.855  1.948   7.831   1.00 77.51 ? 80  GLY M N    1 
ATOM   1144 C  CA   . GLY A 1 127 ? -3.203  0.667   8.036   1.00 77.51 ? 80  GLY M CA   1 
ATOM   1145 C  C    . GLY A 1 127 ? -3.537  -0.331  6.948   1.00 77.51 ? 80  GLY M C    1 
ATOM   1146 O  O    . GLY A 1 127 ? -4.701  -0.722  6.816   1.00 77.51 ? 80  GLY M O    1 
ATOM   1147 H  H    . GLY A 1 127 ? -4.602  2.024   8.249   1.00 77.51 ? 80  GLY M H    1 
ATOM   1148 H  HA2  . GLY A 1 127 ? -2.241  0.793   8.054   1.00 77.51 ? 80  GLY M HA2  1 
ATOM   1149 H  HA3  . GLY A 1 127 ? -3.479  0.297   8.889   1.00 77.51 ? 80  GLY M HA3  1 
ATOM   1150 N  N    . TYR A 1 128 ? -2.551  -0.759  6.162   1.00 71.79 ? 81  TYR M N    1 
ATOM   1151 C  CA   . TYR A 1 128 ? -2.799  -1.646  5.035   1.00 71.79 ? 81  TYR M CA   1 
ATOM   1152 C  C    . TYR A 1 128 ? -1.803  -2.797  5.060   1.00 71.79 ? 81  TYR M C    1 
ATOM   1153 O  O    . TYR A 1 128 ? -0.787  -2.757  5.758   1.00 71.79 ? 81  TYR M O    1 
ATOM   1154 C  CB   . TYR A 1 128 ? -2.706  -0.893  3.702   1.00 71.79 ? 81  TYR M CB   1 
ATOM   1155 C  CG   . TYR A 1 128 ? -1.333  -0.339  3.405   1.00 71.79 ? 81  TYR M CG   1 
ATOM   1156 C  CD1  . TYR A 1 128 ? -0.874  0.809   4.036   1.00 71.79 ? 81  TYR M CD1  1 
ATOM   1157 C  CD2  . TYR A 1 128 ? -0.495  -0.962  2.490   1.00 71.79 ? 81  TYR M CD2  1 
ATOM   1158 C  CE1  . TYR A 1 128 ? 0.379   1.321   3.766   1.00 71.79 ? 81  TYR M CE1  1 
ATOM   1159 C  CE2  . TYR A 1 128 ? 0.761   -0.457  2.215   1.00 71.79 ? 81  TYR M CE2  1 
ATOM   1160 C  CZ   . TYR A 1 128 ? 1.193   0.684   2.855   1.00 71.79 ? 81  TYR M CZ   1 
ATOM   1161 O  OH   . TYR A 1 128 ? 2.444   1.189   2.583   1.00 71.79 ? 81  TYR M OH   1 
ATOM   1162 H  H    . TYR A 1 128 ? -1.724  -0.546  6.262   1.00 71.79 ? 81  TYR M H    1 
ATOM   1163 H  HA   . TYR A 1 128 ? -3.691  -2.020  5.108   1.00 71.79 ? 81  TYR M HA   1 
ATOM   1164 H  HB2  . TYR A 1 128 ? -2.944  -1.498  2.982   1.00 71.79 ? 81  TYR M HB2  1 
ATOM   1165 H  HB3  . TYR A 1 128 ? -3.326  -0.147  3.723   1.00 71.79 ? 81  TYR M HB3  1 
ATOM   1166 H  HD1  . TYR A 1 128 ? -1.421  1.241   4.651   1.00 71.79 ? 81  TYR M HD1  1 
ATOM   1167 H  HD2  . TYR A 1 128 ? -0.784  -1.732  2.056   1.00 71.79 ? 81  TYR M HD2  1 
ATOM   1168 H  HE1  . TYR A 1 128 ? 0.672   2.089   4.198   1.00 71.79 ? 81  TYR M HE1  1 
ATOM   1169 H  HE2  . TYR A 1 128 ? 1.313   -0.885  1.600   1.00 71.79 ? 81  TYR M HE2  1 
ATOM   1170 H  HH   . TYR A 1 128 ? 2.833   0.704   2.019   1.00 71.79 ? 81  TYR M HH   1 
ATOM   1171 N  N    . TYR A 1 129 ? -2.106  -3.837  4.284   1.00 70.96 ? 82  TYR M N    1 
ATOM   1172 C  CA   . TYR A 1 129 ? -1.298  -5.046  4.290   1.00 70.96 ? 82  TYR M CA   1 
ATOM   1173 C  C    . TYR A 1 129 ? -1.409  -5.749  2.946   1.00 70.96 ? 82  TYR M C    1 
ATOM   1174 O  O    . TYR A 1 129 ? -2.412  -5.619  2.239   1.00 70.96 ? 82  TYR M O    1 
ATOM   1175 C  CB   . TYR A 1 129 ? -1.726  -5.993  5.416   1.00 70.96 ? 82  TYR M CB   1 
ATOM   1176 C  CG   . TYR A 1 129 ? -3.209  -6.289  5.430   1.00 70.96 ? 82  TYR M CG   1 
ATOM   1177 C  CD1  . TYR A 1 129 ? -3.744  -7.293  4.636   1.00 70.96 ? 82  TYR M CD1  1 
ATOM   1178 C  CD2  . TYR A 1 129 ? -4.071  -5.565  6.241   1.00 70.96 ? 82  TYR M CD2  1 
ATOM   1179 C  CE1  . TYR A 1 129 ? -5.097  -7.566  4.647   1.00 70.96 ? 82  TYR M CE1  1 
ATOM   1180 C  CE2  . TYR A 1 129 ? -5.425  -5.831  6.258   1.00 70.96 ? 82  TYR M CE2  1 
ATOM   1181 C  CZ   . TYR A 1 129 ? -5.933  -6.833  5.461   1.00 70.96 ? 82  TYR M CZ   1 
ATOM   1182 O  OH   . TYR A 1 129 ? -7.282  -7.102  5.476   1.00 70.96 ? 82  TYR M OH   1 
ATOM   1183 H  H    . TYR A 1 129 ? -2.777  -3.863  3.747   1.00 70.96 ? 82  TYR M H    1 
ATOM   1184 H  HA   . TYR A 1 129 ? -0.369  -4.808  4.429   1.00 70.96 ? 82  TYR M HA   1 
ATOM   1185 H  HB2  . TYR A 1 129 ? -1.257  -6.835  5.312   1.00 70.96 ? 82  TYR M HB2  1 
ATOM   1186 H  HB3  . TYR A 1 129 ? -1.496  -5.591  6.267   1.00 70.96 ? 82  TYR M HB3  1 
ATOM   1187 H  HD1  . TYR A 1 129 ? -3.182  -7.789  4.086   1.00 70.96 ? 82  TYR M HD1  1 
ATOM   1188 H  HD2  . TYR A 1 129 ? -3.731  -4.888  6.780   1.00 70.96 ? 82  TYR M HD2  1 
ATOM   1189 H  HE1  . TYR A 1 129 ? -5.443  -8.242  4.109   1.00 70.96 ? 82  TYR M HE1  1 
ATOM   1190 H  HE2  . TYR A 1 129 ? -5.991  -5.338  6.807   1.00 70.96 ? 82  TYR M HE2  1 
ATOM   1191 H  HH   . TYR A 1 129 ? -7.671  -6.590  6.016   1.00 70.96 ? 82  TYR M HH   1 
ATOM   1192 N  N    . CYS A 1 130 ? -0.361  -6.497  2.606   1.00 69.77 ? 83  CYS M N    1 
ATOM   1193 C  CA   . CYS A 1 130 ? -0.329  -7.312  1.397   1.00 69.77 ? 83  CYS M CA   1 
ATOM   1194 C  C    . CYS A 1 130 ? -0.758  -8.727  1.770   1.00 69.77 ? 83  CYS M C    1 
ATOM   1195 O  O    . CYS A 1 130 ? -0.015  -9.451  2.441   1.00 69.77 ? 83  CYS M O    1 
ATOM   1196 C  CB   . CYS A 1 130 ? 1.070   -7.295  0.783   1.00 69.77 ? 83  CYS M CB   1 
ATOM   1197 S  SG   . CYS A 1 130 ? 1.244   -8.194  -0.773  1.00 69.77 ? 83  CYS M SG   1 
ATOM   1198 H  H    . CYS A 1 130 ? 0.360   -6.549  3.072   1.00 69.77 ? 83  CYS M H    1 
ATOM   1199 H  HA   . CYS A 1 130 ? -0.957  -6.959  0.746   1.00 69.77 ? 83  CYS M HA   1 
ATOM   1200 H  HB2  . CYS A 1 130 ? 1.320   -6.373  0.616   1.00 69.77 ? 83  CYS M HB2  1 
ATOM   1201 H  HB3  . CYS A 1 130 ? 1.689   -7.688  1.419   1.00 69.77 ? 83  CYS M HB3  1 
ATOM   1202 N  N    . GLU A 1 131 ? -1.957  -9.120  1.340   1.00 69.02 ? 84  GLU M N    1 
ATOM   1203 C  CA   . GLU A 1 131 ? -2.502  -10.424 1.719   1.00 69.02 ? 84  GLU M CA   1 
ATOM   1204 C  C    . GLU A 1 131 ? -1.568  -11.587 1.417   1.00 69.02 ? 84  GLU M C    1 
ATOM   1205 O  O    . GLU A 1 131 ? -1.279  -12.368 2.339   1.00 69.02 ? 84  GLU M O    1 
ATOM   1206 C  CB   . GLU A 1 131 ? -3.853  -10.628 1.021   1.00 69.02 ? 84  GLU M CB   1 
ATOM   1207 C  CG   . GLU A 1 131 ? -4.954  -9.715  1.528   1.00 69.02 ? 84  GLU M CG   1 
ATOM   1208 C  CD   . GLU A 1 131 ? -6.306  -10.052 0.935   1.00 69.02 ? 84  GLU M CD   1 
ATOM   1209 O  OE1  . GLU A 1 131 ? -6.354  -10.861 -0.014  1.00 69.02 ? 84  GLU M OE1  1 
ATOM   1210 O  OE2  . GLU A 1 131 ? -7.321  -9.509  1.420   1.00 69.02 ? 84  GLU M OE2  1 
ATOM   1211 H  H    . GLU A 1 131 ? -2.472  -8.655  0.832   1.00 69.02 ? 84  GLU M H    1 
ATOM   1212 H  HA   . GLU A 1 131 ? -2.666  -10.422 2.675   1.00 69.02 ? 84  GLU M HA   1 
ATOM   1213 H  HB2  . GLU A 1 131 ? -3.742  -10.460 0.072   1.00 69.02 ? 84  GLU M HB2  1 
ATOM   1214 H  HB3  . GLU A 1 131 ? -4.140  -11.544 1.161   1.00 69.02 ? 84  GLU M HB3  1 
ATOM   1215 H  HG2  . GLU A 1 131 ? -5.019  -9.803  2.493   1.00 69.02 ? 84  GLU M HG2  1 
ATOM   1216 H  HG3  . GLU A 1 131 ? -4.740  -8.800  1.291   1.00 69.02 ? 84  GLU M HG3  1 
ATOM   1217 N  N    . PRO A 1 132 ? -1.029  -11.742 0.203   1.00 69.84 ? 85  PRO M N    1 
ATOM   1218 C  CA   . PRO A 1 132 ? -0.211  -12.935 -0.074  1.00 69.84 ? 85  PRO M CA   1 
ATOM   1219 C  C    . PRO A 1 132 ? 0.977   -13.057 0.853   1.00 69.84 ? 85  PRO M C    1 
ATOM   1220 O  O    . PRO A 1 132 ? 1.434   -14.175 1.123   1.00 69.84 ? 85  PRO M O    1 
ATOM   1221 C  CB   . PRO A 1 132 ? 0.216   -12.741 -1.536  1.00 69.84 ? 85  PRO M CB   1 
ATOM   1222 C  CG   . PRO A 1 132 ? 0.082   -11.291 -1.791  1.00 69.84 ? 85  PRO M CG   1 
ATOM   1223 C  CD   . PRO A 1 132 ? -1.075  -10.836 -0.957  1.00 69.84 ? 85  PRO M CD   1 
ATOM   1224 H  HA   . PRO A 1 132 ? -0.754  -13.735 -0.004  1.00 69.84 ? 85  PRO M HA   1 
ATOM   1225 H  HB2  . PRO A 1 132 ? 1.137   -13.026 -1.648  1.00 69.84 ? 85  PRO M HB2  1 
ATOM   1226 H  HB3  . PRO A 1 132 ? -0.372  -13.247 -2.118  1.00 69.84 ? 85  PRO M HB3  1 
ATOM   1227 H  HG2  . PRO A 1 132 ? 0.897   -10.843 -1.519  1.00 69.84 ? 85  PRO M HG2  1 
ATOM   1228 H  HG3  . PRO A 1 132 ? -0.091  -11.141 -2.733  1.00 69.84 ? 85  PRO M HG3  1 
ATOM   1229 H  HD2  . PRO A 1 132 ? -0.938  -9.919  -0.685  1.00 69.84 ? 85  PRO M HD2  1 
ATOM   1230 H  HD3  . PRO A 1 132 ? -1.909  -10.946 -1.439  1.00 69.84 ? 85  PRO M HD3  1 
ATOM   1231 N  N    . HIS A 1 133 ? 1.492   -11.933 1.351   1.00 68.89 ? 86  HIS M N    1 
ATOM   1232 C  CA   . HIS A 1 133 ? 2.623   -11.923 2.268   1.00 68.89 ? 86  HIS M CA   1 
ATOM   1233 C  C    . HIS A 1 133 ? 2.241   -11.319 3.613   1.00 68.89 ? 86  HIS M C    1 
ATOM   1234 O  O    . HIS A 1 133 ? 3.119   -10.905 4.379   1.00 68.89 ? 86  HIS M O    1 
ATOM   1235 C  CB   . HIS A 1 133 ? 3.789   -11.154 1.644   1.00 68.89 ? 86  HIS M CB   1 
ATOM   1236 C  CG   . HIS A 1 133 ? 4.045   -11.517 0.215   1.00 68.89 ? 86  HIS M CG   1 
ATOM   1237 N  ND1  . HIS A 1 133 ? 4.441   -10.596 -0.731  1.00 68.89 ? 86  HIS M ND1  1 
ATOM   1238 C  CD2  . HIS A 1 133 ? 3.954   -12.704 -0.431  1.00 68.89 ? 86  HIS M CD2  1 
ATOM   1239 C  CE1  . HIS A 1 133 ? 4.587   -11.201 -1.896  1.00 68.89 ? 86  HIS M CE1  1 
ATOM   1240 N  NE2  . HIS A 1 133 ? 4.297   -12.480 -1.741  1.00 68.89 ? 86  HIS M NE2  1 
ATOM   1241 H  H    . HIS A 1 133 ? 1.192   -11.148 1.167   1.00 68.89 ? 86  HIS M H    1 
ATOM   1242 H  HA   . HIS A 1 133 ? 2.917   -12.833 2.423   1.00 68.89 ? 86  HIS M HA   1 
ATOM   1243 H  HB2  . HIS A 1 133 ? 3.591   -10.204 1.678   1.00 68.89 ? 86  HIS M HB2  1 
ATOM   1244 H  HB3  . HIS A 1 133 ? 4.595   -11.342 2.148   1.00 68.89 ? 86  HIS M HB3  1 
ATOM   1245 H  HD2  . HIS A 1 133 ? 3.706   -13.518 -0.056  1.00 68.89 ? 86  HIS M HD2  1 
ATOM   1246 H  HE1  . HIS A 1 133 ? 4.848   -10.799 -2.691  1.00 68.89 ? 86  HIS M HE1  1 
ATOM   1247 H  HE2  . HIS A 1 133 ? 4.319   -13.076 -2.361  1.00 68.89 ? 86  HIS M HE2  1 
ATOM   1248 N  N    . GLN A 1 134 ? 0.943   -11.295 3.931   1.00 68.59 ? 87  GLN M N    1 
ATOM   1249 C  CA   . GLN A 1 134 ? 0.510   -10.746 5.212   1.00 68.59 ? 87  GLN M CA   1 
ATOM   1250 C  C    . GLN A 1 134 ? 1.119   -11.529 6.366   1.00 68.59 ? 87  GLN M C    1 
ATOM   1251 O  O    . GLN A 1 134 ? 1.505   -10.948 7.386   1.00 68.59 ? 87  GLN M O    1 
ATOM   1252 C  CB   . GLN A 1 134 ? -1.016  -10.759 5.299   1.00 68.59 ? 87  GLN M CB   1 
ATOM   1253 C  CG   . GLN A 1 134 ? -1.567  -10.151 6.578   1.00 68.59 ? 87  GLN M CG   1 
ATOM   1254 C  CD   . GLN A 1 134 ? -3.081  -10.157 6.619   1.00 68.59 ? 87  GLN M CD   1 
ATOM   1255 O  OE1  . GLN A 1 134 ? -3.735  -10.690 5.723   1.00 68.59 ? 87  GLN M OE1  1 
ATOM   1256 N  NE2  . GLN A 1 134 ? -3.647  -9.560  7.662   1.00 68.59 ? 87  GLN M NE2  1 
ATOM   1257 H  H    . GLN A 1 134 ? 0.306   -11.584 3.431   1.00 68.59 ? 87  GLN M H    1 
ATOM   1258 H  HA   . GLN A 1 134 ? 0.808   -9.826  5.281   1.00 68.59 ? 87  GLN M HA   1 
ATOM   1259 H  HB2  . GLN A 1 134 ? -1.375  -10.252 4.554   1.00 68.59 ? 87  GLN M HB2  1 
ATOM   1260 H  HB3  . GLN A 1 134 ? -1.325  -11.677 5.251   1.00 68.59 ? 87  GLN M HB3  1 
ATOM   1261 H  HG2  . GLN A 1 134 ? -1.247  -10.661 7.338   1.00 68.59 ? 87  GLN M HG2  1 
ATOM   1262 H  HG3  . GLN A 1 134 ? -1.268  -9.230  6.646   1.00 68.59 ? 87  GLN M HG3  1 
ATOM   1263 H  HE21 . GLN A 1 134 ? -3.157  -9.198  8.269   1.00 68.59 ? 87  GLN M HE21 1 
ATOM   1264 H  HE22 . GLN A 1 134 ? -4.504  -9.536  7.730   1.00 68.59 ? 87  GLN M HE22 1 
ATOM   1265 N  N    . GLY A 1 135 ? 1.213   -12.851 6.220   1.00 72.08 ? 88  GLY M N    1 
ATOM   1266 C  CA   . GLY A 1 135 ? 1.841   -13.668 7.241   1.00 72.08 ? 88  GLY M CA   1 
ATOM   1267 C  C    . GLY A 1 135 ? 3.324   -13.413 7.394   1.00 72.08 ? 88  GLY M C    1 
ATOM   1268 O  O    . GLY A 1 135 ? 3.884   -13.703 8.456   1.00 72.08 ? 88  GLY M O    1 
ATOM   1269 H  H    . GLY A 1 135 ? 0.923   -13.292 5.542   1.00 72.08 ? 88  GLY M H    1 
ATOM   1270 H  HA2  . GLY A 1 135 ? 1.414   -13.495 8.095   1.00 72.08 ? 88  GLY M HA2  1 
ATOM   1271 H  HA3  . GLY A 1 135 ? 1.716   -14.604 7.022   1.00 72.08 ? 88  GLY M HA3  1 
ATOM   1272 N  N    . ALA A 1 136 ? 3.972   -12.878 6.362   1.00 70.18 ? 89  ALA M N    1 
ATOM   1273 C  CA   . ALA A 1 136 ? 5.394   -12.568 6.421   1.00 70.18 ? 89  ALA M CA   1 
ATOM   1274 C  C    . ALA A 1 136 ? 5.668   -11.168 6.950   1.00 70.18 ? 89  ALA M C    1 
ATOM   1275 O  O    . ALA A 1 136 ? 6.831   -10.756 7.000   1.00 70.18 ? 89  ALA M O    1 
ATOM   1276 C  CB   . ALA A 1 136 ? 6.024   -12.721 5.034   1.00 70.18 ? 89  ALA M CB   1 
ATOM   1277 H  H    . ALA A 1 136 ? 3.605   -12.685 5.609   1.00 70.18 ? 89  ALA M H    1 
ATOM   1278 H  HA   . ALA A 1 136 ? 5.829   -13.200 7.015   1.00 70.18 ? 89  ALA M HA   1 
ATOM   1279 H  HB1  . ALA A 1 136 ? 6.957   -12.459 5.081   1.00 70.18 ? 89  ALA M HB1  1 
ATOM   1280 H  HB2  . ALA A 1 136 ? 5.955   -13.648 4.757   1.00 70.18 ? 89  ALA M HB2  1 
ATOM   1281 H  HB3  . ALA A 1 136 ? 5.551   -12.152 4.407   1.00 70.18 ? 89  ALA M HB3  1 
ATOM   1282 N  N    . GLY A 1 137 ? 4.634   -10.430 7.341   1.00 66.72 ? 90  GLY M N    1 
ATOM   1283 C  CA   . GLY A 1 137 ? 4.807   -9.097  7.874   1.00 66.72 ? 90  GLY M CA   1 
ATOM   1284 C  C    . GLY A 1 137 ? 4.855   -8.000  6.837   1.00 66.72 ? 90  GLY M C    1 
ATOM   1285 O  O    . GLY A 1 137 ? 5.301   -6.891  7.153   1.00 66.72 ? 90  GLY M O    1 
ATOM   1286 H  H    . GLY A 1 137 ? 3.813   -10.686 7.306   1.00 66.72 ? 90  GLY M H    1 
ATOM   1287 H  HA2  . GLY A 1 137 ? 4.075   -8.902  8.480   1.00 66.72 ? 90  GLY M HA2  1 
ATOM   1288 H  HA3  . GLY A 1 137 ? 5.634   -9.064  8.381   1.00 66.72 ? 90  GLY M HA3  1 
ATOM   1289 N  N    . MET A 1 138 ? 4.411   -8.270  5.610   1.00 71.82 ? 91  MET M N    1 
ATOM   1290 C  CA   . MET A 1 138 ? 4.381   -7.258  4.556   1.00 71.82 ? 91  MET M CA   1 
ATOM   1291 C  C    . MET A 1 138 ? 3.155   -6.376  4.776   1.00 71.82 ? 91  MET M C    1 
ATOM   1292 O  O    . MET A 1 138 ? 2.103   -6.540  4.155   1.00 71.82 ? 91  MET M O    1 
ATOM   1293 C  CB   . MET A 1 138 ? 4.364   -7.910  3.179   1.00 71.82 ? 91  MET M CB   1 
ATOM   1294 C  CG   . MET A 1 138 ? 4.458   -6.913  2.036   1.00 71.82 ? 91  MET M CG   1 
ATOM   1295 S  SD   . MET A 1 138 ? 4.528   -7.679  0.406   1.00 71.82 ? 91  MET M SD   1 
ATOM   1296 C  CE   . MET A 1 138 ? 4.791   -6.231  -0.613  1.00 71.82 ? 91  MET M CE   1 
ATOM   1297 H  H    . MET A 1 138 ? 4.118   -9.039  5.361   1.00 71.82 ? 91  MET M H    1 
ATOM   1298 H  HA   . MET A 1 138 ? 5.180   -6.712  4.619   1.00 71.82 ? 91  MET M HA   1 
ATOM   1299 H  HB2  . MET A 1 138 ? 5.120   -8.515  3.109   1.00 71.82 ? 91  MET M HB2  1 
ATOM   1300 H  HB3  . MET A 1 138 ? 3.535   -8.402  3.076   1.00 71.82 ? 91  MET M HB3  1 
ATOM   1301 H  HG2  . MET A 1 138 ? 3.677   -6.337  2.058   1.00 71.82 ? 91  MET M HG2  1 
ATOM   1302 H  HG3  . MET A 1 138 ? 5.261   -6.381  2.149   1.00 71.82 ? 91  MET M HG3  1 
ATOM   1303 H  HE1  . MET A 1 138 ? 5.009   -6.511  -1.514  1.00 71.82 ? 91  MET M HE1  1 
ATOM   1304 H  HE2  . MET A 1 138 ? 3.981   -5.698  -0.619  1.00 71.82 ? 91  MET M HE2  1 
ATOM   1305 H  HE3  . MET A 1 138 ? 5.525   -5.715  -0.242  1.00 71.82 ? 91  MET M HE3  1 
ATOM   1306 N  N    . VAL A 1 139 ? 3.302   -5.418  5.691   1.00 74.10 ? 92  VAL M N    1 
ATOM   1307 C  CA   . VAL A 1 139 ? 2.254   -4.457  5.997   1.00 74.10 ? 92  VAL M CA   1 
ATOM   1308 C  C    . VAL A 1 139 ? 2.861   -3.060  5.977   1.00 74.10 ? 92  VAL M C    1 
ATOM   1309 O  O    . VAL A 1 139 ? 4.073   -2.885  5.861   1.00 74.10 ? 92  VAL M O    1 
ATOM   1310 C  CB   . VAL A 1 139 ? 1.580   -4.738  7.356   1.00 74.10 ? 92  VAL M CB   1 
ATOM   1311 C  CG1  . VAL A 1 139 ? 1.102   -6.179  7.421   1.00 74.10 ? 92  VAL M CG1  1 
ATOM   1312 C  CG2  . VAL A 1 139 ? 2.536   -4.436  8.501   1.00 74.10 ? 92  VAL M CG2  1 
ATOM   1313 H  H    . VAL A 1 139 ? 4.017   -5.306  6.157   1.00 74.10 ? 92  VAL M H    1 
ATOM   1314 H  HA   . VAL A 1 139 ? 1.575   -4.496  5.309   1.00 74.10 ? 92  VAL M HA   1 
ATOM   1315 H  HB   . VAL A 1 139 ? 0.807   -4.160  7.451   1.00 74.10 ? 92  VAL M HB   1 
ATOM   1316 H  HG11 . VAL A 1 139 ? 0.468   -6.270  8.150   1.00 74.10 ? 92  VAL M HG11 1 
ATOM   1317 H  HG12 . VAL A 1 139 ? 0.678   -6.409  6.581   1.00 74.10 ? 92  VAL M HG12 1 
ATOM   1318 H  HG13 . VAL A 1 139 ? 1.866   -6.758  7.572   1.00 74.10 ? 92  VAL M HG13 1 
ATOM   1319 H  HG21 . VAL A 1 139 ? 2.194   -4.845  9.312   1.00 74.10 ? 92  VAL M HG21 1 
ATOM   1320 H  HG22 . VAL A 1 139 ? 3.408   -4.804  8.289   1.00 74.10 ? 92  VAL M HG22 1 
ATOM   1321 H  HG23 . VAL A 1 139 ? 2.601   -3.475  8.618   1.00 74.10 ? 92  VAL M HG23 1 
ATOM   1322 N  N    . GLY A 1 140 ? 1.992   -2.060  6.087   1.00 71.50 ? 93  GLY M N    1 
ATOM   1323 C  CA   . GLY A 1 140 ? 2.430   -0.677  6.082   1.00 71.50 ? 93  GLY M CA   1 
ATOM   1324 C  C    . GLY A 1 140 ? 1.366   0.228   6.655   1.00 71.50 ? 93  GLY M C    1 
ATOM   1325 O  O    . GLY A 1 140 ? 0.231   -0.183  6.917   1.00 71.50 ? 93  GLY M O    1 
ATOM   1326 H  H    . GLY A 1 140 ? 1.140   -2.160  6.166   1.00 71.50 ? 93  GLY M H    1 
ATOM   1327 H  HA2  . GLY A 1 140 ? 3.237   -0.587  6.612   1.00 71.50 ? 93  GLY M HA2  1 
ATOM   1328 H  HA3  . GLY A 1 140 ? 2.621   -0.398  5.172   1.00 71.50 ? 93  GLY M HA3  1 
ATOM   1329 N  N    . LYS A 1 141 ? 1.747   1.493   6.819   1.00 75.56 ? 94  LYS M N    1 
ATOM   1330 C  CA   . LYS A 1 141 ? 0.829   2.509   7.313   1.00 75.56 ? 94  LYS M CA   1 
ATOM   1331 C  C    . LYS A 1 141 ? 1.175   3.833   6.653   1.00 75.56 ? 94  LYS M C    1 
ATOM   1332 O  O    . LYS A 1 141 ? 2.347   4.222   6.612   1.00 75.56 ? 94  LYS M O    1 
ATOM   1333 C  CB   . LYS A 1 141 ? 0.913   2.627   8.839   1.00 75.56 ? 94  LYS M CB   1 
ATOM   1334 C  CG   . LYS A 1 141 ? -0.084  3.600   9.446   1.00 75.56 ? 94  LYS M CG   1 
ATOM   1335 C  CD   . LYS A 1 141 ? -0.061  3.547   10.969  1.00 75.56 ? 94  LYS M CD   1 
ATOM   1336 C  CE   . LYS A 1 141 ? 1.274   4.005   11.541  1.00 75.56 ? 94  LYS M CE   1 
ATOM   1337 N  NZ   . LYS A 1 141 ? 1.626   5.389   11.120  1.00 75.56 ? 94  LYS M NZ   1 
ATOM   1338 H  H    . LYS A 1 141 ? 2.537   1.788   6.649   1.00 75.56 ? 94  LYS M H    1 
ATOM   1339 H  HA   . LYS A 1 141 ? -0.074  2.265   7.072   1.00 75.56 ? 94  LYS M HA   1 
ATOM   1340 H  HB2  . LYS A 1 141 ? 0.749   1.754   9.228   1.00 75.56 ? 94  LYS M HB2  1 
ATOM   1341 H  HB3  . LYS A 1 141 ? 1.804   2.928   9.073   1.00 75.56 ? 94  LYS M HB3  1 
ATOM   1342 H  HG2  . LYS A 1 141 ? 0.139   4.503   9.169   1.00 75.56 ? 94  LYS M HG2  1 
ATOM   1343 H  HG3  . LYS A 1 141 ? -0.977  3.369   9.148   1.00 75.56 ? 94  LYS M HG3  1 
ATOM   1344 H  HD2  . LYS A 1 141 ? -0.754  4.126   11.320  1.00 75.56 ? 94  LYS M HD2  1 
ATOM   1345 H  HD3  . LYS A 1 141 ? -0.215  2.633   11.257  1.00 75.56 ? 94  LYS M HD3  1 
ATOM   1346 H  HE2  . LYS A 1 141 ? 1.222   3.991   12.509  1.00 75.56 ? 94  LYS M HE2  1 
ATOM   1347 H  HE3  . LYS A 1 141 ? 1.976   3.408   11.239  1.00 75.56 ? 94  LYS M HE3  1 
ATOM   1348 H  HZ1  . LYS A 1 141 ? 2.382   5.643   11.513  1.00 75.56 ? 94  LYS M HZ1  1 
ATOM   1349 H  HZ2  . LYS A 1 141 ? 1.734   5.421   10.238  1.00 75.56 ? 94  LYS M HZ2  1 
ATOM   1350 H  HZ3  . LYS A 1 141 ? 0.977   5.952   11.353  1.00 75.56 ? 94  LYS M HZ3  1 
ATOM   1351 N  N    . ILE A 1 142 ? 0.155   4.518   6.144   1.00 75.82 ? 95  ILE M N    1 
ATOM   1352 C  CA   . ILE A 1 142 ? 0.320   5.792   5.448   1.00 75.82 ? 95  ILE M CA   1 
ATOM   1353 C  C    . ILE A 1 142 ? -0.379  6.871   6.263   1.00 75.82 ? 95  ILE M C    1 
ATOM   1354 O  O    . ILE A 1 142 ? -1.611  6.882   6.361   1.00 75.82 ? 95  ILE M O    1 
ATOM   1355 C  CB   . ILE A 1 142 ? -0.233  5.741   4.016   1.00 75.82 ? 95  ILE M CB   1 
ATOM   1356 C  CG1  . ILE A 1 142 ? 0.656   4.853   3.142   1.00 75.82 ? 95  ILE M CG1  1 
ATOM   1357 C  CG2  . ILE A 1 142 ? -0.324  7.144   3.432   1.00 75.82 ? 95  ILE M CG2  1 
ATOM   1358 C  CD1  . ILE A 1 142 ? 0.001   4.407   1.852   1.00 75.82 ? 95  ILE M CD1  1 
ATOM   1359 H  H    . ILE A 1 142 ? -0.663  4.259   6.192   1.00 75.82 ? 95  ILE M H    1 
ATOM   1360 H  HA   . ILE A 1 142 ? 1.262   6.011   5.397   1.00 75.82 ? 95  ILE M HA   1 
ATOM   1361 H  HB   . ILE A 1 142 ? -1.123  5.357   4.042   1.00 75.82 ? 95  ILE M HB   1 
ATOM   1362 H  HG12 . ILE A 1 142 ? 1.457   5.350   2.910   1.00 75.82 ? 95  ILE M HG12 1 
ATOM   1363 H  HG13 . ILE A 1 142 ? 0.898   4.061   3.644   1.00 75.82 ? 95  ILE M HG13 1 
ATOM   1364 H  HG21 . ILE A 1 142 ? -0.381  7.082   2.466   1.00 75.82 ? 95  ILE M HG21 1 
ATOM   1365 H  HG22 . ILE A 1 142 ? -1.116  7.582   3.780   1.00 75.82 ? 95  ILE M HG22 1 
ATOM   1366 H  HG23 . ILE A 1 142 ? 0.470   7.641   3.683   1.00 75.82 ? 95  ILE M HG23 1 
ATOM   1367 H  HD11 . ILE A 1 142 ? 0.618   3.836   1.368   1.00 75.82 ? 95  ILE M HD11 1 
ATOM   1368 H  HD12 . ILE A 1 142 ? -0.807  3.917   2.063   1.00 75.82 ? 95  ILE M HD12 1 
ATOM   1369 H  HD13 . ILE A 1 142 ? -0.215  5.187   1.319   1.00 75.82 ? 95  ILE M HD13 1 
ATOM   1370 N  N    . ILE A 1 143 ? 0.402   7.768   6.857   1.00 74.54 ? 96  ILE M N    1 
ATOM   1371 C  CA   . ILE A 1 143 ? -0.143  8.907   7.593   1.00 74.54 ? 96  ILE M CA   1 
ATOM   1372 C  C    . ILE A 1 143 ? -0.453  10.013  6.588   1.00 74.54 ? 96  ILE M C    1 
ATOM   1373 O  O    . ILE A 1 143 ? 0.461   10.575  5.979   1.00 74.54 ? 96  ILE M O    1 
ATOM   1374 C  CB   . ILE A 1 143 ? 0.831   9.397   8.670   1.00 74.54 ? 96  ILE M CB   1 
ATOM   1375 C  CG1  . ILE A 1 143 ? 1.337   8.219   9.509   1.00 74.54 ? 96  ILE M CG1  1 
ATOM   1376 C  CG2  . ILE A 1 143 ? 0.156   10.433  9.562   1.00 74.54 ? 96  ILE M CG2  1 
ATOM   1377 C  CD1  . ILE A 1 143 ? 2.320   8.614   10.593  1.00 74.54 ? 96  ILE M CD1  1 
ATOM   1378 H  H    . ILE A 1 143 ? 1.261   7.740   6.848   1.00 74.54 ? 96  ILE M H    1 
ATOM   1379 H  HA   . ILE A 1 143 ? -0.970  8.645   8.025   1.00 74.54 ? 96  ILE M HA   1 
ATOM   1380 H  HB   . ILE A 1 143 ? 1.591   9.813   8.234   1.00 74.54 ? 96  ILE M HB   1 
ATOM   1381 H  HG12 . ILE A 1 143 ? 0.580   7.792   9.937   1.00 74.54 ? 96  ILE M HG12 1 
ATOM   1382 H  HG13 . ILE A 1 143 ? 1.787   7.587   8.929   1.00 74.54 ? 96  ILE M HG13 1 
ATOM   1383 H  HG21 . ILE A 1 143 ? 0.815   10.813  10.163  1.00 74.54 ? 96  ILE M HG21 1 
ATOM   1384 H  HG22 . ILE A 1 143 ? -0.221  11.133  9.007   1.00 74.54 ? 96  ILE M HG22 1 
ATOM   1385 H  HG23 . ILE A 1 143 ? -0.547  10.001  10.071  1.00 74.54 ? 96  ILE M HG23 1 
ATOM   1386 H  HD11 . ILE A 1 143 ? 2.720   7.811   10.962  1.00 74.54 ? 96  ILE M HD11 1 
ATOM   1387 H  HD12 . ILE A 1 143 ? 3.007   9.177   10.204  1.00 74.54 ? 96  ILE M HD12 1 
ATOM   1388 H  HD13 . ILE A 1 143 ? 1.848   9.098   11.288  1.00 74.54 ? 96  ILE M HD13 1 
ATOM   1389 N  N    . VAL A 1 144 ? -1.735  10.332  6.409   1.00 74.59 ? 97  VAL M N    1 
ATOM   1390 C  CA   . VAL A 1 144 ? -2.149  11.421  5.531   1.00 74.59 ? 97  VAL M CA   1 
ATOM   1391 C  C    . VAL A 1 144 ? -2.469  12.634  6.391   1.00 74.59 ? 97  VAL M C    1 
ATOM   1392 O  O    . VAL A 1 144 ? -3.258  12.543  7.339   1.00 74.59 ? 97  VAL M O    1 
ATOM   1393 C  CB   . VAL A 1 144 ? -3.358  11.019  4.671   1.00 74.59 ? 97  VAL M CB   1 
ATOM   1394 C  CG1  . VAL A 1 144 ? -3.870  12.215  3.880   1.00 74.59 ? 97  VAL M CG1  1 
ATOM   1395 C  CG2  . VAL A 1 144 ? -2.982  9.883   3.738   1.00 74.59 ? 97  VAL M CG2  1 
ATOM   1396 H  H    . VAL A 1 144 ? -2.390  9.926   6.790   1.00 74.59 ? 97  VAL M H    1 
ATOM   1397 H  HA   . VAL A 1 144 ? -1.418  11.653  4.936   1.00 74.59 ? 97  VAL M HA   1 
ATOM   1398 H  HB   . VAL A 1 144 ? -4.072  10.712  5.251   1.00 74.59 ? 97  VAL M HB   1 
ATOM   1399 H  HG11 . VAL A 1 144 ? -4.459  11.897  3.177   1.00 74.59 ? 97  VAL M HG11 1 
ATOM   1400 H  HG12 . VAL A 1 144 ? -4.357  12.806  4.475   1.00 74.59 ? 97  VAL M HG12 1 
ATOM   1401 H  HG13 . VAL A 1 144 ? -3.115  12.682  3.490   1.00 74.59 ? 97  VAL M HG13 1 
ATOM   1402 H  HG21 . VAL A 1 144 ? -3.737  9.683   3.163   1.00 74.59 ? 97  VAL M HG21 1 
ATOM   1403 H  HG22 . VAL A 1 144 ? -2.222  10.157  3.203   1.00 74.59 ? 97  VAL M HG22 1 
ATOM   1404 H  HG23 . VAL A 1 144 ? -2.751  9.103   4.266   1.00 74.59 ? 97  VAL M HG23 1 
ATOM   1405 N  N    . GLN A 1 145 ? -1.853  13.766  6.067   1.00 72.89 ? 98  GLN M N    1 
ATOM   1406 C  CA   . GLN A 1 145 ? -2.051  14.993  6.831   1.00 72.89 ? 98  GLN M CA   1 
ATOM   1407 C  C    . GLN A 1 145 ? -2.633  16.092  5.951   1.00 72.89 ? 98  GLN M C    1 
ATOM   1408 O  O    . GLN A 1 145 ? -2.374  16.146  4.750   1.00 72.89 ? 98  GLN M O    1 
ATOM   1409 C  CB   . GLN A 1 145 ? -0.729  15.454  7.448   1.00 72.89 ? 98  GLN M CB   1 
ATOM   1410 C  CG   . GLN A 1 145 ? -0.090  14.425  8.366   1.00 72.89 ? 98  GLN M CG   1 
ATOM   1411 C  CD   . GLN A 1 145 ? 1.237   14.890  8.929   1.00 72.89 ? 98  GLN M CD   1 
ATOM   1412 O  OE1  . GLN A 1 145 ? 1.680   16.007  8.663   1.00 72.89 ? 98  GLN M OE1  1 
ATOM   1413 N  NE2  . GLN A 1 145 ? 1.879   14.032  9.712   1.00 72.89 ? 98  GLN M NE2  1 
ATOM   1414 O  OXT  . GLN A 1 145 ? -3.376  16.954  6.422   1.00 72.89 ? 98  GLN M OXT  1 
ATOM   1415 H  H    . GLN A 1 145 ? -1.312  13.851  5.404   1.00 72.89 ? 98  GLN M H    1 
ATOM   1416 H  HA   . GLN A 1 145 ? -2.676  14.825  7.554   1.00 72.89 ? 98  GLN M HA   1 
ATOM   1417 H  HB2  . GLN A 1 145 ? -0.101  15.646  6.734   1.00 72.89 ? 98  GLN M HB2  1 
ATOM   1418 H  HB3  . GLN A 1 145 ? -0.890  16.256  7.968   1.00 72.89 ? 98  GLN M HB3  1 
ATOM   1419 H  HG2  . GLN A 1 145 ? -0.687  14.249  9.109   1.00 72.89 ? 98  GLN M HG2  1 
ATOM   1420 H  HG3  . GLN A 1 145 ? 0.066   13.608  7.866   1.00 72.89 ? 98  GLN M HG3  1 
ATOM   1421 H  HE21 . GLN A 1 145 ? 1.538   13.259  9.875   1.00 72.89 ? 98  GLN M HE21 1 
ATOM   1422 H  HE22 . GLN A 1 145 ? 2.637   14.248  10.057  1.00 72.89 ? 98  GLN M HE22 1 
HETATM 1423 CU CU   . CU  B 2 .   ? 3.566   -8.818  -1.350  1.00 82.68 ? 101 CU  M CU   1 
# 
